data_3ME3
#
_entry.id   3ME3
#
_cell.length_a   80.882
_cell.length_b   152.564
_cell.length_c   93.036
_cell.angle_alpha   90.000
_cell.angle_beta   103.170
_cell.angle_gamma   90.000
#
_symmetry.space_group_name_H-M   'P 1 21 1'
#
loop_
_entity.id
_entity.type
_entity.pdbx_description
1 polymer 'Pyruvate kinase isozymes M1/M2'
2 non-polymer 3-{[4-(2,3-dihydro-1,4-benzodioxin-6-ylsulfonyl)-1,4-diazepan-1-yl]sulfonyl}aniline
3 non-polymer 1,6-di-O-phosphono-beta-D-fructofuranose
4 non-polymer 'SULFATE ION'
5 non-polymer 'UNKNOWN ATOM OR ION'
6 water water
#
_entity_poly.entity_id   1
_entity_poly.type   'polypeptide(L)'
_entity_poly.pdbx_seq_one_letter_code
;MGSSHHHHHHSSGLVPRGSMSKPHSEAGTAFIQTQQLHAAMADTFLEHMCRLDIDSPPITARNTGIICTIGPASRSVETL
KEMIKSGMNVARLNFSHGTHEYHAETIKNVRTATESFASDPILYRPVAVALDTKGPEIRTGLIKGSGTAEVELKKGATLK
ITLDNAYMEKCDENILWLDYKNICKVVEVGSKIYVDDGLISLQVKQKGADFLVTEVENGGSLGSKKGVNLPGAAVDLPAV
SEKDIQDLKFGVEQDVDMVFASFIRKASDVHEVRKVLGEKGKNIKIISKIENHEGVRRFDEILEASDGIMVARGDLGIEI
PAEKVFLAQKMMIGRCNRAGKPVICATQMLESMIKKPRPTRAEGSDVANAVLDGADCIMLSGETAKGDYPLEAVRMQHLI
AREAEAAIYHLQLFEELRRLAPITSDPTEATAVGAVEASFKCCSGAIIVLTKSGRSAHQVARYRPRAPIIAVTRNPQTAR
QAHLYRGIFPVLCKDPVQEAWAEDVDLRVNFAMNVGKARGFFKKGDVVIVLTGWRPGSGFTNTMRVVPVP
;
_entity_poly.pdbx_strand_id   A,B,C,D
#
# COMPACT_ATOMS: atom_id res chain seq x y z
N GLN A 33 -15.64 18.19 -5.58
CA GLN A 33 -16.78 18.50 -6.50
C GLN A 33 -16.35 18.79 -7.95
N THR A 34 -15.08 19.10 -8.16
CA THR A 34 -14.55 19.39 -9.49
C THR A 34 -13.29 18.57 -9.69
N GLN A 35 -12.87 18.40 -10.95
CA GLN A 35 -11.59 17.76 -11.28
C GLN A 35 -11.46 16.34 -10.68
N GLN A 36 -12.60 15.69 -10.46
CA GLN A 36 -12.64 14.37 -9.80
C GLN A 36 -11.83 14.33 -8.49
N LEU A 37 -11.85 15.42 -7.74
CA LEU A 37 -11.15 15.48 -6.44
C LEU A 37 -11.71 14.51 -5.39
N HIS A 38 -12.99 14.15 -5.48
CA HIS A 38 -13.54 13.15 -4.55
C HIS A 38 -12.95 11.77 -4.85
N ALA A 39 -12.91 11.42 -6.15
CA ALA A 39 -12.18 10.21 -6.57
C ALA A 39 -10.69 10.28 -6.24
N ALA A 40 -10.09 11.47 -6.34
CA ALA A 40 -8.64 11.63 -6.09
C ALA A 40 -8.24 11.15 -4.69
N MET A 41 -9.17 11.28 -3.75
CA MET A 41 -8.87 11.03 -2.34
C MET A 41 -9.15 9.61 -1.85
N ALA A 42 -9.63 8.71 -2.71
CA ALA A 42 -9.86 7.31 -2.35
C ALA A 42 -8.57 6.63 -1.95
N ASP A 43 -8.67 5.73 -0.95
CA ASP A 43 -7.54 4.94 -0.45
C ASP A 43 -7.26 3.68 -1.27
N THR A 44 -8.15 3.33 -2.20
CA THR A 44 -7.94 2.20 -3.11
C THR A 44 -8.33 2.62 -4.54
N PHE A 45 -7.78 1.94 -5.53
CA PHE A 45 -8.17 2.19 -6.91
C PHE A 45 -9.62 1.79 -7.20
N LEU A 46 -10.08 0.68 -6.64
CA LEU A 46 -11.50 0.35 -6.77
C LEU A 46 -12.39 1.48 -6.28
N GLU A 47 -12.11 2.02 -5.10
CA GLU A 47 -12.90 3.14 -4.59
C GLU A 47 -12.71 4.42 -5.46
N HIS A 48 -11.48 4.68 -5.89
CA HIS A 48 -11.23 5.68 -6.92
C HIS A 48 -12.21 5.52 -8.10
N MET A 49 -12.29 4.31 -8.70
CA MET A 49 -13.20 4.07 -9.84
C MET A 49 -14.66 4.37 -9.48
N CYS A 50 -15.08 3.86 -8.32
CA CYS A 50 -16.46 4.03 -7.85
C CYS A 50 -16.89 5.49 -7.67
N ARG A 51 -15.91 6.36 -7.43
CA ARG A 51 -16.17 7.77 -7.20
C ARG A 51 -16.08 8.65 -8.47
N LEU A 52 -15.73 8.04 -9.61
CA LEU A 52 -15.62 8.80 -10.87
C LEU A 52 -16.96 9.37 -11.21
N ASP A 53 -17.00 10.68 -11.46
CA ASP A 53 -18.25 11.44 -11.43
C ASP A 53 -18.45 12.28 -12.68
N ILE A 54 -19.46 11.94 -13.47
CA ILE A 54 -19.75 12.66 -14.71
C ILE A 54 -20.20 14.11 -14.45
N ASP A 55 -20.53 14.40 -13.19
CA ASP A 55 -20.97 15.73 -12.77
C ASP A 55 -19.86 16.49 -12.10
N SER A 56 -18.63 15.94 -12.12
CA SER A 56 -17.46 16.65 -11.63
C SER A 56 -16.64 17.18 -12.82
N PRO A 57 -16.85 18.46 -13.19
CA PRO A 57 -16.17 19.01 -14.37
C PRO A 57 -14.68 19.28 -14.17
N PRO A 58 -13.92 19.09 -15.24
CA PRO A 58 -12.48 19.33 -15.21
C PRO A 58 -12.12 20.80 -15.15
N ILE A 59 -10.85 21.07 -14.84
CA ILE A 59 -10.24 22.40 -14.91
C ILE A 59 -10.06 22.81 -16.39
N THR A 60 -9.44 23.95 -16.64
CA THR A 60 -9.33 24.44 -18.01
C THR A 60 -8.21 23.74 -18.77
N ALA A 61 -7.12 23.48 -18.07
CA ALA A 61 -5.86 23.09 -18.71
C ALA A 61 -5.96 21.64 -19.19
N ARG A 62 -5.58 21.41 -20.45
CA ARG A 62 -5.43 20.07 -20.98
C ARG A 62 -3.94 19.79 -21.11
N ASN A 63 -3.48 18.66 -20.55
CA ASN A 63 -2.06 18.37 -20.35
C ASN A 63 -1.45 17.52 -21.49
N THR A 64 -2.26 16.66 -22.07
CA THR A 64 -1.81 15.72 -23.08
C THR A 64 -1.75 16.43 -24.42
N GLY A 65 -0.58 16.40 -25.04
CA GLY A 65 -0.37 17.03 -26.34
C GLY A 65 -1.11 16.30 -27.46
N ILE A 66 -1.58 17.07 -28.41
CA ILE A 66 -2.33 16.54 -29.58
C ILE A 66 -1.54 16.80 -30.84
N ILE A 67 -1.20 15.70 -31.52
CA ILE A 67 -0.42 15.70 -32.76
C ILE A 67 -1.42 15.44 -33.92
N CYS A 68 -1.49 16.36 -34.89
CA CYS A 68 -2.40 16.23 -36.04
C CYS A 68 -1.61 16.09 -37.30
N THR A 69 -1.92 15.03 -38.05
CA THR A 69 -1.36 14.84 -39.37
C THR A 69 -2.02 15.84 -40.34
N ILE A 70 -1.17 16.59 -41.06
CA ILE A 70 -1.67 17.59 -42.02
C ILE A 70 -1.78 17.00 -43.44
N GLY A 71 -2.85 17.34 -44.14
CA GLY A 71 -3.10 16.83 -45.49
C GLY A 71 -4.14 17.72 -46.15
N PRO A 72 -4.80 17.23 -47.20
CA PRO A 72 -5.73 18.07 -47.95
C PRO A 72 -6.88 18.68 -47.16
N ALA A 73 -7.33 18.03 -46.07
CA ALA A 73 -8.44 18.60 -45.33
C ALA A 73 -7.99 19.66 -44.34
N SER A 74 -6.68 19.79 -44.11
CA SER A 74 -6.18 20.62 -43.03
C SER A 74 -4.97 21.48 -43.37
N ARG A 75 -4.55 21.54 -44.62
CA ARG A 75 -3.32 22.30 -44.91
C ARG A 75 -3.48 23.80 -45.23
N SER A 76 -4.71 24.26 -45.45
CA SER A 76 -4.94 25.68 -45.65
C SER A 76 -4.61 26.49 -44.41
N VAL A 77 -4.04 27.67 -44.62
CA VAL A 77 -3.80 28.61 -43.51
C VAL A 77 -5.05 28.78 -42.68
N GLU A 78 -6.19 28.93 -43.35
CA GLU A 78 -7.48 29.13 -42.70
C GLU A 78 -7.84 28.00 -41.73
N THR A 79 -7.75 26.77 -42.20
CA THR A 79 -8.12 25.64 -41.37
C THR A 79 -7.11 25.46 -40.25
N LEU A 80 -5.84 25.73 -40.55
CA LEU A 80 -4.73 25.54 -39.58
C LEU A 80 -4.89 26.48 -38.40
N LYS A 81 -5.32 27.70 -38.64
CA LYS A 81 -5.62 28.60 -37.55
C LYS A 81 -6.69 27.99 -36.65
N GLU A 82 -7.68 27.32 -37.23
CA GLU A 82 -8.75 26.75 -36.44
C GLU A 82 -8.26 25.46 -35.72
N MET A 83 -7.36 24.73 -36.38
CA MET A 83 -6.72 23.58 -35.76
C MET A 83 -6.02 24.01 -34.47
N ILE A 84 -5.22 25.06 -34.56
CA ILE A 84 -4.52 25.63 -33.42
C ILE A 84 -5.48 26.10 -32.33
N LYS A 85 -6.49 26.88 -32.69
CA LYS A 85 -7.52 27.29 -31.74
C LYS A 85 -8.22 26.08 -31.10
N SER A 86 -8.36 24.98 -31.86
CA SER A 86 -9.04 23.77 -31.39
C SER A 86 -8.16 22.86 -30.51
N GLY A 87 -6.85 23.11 -30.49
CA GLY A 87 -5.93 22.44 -29.57
C GLY A 87 -4.74 21.73 -30.21
N MET A 88 -4.54 21.84 -31.52
CA MET A 88 -3.36 21.23 -32.14
C MET A 88 -2.05 21.79 -31.57
N ASN A 89 -1.18 20.91 -31.08
CA ASN A 89 0.16 21.31 -30.58
C ASN A 89 1.30 20.95 -31.53
N VAL A 90 1.13 19.86 -32.30
CA VAL A 90 2.15 19.42 -33.23
C VAL A 90 1.53 19.12 -34.58
N ALA A 91 2.18 19.60 -35.62
CA ALA A 91 1.80 19.27 -36.97
C ALA A 91 2.71 18.21 -37.48
N ARG A 92 2.12 17.06 -37.82
CA ARG A 92 2.82 15.92 -38.41
C ARG A 92 2.71 15.92 -39.93
N LEU A 93 3.84 15.78 -40.63
CA LEU A 93 3.86 15.59 -42.07
C LEU A 93 4.28 14.19 -42.40
N ASN A 94 3.40 13.46 -43.06
CA ASN A 94 3.64 12.11 -43.45
C ASN A 94 4.41 12.04 -44.77
N PHE A 95 5.68 11.68 -44.70
CA PHE A 95 6.51 11.63 -45.91
C PHE A 95 6.39 10.31 -46.71
N SER A 96 5.45 9.43 -46.32
CA SER A 96 5.05 8.30 -47.19
C SER A 96 4.39 8.82 -48.48
N HIS A 97 3.91 10.03 -48.46
CA HIS A 97 3.33 10.67 -49.66
C HIS A 97 3.78 12.09 -49.82
N GLY A 98 3.61 12.59 -51.04
CA GLY A 98 3.75 14.01 -51.29
C GLY A 98 5.18 14.36 -51.63
N THR A 99 5.35 15.43 -52.41
CA THR A 99 6.68 15.89 -52.81
C THR A 99 7.22 16.84 -51.76
N HIS A 100 8.51 17.18 -51.88
CA HIS A 100 9.13 18.23 -51.05
C HIS A 100 8.46 19.57 -51.25
N GLU A 101 8.11 19.89 -52.50
CA GLU A 101 7.39 21.13 -52.75
C GLU A 101 6.11 21.18 -51.95
N TYR A 102 5.37 20.08 -51.96
CA TYR A 102 4.08 20.02 -51.23
C TYR A 102 4.28 20.21 -49.72
N HIS A 103 5.22 19.46 -49.17
CA HIS A 103 5.54 19.57 -47.74
C HIS A 103 6.09 20.90 -47.33
N ALA A 104 6.90 21.51 -48.21
CA ALA A 104 7.39 22.87 -47.94
C ALA A 104 6.24 23.85 -47.85
N GLU A 105 5.25 23.72 -48.72
CA GLU A 105 4.10 24.62 -48.66
C GLU A 105 3.22 24.34 -47.42
N THR A 106 3.03 23.08 -47.06
CA THR A 106 2.30 22.78 -45.81
C THR A 106 3.00 23.46 -44.63
N ILE A 107 4.32 23.29 -44.54
CA ILE A 107 5.13 23.86 -43.48
C ILE A 107 5.02 25.39 -43.45
N LYS A 108 5.18 26.02 -44.62
CA LYS A 108 4.96 27.45 -44.72
C LYS A 108 3.60 27.81 -44.18
N ASN A 109 2.58 27.07 -44.58
CA ASN A 109 1.22 27.41 -44.11
C ASN A 109 1.06 27.26 -42.58
N VAL A 110 1.65 26.21 -41.98
CA VAL A 110 1.59 26.02 -40.51
C VAL A 110 2.23 27.18 -39.81
N ARG A 111 3.36 27.61 -40.36
CA ARG A 111 4.00 28.78 -39.79
C ARG A 111 3.22 30.06 -39.98
N THR A 112 2.56 30.24 -41.12
CA THR A 112 1.71 31.44 -41.28
C THR A 112 0.55 31.47 -40.26
N ALA A 113 -0.17 30.35 -40.16
CA ALA A 113 -1.22 30.21 -39.17
C ALA A 113 -0.71 30.44 -37.74
N THR A 114 0.42 29.84 -37.41
CA THR A 114 0.96 29.93 -36.06
C THR A 114 1.37 31.35 -35.73
N GLU A 115 2.15 32.01 -36.59
CA GLU A 115 2.52 33.41 -36.37
C GLU A 115 1.39 34.44 -36.50
N SER A 116 0.23 34.05 -37.07
CA SER A 116 -0.92 34.98 -37.07
C SER A 116 -1.32 35.40 -35.65
N PHE A 117 -0.96 34.57 -34.64
CA PHE A 117 -1.22 34.85 -33.20
C PHE A 117 -0.04 35.44 -32.42
N ALA A 118 1.07 35.70 -33.09
CA ALA A 118 2.30 36.14 -32.40
C ALA A 118 2.28 37.57 -31.86
N SER A 119 1.34 38.41 -32.29
CA SER A 119 1.35 39.82 -31.90
C SER A 119 1.18 40.04 -30.39
N ASP A 120 0.43 39.16 -29.72
CA ASP A 120 0.37 39.15 -28.26
C ASP A 120 1.05 37.87 -27.74
N PRO A 121 2.31 38.00 -27.28
CA PRO A 121 3.03 36.83 -26.79
C PRO A 121 2.30 36.09 -25.67
N ILE A 122 1.49 36.80 -24.89
CA ILE A 122 0.71 36.20 -23.81
C ILE A 122 -0.26 35.10 -24.31
N LEU A 123 -0.77 35.26 -25.52
CA LEU A 123 -1.76 34.32 -26.08
C LEU A 123 -1.22 33.46 -27.22
N TYR A 124 0.01 33.75 -27.67
CA TYR A 124 0.65 32.93 -28.66
C TYR A 124 0.80 31.50 -28.14
N ARG A 125 0.43 30.55 -28.99
CA ARG A 125 0.65 29.12 -28.74
C ARG A 125 1.73 28.57 -29.69
N PRO A 126 2.86 28.10 -29.14
CA PRO A 126 3.82 27.47 -30.03
C PRO A 126 3.23 26.23 -30.68
N VAL A 127 3.66 25.97 -31.91
CA VAL A 127 3.28 24.77 -32.68
C VAL A 127 4.52 24.09 -33.23
N ALA A 128 4.70 22.81 -32.90
CA ALA A 128 5.82 22.04 -33.42
C ALA A 128 5.53 21.48 -34.81
N VAL A 129 6.59 21.16 -35.52
CA VAL A 129 6.54 20.50 -36.84
C VAL A 129 7.26 19.17 -36.76
N ALA A 130 6.58 18.10 -37.13
CA ALA A 130 7.15 16.77 -37.08
C ALA A 130 7.21 16.17 -38.45
N LEU A 131 8.38 15.65 -38.80
CA LEU A 131 8.56 14.90 -40.03
C LEU A 131 8.46 13.42 -39.74
N ASP A 132 7.51 12.77 -40.40
CA ASP A 132 7.34 11.33 -40.21
C ASP A 132 7.84 10.64 -41.43
N THR A 133 8.91 9.86 -41.25
CA THR A 133 9.58 9.20 -42.36
C THR A 133 8.78 8.07 -43.03
N LYS A 134 9.06 7.88 -44.31
CA LYS A 134 8.47 6.72 -45.03
C LYS A 134 9.06 5.42 -44.49
N GLY A 135 10.39 5.37 -44.43
CA GLY A 135 11.04 4.21 -43.87
C GLY A 135 10.88 3.00 -44.74
N PRO A 136 11.19 1.83 -44.21
CA PRO A 136 11.13 0.63 -45.04
C PRO A 136 9.73 0.11 -45.39
N GLU A 137 9.00 0.80 -46.26
CA GLU A 137 7.66 0.37 -46.67
C GLU A 137 7.64 -0.49 -47.90
N ILE A 138 6.63 -1.35 -47.98
CA ILE A 138 6.28 -2.01 -49.22
C ILE A 138 4.95 -1.37 -49.68
N ARG A 139 4.91 -0.92 -50.93
CA ARG A 139 3.73 -0.28 -51.50
C ARG A 139 3.32 -0.98 -52.76
N THR A 140 2.02 -1.03 -53.02
CA THR A 140 1.48 -1.53 -54.28
C THR A 140 1.45 -0.41 -55.34
N GLY A 141 1.04 -0.76 -56.56
CA GLY A 141 1.08 0.16 -57.70
C GLY A 141 -0.26 0.83 -57.95
N LEU A 142 -0.41 1.48 -59.10
CA LEU A 142 -1.66 2.17 -59.44
C LEU A 142 -2.67 1.20 -60.04
N ILE A 143 -3.89 1.22 -59.50
CA ILE A 143 -5.00 0.48 -60.11
C ILE A 143 -5.35 1.12 -61.44
N LYS A 144 -5.13 0.37 -62.54
CA LYS A 144 -5.48 0.82 -63.89
C LYS A 144 -4.99 2.23 -64.21
N GLY A 145 -3.75 2.53 -63.82
CA GLY A 145 -3.14 3.82 -64.14
C GLY A 145 -3.61 5.02 -63.32
N SER A 146 -4.55 4.80 -62.39
CA SER A 146 -5.12 5.91 -61.59
C SER A 146 -4.85 5.78 -60.10
N GLY A 147 -4.45 6.90 -59.49
CA GLY A 147 -4.18 6.97 -58.06
C GLY A 147 -5.41 6.74 -57.19
N THR A 148 -6.59 6.92 -57.78
CA THR A 148 -7.85 6.82 -57.06
C THR A 148 -8.73 5.63 -57.44
N ALA A 149 -8.42 4.99 -58.58
CA ALA A 149 -9.21 3.86 -59.06
C ALA A 149 -9.17 2.71 -58.07
N GLU A 150 -10.21 1.88 -58.08
CA GLU A 150 -10.23 0.65 -57.28
C GLU A 150 -10.92 -0.46 -58.04
N VAL A 151 -10.65 -1.69 -57.61
CA VAL A 151 -11.34 -2.88 -58.11
C VAL A 151 -11.85 -3.68 -56.91
N GLU A 152 -13.13 -4.05 -56.92
CA GLU A 152 -13.67 -4.92 -55.88
C GLU A 152 -13.06 -6.32 -56.06
N LEU A 153 -12.71 -6.96 -54.94
CA LEU A 153 -12.16 -8.32 -54.94
C LEU A 153 -13.11 -9.29 -54.22
N LYS A 154 -13.64 -10.26 -54.97
CA LYS A 154 -14.47 -11.32 -54.40
C LYS A 154 -13.57 -12.31 -53.62
N LYS A 155 -14.04 -12.75 -52.46
CA LYS A 155 -13.29 -13.67 -51.59
C LYS A 155 -13.07 -15.04 -52.24
N GLY A 156 -11.92 -15.65 -51.99
CA GLY A 156 -11.58 -16.98 -52.52
C GLY A 156 -10.84 -16.98 -53.85
N ALA A 157 -10.97 -15.88 -54.62
CA ALA A 157 -10.41 -15.78 -55.99
C ALA A 157 -8.89 -15.77 -56.05
N THR A 158 -8.35 -15.71 -57.28
CA THR A 158 -6.89 -15.81 -57.48
C THR A 158 -6.28 -14.45 -57.83
N LEU A 159 -5.00 -14.26 -57.50
CA LEU A 159 -4.33 -12.97 -57.75
C LEU A 159 -2.81 -13.14 -57.88
N LYS A 160 -2.26 -12.59 -58.95
CA LYS A 160 -0.81 -12.63 -59.18
C LYS A 160 -0.17 -11.35 -58.66
N ILE A 161 0.88 -11.49 -57.86
CA ILE A 161 1.74 -10.37 -57.48
C ILE A 161 2.94 -10.41 -58.43
N THR A 162 3.37 -9.24 -58.91
CA THR A 162 4.53 -9.15 -59.79
C THR A 162 5.47 -8.02 -59.39
N LEU A 163 6.76 -8.23 -59.61
CA LEU A 163 7.78 -7.18 -59.47
C LEU A 163 8.13 -6.53 -60.83
N ASP A 164 7.50 -7.01 -61.90
CA ASP A 164 7.77 -6.50 -63.25
C ASP A 164 7.16 -5.11 -63.42
N ASN A 165 8.04 -4.11 -63.49
CA ASN A 165 7.64 -2.69 -63.55
C ASN A 165 6.71 -2.36 -64.72
N ALA A 166 6.65 -3.24 -65.72
CA ALA A 166 5.67 -3.16 -66.80
C ALA A 166 4.25 -2.92 -66.27
N TYR A 167 3.93 -3.55 -65.13
CA TYR A 167 2.58 -3.52 -64.54
C TYR A 167 2.47 -2.59 -63.32
N MET A 168 3.47 -1.72 -63.11
CA MET A 168 3.50 -0.87 -61.92
C MET A 168 2.38 0.16 -61.93
N GLU A 169 1.81 0.44 -63.09
CA GLU A 169 0.65 1.32 -63.18
C GLU A 169 -0.55 0.64 -63.83
N LYS A 170 -0.49 -0.68 -63.96
CA LYS A 170 -1.55 -1.44 -64.59
C LYS A 170 -2.08 -2.53 -63.66
N CYS A 171 -2.06 -2.27 -62.34
CA CYS A 171 -2.64 -3.17 -61.35
C CYS A 171 -4.14 -3.30 -61.56
N ASP A 172 -4.69 -4.46 -61.22
CA ASP A 172 -6.13 -4.72 -61.37
C ASP A 172 -6.56 -5.96 -60.59
N GLU A 173 -7.81 -6.39 -60.79
CA GLU A 173 -8.36 -7.58 -60.12
C GLU A 173 -7.51 -8.86 -60.23
N ASN A 174 -6.57 -8.90 -61.18
CA ASN A 174 -5.83 -10.12 -61.54
C ASN A 174 -4.32 -10.07 -61.33
N ILE A 175 -3.73 -8.89 -61.49
CA ILE A 175 -2.29 -8.74 -61.31
C ILE A 175 -2.05 -7.53 -60.40
N LEU A 176 -1.11 -7.67 -59.48
CA LEU A 176 -0.86 -6.63 -58.48
C LEU A 176 0.64 -6.41 -58.35
N TRP A 177 1.12 -5.27 -58.82
CA TRP A 177 2.54 -4.92 -58.69
C TRP A 177 2.82 -4.31 -57.33
N LEU A 178 3.95 -4.69 -56.75
CA LEU A 178 4.49 -3.98 -55.62
C LEU A 178 5.98 -3.72 -55.80
N ASP A 179 6.55 -2.95 -54.89
CA ASP A 179 7.85 -2.31 -55.08
C ASP A 179 9.01 -2.92 -54.27
N TYR A 180 8.78 -4.04 -53.59
CA TYR A 180 9.82 -4.69 -52.81
C TYR A 180 10.53 -5.67 -53.71
N LYS A 181 11.66 -5.21 -54.26
CA LYS A 181 12.49 -5.97 -55.19
C LYS A 181 12.83 -7.37 -54.67
N ASN A 182 13.20 -7.45 -53.39
CA ASN A 182 13.66 -8.69 -52.77
C ASN A 182 12.55 -9.63 -52.25
N ILE A 183 11.29 -9.34 -52.56
CA ILE A 183 10.17 -10.02 -51.88
C ILE A 183 10.28 -11.55 -51.98
N CYS A 184 10.63 -12.05 -53.16
CA CYS A 184 10.56 -13.51 -53.41
C CYS A 184 11.52 -14.34 -52.52
N LYS A 185 12.66 -13.75 -52.15
CA LYS A 185 13.66 -14.41 -51.32
C LYS A 185 13.25 -14.56 -49.84
N VAL A 186 12.57 -13.55 -49.29
CA VAL A 186 12.22 -13.55 -47.86
C VAL A 186 10.83 -14.17 -47.53
N VAL A 187 10.10 -14.62 -48.57
CA VAL A 187 8.82 -15.34 -48.41
C VAL A 187 8.90 -16.76 -48.98
N GLU A 188 8.32 -17.72 -48.26
CA GLU A 188 8.19 -19.10 -48.76
C GLU A 188 6.72 -19.39 -49.07
N VAL A 189 6.41 -20.64 -49.42
CA VAL A 189 5.01 -21.03 -49.75
C VAL A 189 4.19 -21.14 -48.46
N GLY A 190 2.89 -20.91 -48.59
CA GLY A 190 2.00 -20.81 -47.41
C GLY A 190 2.11 -19.48 -46.63
N SER A 191 3.08 -18.63 -47.00
CA SER A 191 3.23 -17.33 -46.33
C SER A 191 1.99 -16.48 -46.55
N LYS A 192 1.67 -15.69 -45.54
CA LYS A 192 0.55 -14.76 -45.63
C LYS A 192 1.09 -13.36 -45.96
N ILE A 193 0.36 -12.66 -46.83
CA ILE A 193 0.69 -11.31 -47.30
C ILE A 193 -0.53 -10.43 -47.09
N TYR A 194 -0.33 -9.29 -46.43
CA TYR A 194 -1.42 -8.40 -46.07
C TYR A 194 -1.34 -7.05 -46.80
N VAL A 195 -2.50 -6.56 -47.27
CA VAL A 195 -2.59 -5.31 -48.01
C VAL A 195 -3.63 -4.38 -47.41
N ASP A 196 -3.34 -3.07 -47.51
CA ASP A 196 -4.25 -1.98 -47.09
C ASP A 196 -4.65 -2.14 -45.63
N ASP A 197 -3.70 -1.84 -44.74
CA ASP A 197 -3.97 -1.86 -43.31
C ASP A 197 -4.43 -3.25 -42.85
N GLY A 198 -3.82 -4.29 -43.42
CA GLY A 198 -4.09 -5.69 -43.02
C GLY A 198 -5.49 -6.18 -43.32
N LEU A 199 -6.22 -5.46 -44.15
CA LEU A 199 -7.62 -5.72 -44.34
C LEU A 199 -7.85 -6.75 -45.44
N ILE A 200 -6.87 -6.86 -46.34
CA ILE A 200 -6.88 -7.82 -47.43
C ILE A 200 -5.77 -8.80 -47.13
N SER A 201 -6.11 -10.07 -47.18
CA SER A 201 -5.24 -11.13 -46.75
C SER A 201 -5.01 -12.04 -47.97
N LEU A 202 -3.77 -12.42 -48.24
CA LEU A 202 -3.44 -13.28 -49.39
C LEU A 202 -2.53 -14.40 -48.94
N GLN A 203 -2.71 -15.60 -49.50
CA GLN A 203 -1.80 -16.72 -49.21
C GLN A 203 -0.93 -17.13 -50.41
N VAL A 204 0.37 -17.27 -50.18
CA VAL A 204 1.29 -17.72 -51.21
C VAL A 204 1.05 -19.20 -51.55
N LYS A 205 0.65 -19.46 -52.80
CA LYS A 205 0.53 -20.80 -53.36
C LYS A 205 1.85 -21.24 -54.05
N GLN A 206 2.23 -20.55 -55.13
CA GLN A 206 3.48 -20.86 -55.89
C GLN A 206 4.44 -19.66 -56.01
N LYS A 207 5.73 -19.93 -55.84
CA LYS A 207 6.80 -18.94 -56.04
C LYS A 207 7.39 -18.98 -57.47
N GLY A 208 7.56 -17.79 -58.07
CA GLY A 208 8.24 -17.63 -59.36
C GLY A 208 9.53 -16.84 -59.18
N ALA A 209 10.05 -16.28 -60.29
CA ALA A 209 11.30 -15.51 -60.27
C ALA A 209 11.05 -14.03 -59.95
N ASP A 210 10.13 -13.42 -60.69
CA ASP A 210 9.70 -12.03 -60.47
C ASP A 210 8.21 -11.97 -60.05
N PHE A 211 7.68 -13.05 -59.49
CA PHE A 211 6.24 -13.13 -59.18
C PHE A 211 5.85 -14.08 -58.03
N LEU A 212 4.58 -13.96 -57.61
CA LEU A 212 3.94 -14.86 -56.64
C LEU A 212 2.47 -15.08 -57.08
N VAL A 213 1.98 -16.32 -57.00
CA VAL A 213 0.56 -16.63 -57.23
C VAL A 213 -0.11 -16.79 -55.88
N THR A 214 -1.28 -16.17 -55.71
CA THR A 214 -1.98 -16.14 -54.42
C THR A 214 -3.50 -16.25 -54.54
N GLU A 215 -4.12 -16.79 -53.50
CA GLU A 215 -5.59 -16.77 -53.33
C GLU A 215 -6.02 -15.73 -52.29
N VAL A 216 -7.01 -14.91 -52.63
CA VAL A 216 -7.55 -13.88 -51.75
C VAL A 216 -8.23 -14.52 -50.54
N GLU A 217 -7.46 -14.63 -49.45
CA GLU A 217 -7.92 -15.24 -48.20
C GLU A 217 -9.03 -14.42 -47.54
N ASN A 218 -8.84 -13.10 -47.47
CA ASN A 218 -9.93 -12.16 -47.12
C ASN A 218 -10.03 -11.06 -48.17
N GLY A 219 -11.25 -10.77 -48.62
CA GLY A 219 -11.46 -9.82 -49.73
C GLY A 219 -12.20 -8.53 -49.42
N GLY A 220 -12.11 -7.58 -50.35
CA GLY A 220 -12.67 -6.24 -50.21
C GLY A 220 -12.18 -5.41 -51.38
N SER A 221 -12.41 -4.09 -51.38
CA SER A 221 -11.89 -3.28 -52.48
C SER A 221 -10.36 -3.06 -52.39
N LEU A 222 -9.68 -3.30 -53.50
CA LEU A 222 -8.25 -3.05 -53.66
C LEU A 222 -8.06 -1.69 -54.36
N GLY A 223 -7.31 -0.80 -53.72
CA GLY A 223 -6.94 0.49 -54.30
C GLY A 223 -5.46 0.64 -54.63
N SER A 224 -5.06 1.88 -54.90
CA SER A 224 -3.71 2.20 -55.37
C SER A 224 -2.75 2.51 -54.23
N LYS A 225 -1.48 2.18 -54.43
CA LYS A 225 -0.39 2.51 -53.50
C LYS A 225 -0.72 2.21 -52.04
N LYS A 226 -1.15 0.97 -51.79
CA LYS A 226 -1.50 0.55 -50.43
C LYS A 226 -0.31 -0.12 -49.77
N GLY A 227 -0.25 -0.01 -48.44
CA GLY A 227 0.81 -0.64 -47.66
C GLY A 227 0.67 -2.15 -47.63
N VAL A 228 1.81 -2.83 -47.66
CA VAL A 228 1.87 -4.29 -47.66
C VAL A 228 2.69 -4.76 -46.48
N ASN A 229 2.22 -5.79 -45.81
CA ASN A 229 2.98 -6.33 -44.67
C ASN A 229 3.24 -7.81 -44.90
N LEU A 230 4.39 -8.26 -44.45
CA LEU A 230 4.77 -9.69 -44.50
C LEU A 230 5.17 -10.10 -43.07
N PRO A 231 4.16 -10.34 -42.21
CA PRO A 231 4.42 -10.55 -40.79
C PRO A 231 5.28 -11.78 -40.45
N GLY A 232 5.18 -12.83 -41.25
CA GLY A 232 6.06 -13.97 -41.04
C GLY A 232 7.50 -13.79 -41.54
N ALA A 233 7.84 -12.63 -42.13
CA ALA A 233 9.07 -12.54 -42.95
C ALA A 233 10.16 -11.59 -42.43
N ALA A 234 11.41 -11.99 -42.61
CA ALA A 234 12.55 -11.17 -42.23
C ALA A 234 12.83 -10.19 -43.36
N VAL A 235 12.02 -9.12 -43.40
CA VAL A 235 12.15 -8.07 -44.41
C VAL A 235 13.48 -7.35 -44.20
N ASP A 236 14.18 -7.08 -45.31
CA ASP A 236 15.60 -6.69 -45.28
C ASP A 236 15.88 -5.32 -45.90
N LEU A 237 14.85 -4.48 -45.96
CA LEU A 237 15.00 -3.13 -46.47
C LEU A 237 15.87 -2.34 -45.50
N PRO A 238 16.56 -1.31 -45.99
CA PRO A 238 17.41 -0.55 -45.09
C PRO A 238 16.62 0.28 -44.08
N ALA A 239 17.21 0.50 -42.91
CA ALA A 239 16.66 1.38 -41.89
C ALA A 239 16.33 2.77 -42.45
N VAL A 240 17.28 3.30 -43.21
CA VAL A 240 17.25 4.64 -43.76
C VAL A 240 17.52 4.54 -45.26
N SER A 241 16.45 4.50 -46.06
CA SER A 241 16.56 4.41 -47.52
C SER A 241 17.13 5.67 -48.10
N GLU A 242 17.42 5.63 -49.39
CA GLU A 242 17.87 6.82 -50.11
C GLU A 242 16.81 7.90 -50.01
N LYS A 243 15.54 7.52 -50.16
CA LYS A 243 14.46 8.48 -50.00
C LYS A 243 14.47 9.08 -48.61
N ASP A 244 14.62 8.25 -47.57
CA ASP A 244 14.66 8.79 -46.20
C ASP A 244 15.81 9.80 -46.03
N ILE A 245 16.96 9.52 -46.66
CA ILE A 245 18.10 10.45 -46.61
C ILE A 245 17.71 11.79 -47.17
N GLN A 246 17.09 11.78 -48.34
CA GLN A 246 16.68 13.06 -48.93
C GLN A 246 15.67 13.75 -48.03
N ASP A 247 14.78 12.99 -47.44
CA ASP A 247 13.70 13.60 -46.63
C ASP A 247 14.26 14.20 -45.35
N LEU A 248 15.23 13.51 -44.75
CA LEU A 248 15.80 13.99 -43.48
C LEU A 248 16.62 15.27 -43.69
N LYS A 249 17.31 15.32 -44.83
CA LYS A 249 18.03 16.53 -45.26
C LYS A 249 17.06 17.68 -45.41
N PHE A 250 15.92 17.44 -46.07
CA PHE A 250 14.86 18.47 -46.22
C PHE A 250 14.35 18.88 -44.84
N GLY A 251 14.13 17.90 -43.97
CA GLY A 251 13.78 18.20 -42.57
C GLY A 251 14.75 19.17 -41.91
N VAL A 252 16.06 18.95 -42.04
CA VAL A 252 17.03 19.91 -41.45
C VAL A 252 16.91 21.29 -42.09
N GLU A 253 16.82 21.32 -43.41
CA GLU A 253 16.71 22.60 -44.16
C GLU A 253 15.45 23.35 -43.74
N GLN A 254 14.39 22.60 -43.41
CA GLN A 254 13.11 23.23 -43.09
C GLN A 254 12.92 23.51 -41.59
N ASP A 255 13.93 23.18 -40.80
CA ASP A 255 13.96 23.49 -39.35
C ASP A 255 12.86 22.74 -38.59
N VAL A 256 12.64 21.48 -38.93
CA VAL A 256 11.65 20.65 -38.24
C VAL A 256 12.10 20.42 -36.80
N ASP A 257 11.13 20.22 -35.90
CA ASP A 257 11.43 20.07 -34.46
C ASP A 257 11.75 18.65 -34.04
N MET A 258 11.18 17.70 -34.76
CA MET A 258 11.32 16.29 -34.46
C MET A 258 11.10 15.47 -35.68
N VAL A 259 11.67 14.27 -35.65
CA VAL A 259 11.47 13.24 -36.63
C VAL A 259 10.80 12.05 -35.97
N PHE A 260 9.81 11.49 -36.65
CA PHE A 260 9.12 10.31 -36.21
C PHE A 260 9.66 9.25 -37.15
N ALA A 261 10.57 8.42 -36.65
CA ALA A 261 11.26 7.47 -37.52
C ALA A 261 10.56 6.13 -37.66
N SER A 262 10.19 5.75 -38.87
CA SER A 262 9.27 4.64 -39.08
C SER A 262 10.04 3.34 -38.96
N PHE A 263 9.38 2.29 -38.43
CA PHE A 263 9.86 0.91 -38.43
C PHE A 263 11.22 0.72 -37.77
N ILE A 264 11.45 1.39 -36.65
CA ILE A 264 12.69 1.21 -35.92
C ILE A 264 12.72 -0.20 -35.29
N ARG A 265 13.80 -0.93 -35.58
CA ARG A 265 13.92 -2.34 -35.20
C ARG A 265 14.91 -2.59 -34.06
N LYS A 266 15.88 -1.70 -33.87
CA LYS A 266 17.01 -1.90 -32.96
C LYS A 266 17.71 -0.57 -32.71
N ALA A 267 18.57 -0.51 -31.70
CA ALA A 267 19.24 0.76 -31.38
C ALA A 267 20.07 1.29 -32.55
N SER A 268 20.72 0.39 -33.29
CA SER A 268 21.58 0.83 -34.38
C SER A 268 20.74 1.59 -35.44
N ASP A 269 19.43 1.30 -35.54
CA ASP A 269 18.58 2.02 -36.49
C ASP A 269 18.46 3.46 -36.05
N VAL A 270 18.26 3.64 -34.74
CA VAL A 270 18.16 4.95 -34.14
C VAL A 270 19.49 5.70 -34.30
N HIS A 271 20.58 5.03 -34.03
CA HIS A 271 21.93 5.66 -34.21
C HIS A 271 22.16 6.12 -35.65
N GLU A 272 21.70 5.34 -36.61
CA GLU A 272 21.79 5.69 -38.04
C GLU A 272 21.04 6.98 -38.35
N VAL A 273 19.82 7.14 -37.84
CA VAL A 273 19.06 8.36 -38.09
C VAL A 273 19.74 9.53 -37.42
N ARG A 274 20.23 9.32 -36.19
CA ARG A 274 20.96 10.36 -35.46
C ARG A 274 22.21 10.82 -36.24
N LYS A 275 22.94 9.88 -36.83
CA LYS A 275 24.18 10.21 -37.55
C LYS A 275 23.87 10.89 -38.88
N VAL A 276 22.80 10.42 -39.52
CA VAL A 276 22.31 11.07 -40.73
C VAL A 276 21.96 12.51 -40.47
N LEU A 277 21.25 12.79 -39.38
CA LEU A 277 20.87 14.16 -39.02
C LEU A 277 22.16 14.96 -38.72
N GLY A 278 23.14 14.28 -38.13
CA GLY A 278 24.51 14.82 -38.01
C GLY A 278 24.49 16.07 -37.17
N GLU A 279 25.40 17.00 -37.45
CA GLU A 279 25.58 18.14 -36.55
C GLU A 279 24.52 19.22 -36.75
N LYS A 280 24.17 19.49 -38.00
CA LYS A 280 23.11 20.46 -38.29
C LYS A 280 21.77 20.07 -37.62
N GLY A 281 21.52 18.75 -37.52
CA GLY A 281 20.27 18.23 -36.96
C GLY A 281 20.39 17.67 -35.55
N LYS A 282 21.44 18.08 -34.82
CA LYS A 282 21.75 17.51 -33.51
C LYS A 282 20.67 17.79 -32.46
N ASN A 283 20.04 18.97 -32.55
CA ASN A 283 18.97 19.31 -31.65
C ASN A 283 17.57 18.81 -32.08
N ILE A 284 17.48 18.10 -33.20
CA ILE A 284 16.17 17.56 -33.65
C ILE A 284 15.88 16.28 -32.87
N LYS A 285 14.71 16.21 -32.23
CA LYS A 285 14.37 15.03 -31.42
C LYS A 285 13.99 13.85 -32.28
N ILE A 286 14.53 12.69 -31.94
CA ILE A 286 14.21 11.46 -32.67
C ILE A 286 13.22 10.64 -31.83
N ILE A 287 12.01 10.50 -32.35
CA ILE A 287 10.99 9.65 -31.77
C ILE A 287 10.97 8.39 -32.59
N SER A 288 11.24 7.25 -31.98
CA SER A 288 11.25 5.99 -32.69
C SER A 288 9.84 5.41 -32.75
N LYS A 289 9.41 5.00 -33.96
CA LYS A 289 8.11 4.36 -34.13
C LYS A 289 8.33 2.86 -34.00
N ILE A 290 7.59 2.25 -33.09
CA ILE A 290 7.63 0.78 -32.86
C ILE A 290 6.42 0.22 -33.56
N GLU A 291 6.68 -0.55 -34.62
CA GLU A 291 5.69 -1.02 -35.52
C GLU A 291 5.87 -2.44 -35.91
N ASN A 292 6.77 -3.19 -35.29
CA ASN A 292 6.90 -4.58 -35.65
C ASN A 292 7.40 -5.39 -34.46
N HIS A 293 7.42 -6.70 -34.62
CA HIS A 293 7.75 -7.58 -33.50
C HIS A 293 9.18 -7.34 -32.97
N GLU A 294 10.15 -7.10 -33.87
CA GLU A 294 11.56 -6.93 -33.45
C GLU A 294 11.70 -5.65 -32.63
N GLY A 295 10.97 -4.60 -32.99
CA GLY A 295 11.02 -3.34 -32.28
C GLY A 295 10.49 -3.49 -30.85
N VAL A 296 9.45 -4.30 -30.68
CA VAL A 296 8.93 -4.55 -29.32
C VAL A 296 9.96 -5.31 -28.49
N ARG A 297 10.50 -6.39 -29.07
CA ARG A 297 11.49 -7.25 -28.42
C ARG A 297 12.74 -6.50 -27.96
N ARG A 298 13.27 -5.67 -28.84
CA ARG A 298 14.45 -4.85 -28.57
C ARG A 298 14.07 -3.47 -28.06
N PHE A 299 12.87 -3.34 -27.50
CA PHE A 299 12.40 -2.04 -27.06
C PHE A 299 13.33 -1.29 -26.08
N ASP A 300 13.91 -1.99 -25.13
CA ASP A 300 14.72 -1.30 -24.13
C ASP A 300 15.89 -0.55 -24.81
N GLU A 301 16.61 -1.19 -25.72
CA GLU A 301 17.78 -0.51 -26.37
C GLU A 301 17.36 0.67 -27.26
N ILE A 302 16.23 0.48 -27.94
CA ILE A 302 15.65 1.53 -28.73
C ILE A 302 15.34 2.74 -27.86
N LEU A 303 14.66 2.54 -26.74
CA LEU A 303 14.28 3.66 -25.87
C LEU A 303 15.51 4.44 -25.36
N GLU A 304 16.53 3.70 -24.94
CA GLU A 304 17.74 4.29 -24.42
C GLU A 304 18.31 5.23 -25.45
N ALA A 305 18.32 4.82 -26.71
CA ALA A 305 18.93 5.61 -27.79
C ALA A 305 18.05 6.77 -28.28
N SER A 306 16.74 6.70 -28.04
CA SER A 306 15.78 7.67 -28.60
C SER A 306 15.48 8.82 -27.69
N ASP A 307 14.86 9.85 -28.26
CA ASP A 307 14.39 10.97 -27.47
C ASP A 307 12.98 10.69 -26.97
N GLY A 308 12.28 9.77 -27.63
CA GLY A 308 10.92 9.40 -27.27
C GLY A 308 10.46 8.27 -28.18
N ILE A 309 9.24 7.83 -27.96
CA ILE A 309 8.70 6.68 -28.64
C ILE A 309 7.31 6.99 -29.18
N MET A 310 6.99 6.39 -30.33
CA MET A 310 5.61 6.34 -30.78
C MET A 310 5.13 4.90 -30.81
N VAL A 311 4.00 4.67 -30.14
CA VAL A 311 3.33 3.38 -30.30
C VAL A 311 2.50 3.47 -31.59
N ALA A 312 3.10 2.96 -32.66
CA ALA A 312 2.54 3.01 -34.00
C ALA A 312 1.64 1.85 -34.29
N ARG A 313 0.40 1.92 -33.79
CA ARG A 313 -0.43 0.73 -33.66
C ARG A 313 -0.91 0.17 -34.97
N GLY A 314 -0.91 0.99 -36.03
CA GLY A 314 -1.41 0.62 -37.33
C GLY A 314 -0.72 -0.61 -37.86
N ASP A 315 0.56 -0.43 -38.17
CA ASP A 315 1.40 -1.51 -38.66
C ASP A 315 1.62 -2.55 -37.57
N LEU A 316 1.82 -2.10 -36.33
CA LEU A 316 2.07 -3.00 -35.20
C LEU A 316 1.00 -4.09 -35.11
N GLY A 317 -0.25 -3.69 -35.29
CA GLY A 317 -1.38 -4.61 -35.17
C GLY A 317 -1.62 -5.45 -36.40
N ILE A 318 -0.73 -5.30 -37.40
CA ILE A 318 -0.70 -6.22 -38.55
C ILE A 318 0.53 -7.16 -38.39
N GLU A 319 1.62 -6.61 -37.90
CA GLU A 319 2.86 -7.37 -37.69
C GLU A 319 2.77 -8.38 -36.55
N ILE A 320 2.02 -8.03 -35.51
CA ILE A 320 1.68 -8.94 -34.43
C ILE A 320 0.15 -9.07 -34.38
N PRO A 321 -0.35 -10.12 -33.72
CA PRO A 321 -1.80 -10.33 -33.64
C PRO A 321 -2.48 -9.10 -33.03
N ALA A 322 -3.56 -8.65 -33.66
CA ALA A 322 -4.28 -7.47 -33.18
C ALA A 322 -4.64 -7.51 -31.66
N GLU A 323 -4.89 -8.70 -31.14
CA GLU A 323 -5.29 -8.85 -29.75
C GLU A 323 -4.15 -8.64 -28.75
N LYS A 324 -2.92 -8.52 -29.23
CA LYS A 324 -1.77 -8.28 -28.36
C LYS A 324 -1.31 -6.82 -28.34
N VAL A 325 -1.88 -6.00 -29.22
CA VAL A 325 -1.47 -4.59 -29.33
C VAL A 325 -1.60 -3.86 -28.01
N PHE A 326 -2.69 -4.06 -27.23
CA PHE A 326 -2.85 -3.29 -25.99
C PHE A 326 -1.73 -3.65 -25.00
N LEU A 327 -1.22 -4.88 -25.08
CA LEU A 327 -0.10 -5.30 -24.22
C LEU A 327 1.14 -4.52 -24.58
N ALA A 328 1.43 -4.48 -25.87
CA ALA A 328 2.58 -3.70 -26.37
C ALA A 328 2.49 -2.21 -26.02
N GLN A 329 1.30 -1.63 -26.19
CA GLN A 329 1.03 -0.23 -25.87
C GLN A 329 1.27 0.04 -24.39
N LYS A 330 0.71 -0.80 -23.53
CA LYS A 330 0.82 -0.54 -22.10
C LYS A 330 2.26 -0.79 -21.63
N MET A 331 2.93 -1.81 -22.17
CA MET A 331 4.34 -2.05 -21.83
C MET A 331 5.16 -0.81 -22.22
N MET A 332 4.98 -0.29 -23.42
CA MET A 332 5.84 0.83 -23.88
C MET A 332 5.54 2.13 -23.15
N ILE A 333 4.27 2.39 -22.87
CA ILE A 333 3.92 3.58 -22.13
C ILE A 333 4.55 3.50 -20.72
N GLY A 334 4.38 2.35 -20.06
CA GLY A 334 4.94 2.12 -18.73
C GLY A 334 6.45 2.32 -18.73
N ARG A 335 7.14 1.67 -19.64
CA ARG A 335 8.61 1.81 -19.71
C ARG A 335 9.06 3.23 -20.07
N CYS A 336 8.30 3.96 -20.90
CA CYS A 336 8.65 5.38 -21.15
C CYS A 336 8.37 6.26 -19.93
N ASN A 337 7.25 6.04 -19.22
CA ASN A 337 6.97 6.80 -18.02
C ASN A 337 8.11 6.55 -17.01
N ARG A 338 8.57 5.31 -16.94
CA ARG A 338 9.64 4.90 -15.97
C ARG A 338 10.97 5.59 -16.31
N ALA A 339 11.19 5.83 -17.60
CA ALA A 339 12.43 6.45 -18.08
C ALA A 339 12.36 7.95 -18.20
N GLY A 340 11.16 8.54 -18.08
CA GLY A 340 10.98 9.97 -18.29
C GLY A 340 11.08 10.43 -19.74
N LYS A 341 10.74 9.58 -20.68
CA LYS A 341 10.87 9.94 -22.09
C LYS A 341 9.49 9.94 -22.70
N PRO A 342 9.23 10.91 -23.60
CA PRO A 342 7.88 11.09 -24.12
C PRO A 342 7.37 9.89 -24.90
N VAL A 343 6.10 9.55 -24.73
CA VAL A 343 5.50 8.47 -25.51
C VAL A 343 4.20 8.95 -26.15
N ILE A 344 4.02 8.60 -27.43
CA ILE A 344 2.87 8.98 -28.26
C ILE A 344 2.03 7.75 -28.55
N CYS A 345 0.72 7.85 -28.35
CA CYS A 345 -0.23 6.82 -28.79
C CYS A 345 -0.78 7.24 -30.11
N ALA A 346 -0.76 6.35 -31.09
CA ALA A 346 -1.09 6.68 -32.46
C ALA A 346 -1.98 5.64 -33.14
N THR A 347 -2.79 6.12 -34.08
CA THR A 347 -3.45 5.38 -35.13
C THR A 347 -4.85 4.94 -34.76
N GLN A 348 -5.82 5.46 -35.54
CA GLN A 348 -7.25 5.10 -35.50
C GLN A 348 -7.93 5.38 -34.17
N MET A 349 -7.42 6.38 -33.45
CA MET A 349 -7.96 6.71 -32.14
C MET A 349 -9.38 7.23 -32.26
N LEU A 350 -9.67 7.95 -33.36
CA LEU A 350 -11.02 8.44 -33.64
C LEU A 350 -11.38 8.21 -35.11
N GLU A 351 -11.05 7.02 -35.61
CA GLU A 351 -11.12 6.76 -37.04
C GLU A 351 -12.47 7.08 -37.68
N SER A 352 -13.56 6.77 -36.98
CA SER A 352 -14.89 6.90 -37.61
C SER A 352 -15.14 8.33 -37.94
N MET A 353 -14.41 9.23 -37.28
CA MET A 353 -14.57 10.67 -37.50
C MET A 353 -14.06 11.18 -38.84
N ILE A 354 -13.37 10.34 -39.60
CA ILE A 354 -13.08 10.63 -41.00
C ILE A 354 -14.39 10.89 -41.81
N LYS A 355 -15.44 10.16 -41.44
CA LYS A 355 -16.74 10.23 -42.14
C LYS A 355 -17.91 10.79 -41.29
N LYS A 356 -17.77 10.79 -39.96
CA LYS A 356 -18.84 11.19 -39.05
C LYS A 356 -18.43 12.27 -38.07
N PRO A 357 -19.39 13.12 -37.67
CA PRO A 357 -19.05 14.26 -36.83
C PRO A 357 -18.84 13.93 -35.34
N ARG A 358 -19.19 12.71 -34.94
CA ARG A 358 -19.04 12.24 -33.58
C ARG A 358 -18.38 10.86 -33.65
N PRO A 359 -17.57 10.50 -32.63
CA PRO A 359 -16.86 9.21 -32.67
C PRO A 359 -17.66 8.07 -32.07
N THR A 360 -17.16 6.85 -32.24
CA THR A 360 -17.78 5.69 -31.64
C THR A 360 -17.38 5.59 -30.17
N ARG A 361 -18.09 4.75 -29.43
CA ARG A 361 -17.83 4.62 -28.01
C ARG A 361 -16.51 3.93 -27.77
N ALA A 362 -16.13 2.99 -28.60
CA ALA A 362 -14.78 2.40 -28.54
C ALA A 362 -13.69 3.48 -28.70
N GLU A 363 -13.92 4.41 -29.62
CA GLU A 363 -12.94 5.49 -29.88
C GLU A 363 -12.78 6.43 -28.67
N GLY A 364 -13.89 6.89 -28.11
CA GLY A 364 -13.87 7.69 -26.89
C GLY A 364 -13.11 6.99 -25.80
N SER A 365 -13.40 5.71 -25.64
CA SER A 365 -12.73 4.90 -24.65
C SER A 365 -11.20 4.81 -24.93
N ASP A 366 -10.83 4.54 -26.17
CA ASP A 366 -9.41 4.46 -26.57
C ASP A 366 -8.63 5.73 -26.21
N VAL A 367 -9.18 6.90 -26.53
CA VAL A 367 -8.49 8.13 -26.18
C VAL A 367 -8.32 8.27 -24.66
N ALA A 368 -9.37 7.99 -23.90
CA ALA A 368 -9.34 8.19 -22.44
C ALA A 368 -8.31 7.28 -21.81
N ASN A 369 -8.28 6.04 -22.28
CA ASN A 369 -7.41 5.01 -21.77
C ASN A 369 -5.93 5.20 -22.13
N ALA A 370 -5.63 5.73 -23.31
CA ALA A 370 -4.27 6.17 -23.64
C ALA A 370 -3.74 7.17 -22.63
N VAL A 371 -4.53 8.19 -22.30
CA VAL A 371 -4.17 9.16 -21.26
C VAL A 371 -4.03 8.47 -19.90
N LEU A 372 -4.99 7.64 -19.53
CA LEU A 372 -4.91 6.92 -18.26
C LEU A 372 -3.71 5.95 -18.21
N ASP A 373 -3.31 5.42 -19.36
CA ASP A 373 -2.14 4.54 -19.43
C ASP A 373 -0.86 5.32 -19.07
N GLY A 374 -0.83 6.61 -19.38
CA GLY A 374 0.39 7.43 -19.21
C GLY A 374 0.93 8.11 -20.49
N ALA A 375 0.19 8.10 -21.60
CA ALA A 375 0.72 8.64 -22.84
C ALA A 375 0.92 10.15 -22.75
N ASP A 376 2.07 10.61 -23.17
CA ASP A 376 2.32 12.08 -23.19
C ASP A 376 1.52 12.82 -24.23
N CYS A 377 1.35 12.16 -25.37
CA CYS A 377 0.70 12.72 -26.56
C CYS A 377 -0.19 11.66 -27.19
N ILE A 378 -1.26 12.17 -27.81
CA ILE A 378 -2.14 11.38 -28.62
C ILE A 378 -2.21 12.00 -30.01
N MET A 379 -2.58 11.20 -30.98
CA MET A 379 -2.35 11.54 -32.38
C MET A 379 -3.59 11.34 -33.22
N LEU A 380 -3.69 12.17 -34.25
CA LEU A 380 -4.66 11.99 -35.34
C LEU A 380 -3.94 11.85 -36.68
N SER A 381 -4.46 10.95 -37.53
CA SER A 381 -3.91 10.67 -38.82
C SER A 381 -4.92 11.05 -39.89
N GLY A 382 -5.69 10.10 -40.42
CA GLY A 382 -6.65 10.41 -41.45
C GLY A 382 -7.75 11.38 -40.99
N GLU A 383 -8.09 11.30 -39.69
CA GLU A 383 -9.07 12.20 -39.06
C GLU A 383 -8.85 13.68 -39.31
N THR A 384 -7.57 14.07 -39.38
CA THR A 384 -7.19 15.44 -39.66
C THR A 384 -6.58 15.63 -41.05
N ALA A 385 -5.96 14.60 -41.61
CA ALA A 385 -5.22 14.73 -42.87
C ALA A 385 -6.19 14.84 -44.05
N LYS A 386 -7.26 14.04 -44.02
CA LYS A 386 -8.18 13.98 -45.14
C LYS A 386 -9.65 13.94 -44.80
N GLY A 387 -10.01 13.83 -43.51
CA GLY A 387 -11.39 13.52 -43.20
C GLY A 387 -12.31 14.69 -43.39
N ASP A 388 -13.61 14.45 -43.22
CA ASP A 388 -14.60 15.51 -43.33
C ASP A 388 -14.75 16.37 -42.10
N TYR A 389 -14.20 15.94 -40.96
CA TYR A 389 -14.38 16.66 -39.67
C TYR A 389 -13.09 16.84 -38.85
N PRO A 390 -12.05 17.44 -39.46
CA PRO A 390 -10.78 17.62 -38.79
C PRO A 390 -10.86 18.38 -37.47
N LEU A 391 -11.55 19.51 -37.46
CA LEU A 391 -11.72 20.32 -36.23
C LEU A 391 -12.49 19.60 -35.12
N GLU A 392 -13.54 18.88 -35.49
CA GLU A 392 -14.33 18.14 -34.51
C GLU A 392 -13.47 17.04 -33.92
N ALA A 393 -12.58 16.48 -34.72
CA ALA A 393 -11.68 15.42 -34.23
C ALA A 393 -10.67 15.99 -33.22
N VAL A 394 -10.10 17.15 -33.52
CA VAL A 394 -9.16 17.79 -32.60
C VAL A 394 -9.85 18.18 -31.33
N ARG A 395 -11.04 18.76 -31.43
CA ARG A 395 -11.79 19.19 -30.25
C ARG A 395 -12.20 18.02 -29.35
N MET A 396 -12.59 16.90 -29.95
CA MET A 396 -12.96 15.70 -29.20
C MET A 396 -11.74 15.12 -28.43
N GLN A 397 -10.58 15.05 -29.09
CA GLN A 397 -9.36 14.65 -28.38
C GLN A 397 -9.05 15.59 -27.22
N HIS A 398 -9.23 16.88 -27.43
CA HIS A 398 -9.07 17.85 -26.36
C HIS A 398 -10.00 17.56 -25.17
N LEU A 399 -11.29 17.33 -25.46
CA LEU A 399 -12.32 17.13 -24.43
C LEU A 399 -12.09 15.85 -23.64
N ILE A 400 -11.84 14.76 -24.35
CA ILE A 400 -11.63 13.48 -23.69
C ILE A 400 -10.37 13.52 -22.84
N ALA A 401 -9.29 14.07 -23.38
CA ALA A 401 -8.02 14.04 -22.65
C ALA A 401 -8.10 14.75 -21.32
N ARG A 402 -8.78 15.91 -21.30
CA ARG A 402 -8.95 16.74 -20.12
C ARG A 402 -9.79 16.00 -19.05
N GLU A 403 -10.86 15.34 -19.46
CA GLU A 403 -11.64 14.50 -18.53
C GLU A 403 -10.81 13.34 -17.97
N ALA A 404 -10.03 12.68 -18.84
CA ALA A 404 -9.20 11.55 -18.44
C ALA A 404 -8.09 11.96 -17.48
N GLU A 405 -7.54 13.15 -17.71
CA GLU A 405 -6.50 13.70 -16.85
C GLU A 405 -6.93 13.93 -15.39
N ALA A 406 -8.17 14.37 -15.23
CA ALA A 406 -8.79 14.55 -13.94
C ALA A 406 -9.07 13.19 -13.25
N ALA A 407 -9.35 12.17 -14.07
CA ALA A 407 -9.60 10.78 -13.63
C ALA A 407 -8.36 9.93 -13.26
N ILE A 408 -7.17 10.46 -13.49
CA ILE A 408 -5.95 9.79 -13.13
C ILE A 408 -5.90 9.59 -11.60
N TYR A 409 -5.41 8.44 -11.14
CA TYR A 409 -5.25 8.18 -9.70
C TYR A 409 -3.86 8.64 -9.28
N HIS A 410 -3.69 9.96 -9.16
CA HIS A 410 -2.37 10.55 -8.92
C HIS A 410 -1.70 10.00 -7.63
N LEU A 411 -2.50 9.68 -6.63
CA LEU A 411 -2.01 9.17 -5.32
C LEU A 411 -1.10 7.97 -5.48
N GLN A 412 -1.57 6.93 -6.18
CA GLN A 412 -0.71 5.79 -6.48
C GLN A 412 0.34 6.08 -7.56
N LEU A 413 -0.06 6.77 -8.63
CA LEU A 413 0.89 7.09 -9.71
C LEU A 413 2.15 7.77 -9.14
N PHE A 414 1.97 8.84 -8.38
CA PHE A 414 3.07 9.61 -7.84
C PHE A 414 3.91 8.76 -6.86
N GLU A 415 3.24 7.98 -6.00
CA GLU A 415 3.94 7.04 -5.09
C GLU A 415 4.83 6.07 -5.85
N GLU A 416 4.36 5.56 -6.99
CA GLU A 416 5.11 4.54 -7.69
C GLU A 416 6.25 5.16 -8.48
N LEU A 417 6.01 6.37 -9.02
CA LEU A 417 7.03 7.07 -9.80
C LEU A 417 8.19 7.44 -8.87
N ARG A 418 7.88 7.93 -7.69
CA ARG A 418 8.89 8.23 -6.67
C ARG A 418 9.69 6.99 -6.23
N ARG A 419 8.98 5.86 -6.06
CA ARG A 419 9.60 4.61 -5.61
C ARG A 419 10.54 4.00 -6.64
N LEU A 420 10.16 4.05 -7.92
CA LEU A 420 10.87 3.35 -8.99
C LEU A 420 12.05 4.17 -9.53
N ALA A 421 12.18 5.40 -9.06
CA ALA A 421 13.17 6.34 -9.59
C ALA A 421 14.53 6.00 -9.02
N PRO A 422 15.56 5.90 -9.88
CA PRO A 422 16.93 5.83 -9.35
C PRO A 422 17.14 7.03 -8.42
N ILE A 423 17.64 6.80 -7.19
CA ILE A 423 17.81 7.91 -6.21
C ILE A 423 19.21 8.48 -6.35
N THR A 424 19.29 9.79 -6.59
CA THR A 424 20.52 10.42 -7.05
C THR A 424 20.81 11.68 -6.25
N SER A 425 22.08 12.07 -6.23
CA SER A 425 22.50 13.32 -5.60
C SER A 425 22.15 14.55 -6.45
N ASP A 426 21.53 14.33 -7.61
CA ASP A 426 21.16 15.39 -8.55
C ASP A 426 20.22 16.43 -7.96
N PRO A 427 20.70 17.66 -7.78
CA PRO A 427 19.88 18.70 -7.14
C PRO A 427 18.69 19.19 -7.97
N THR A 428 18.80 19.11 -9.30
CA THR A 428 17.69 19.49 -10.19
C THR A 428 16.49 18.52 -10.04
N GLU A 429 16.80 17.24 -9.92
CA GLU A 429 15.82 16.19 -9.74
C GLU A 429 15.09 16.35 -8.38
N ALA A 430 15.85 16.53 -7.30
CA ALA A 430 15.27 16.84 -5.96
C ALA A 430 14.36 18.05 -5.97
N THR A 431 14.75 19.11 -6.71
CA THR A 431 13.93 20.32 -6.79
C THR A 431 12.62 20.04 -7.53
N ALA A 432 12.70 19.24 -8.59
CA ALA A 432 11.56 18.88 -9.39
C ALA A 432 10.55 18.09 -8.54
N VAL A 433 10.99 17.05 -7.83
CA VAL A 433 10.07 16.22 -7.07
C VAL A 433 9.44 17.00 -5.93
N GLY A 434 10.21 17.89 -5.30
CA GLY A 434 9.67 18.78 -4.25
C GLY A 434 8.60 19.69 -4.79
N ALA A 435 8.79 20.22 -5.99
CA ALA A 435 7.80 21.07 -6.61
C ALA A 435 6.50 20.32 -6.85
N VAL A 436 6.60 19.08 -7.32
CA VAL A 436 5.41 18.31 -7.59
C VAL A 436 4.71 17.94 -6.27
N GLU A 437 5.47 17.51 -5.27
CA GLU A 437 4.87 17.30 -3.94
C GLU A 437 4.19 18.58 -3.45
N ALA A 438 4.89 19.70 -3.54
CA ALA A 438 4.31 21.00 -3.14
C ALA A 438 3.02 21.32 -3.88
N SER A 439 3.02 21.09 -5.20
CA SER A 439 1.83 21.36 -6.03
C SER A 439 0.63 20.51 -5.64
N PHE A 440 0.84 19.25 -5.22
CA PHE A 440 -0.29 18.45 -4.75
C PHE A 440 -0.79 18.98 -3.39
N LYS A 441 0.14 19.28 -2.49
CA LYS A 441 -0.22 19.75 -1.15
C LYS A 441 -1.15 20.97 -1.14
N CYS A 442 -0.88 21.95 -2.00
CA CYS A 442 -1.69 23.16 -2.10
C CYS A 442 -2.61 23.21 -3.34
N CYS A 443 -2.79 22.08 -4.05
CA CYS A 443 -3.58 22.03 -5.30
C CYS A 443 -3.28 23.26 -6.16
N SER A 444 -2.00 23.44 -6.48
CA SER A 444 -1.53 24.66 -7.15
C SER A 444 -2.19 24.80 -8.54
N GLY A 445 -2.30 26.04 -9.00
CA GLY A 445 -2.88 26.31 -10.32
C GLY A 445 -1.88 26.04 -11.43
N ALA A 446 -0.59 26.00 -11.12
CA ALA A 446 0.45 25.70 -12.11
C ALA A 446 1.77 25.44 -11.39
N ILE A 447 2.73 24.83 -12.12
CA ILE A 447 4.14 24.85 -11.78
C ILE A 447 4.83 25.65 -12.91
N ILE A 448 5.30 26.84 -12.58
CA ILE A 448 6.00 27.69 -13.52
C ILE A 448 7.44 27.29 -13.49
N VAL A 449 7.99 26.99 -14.65
CA VAL A 449 9.38 26.59 -14.75
C VAL A 449 10.13 27.39 -15.81
N LEU A 450 11.18 28.11 -15.40
CA LEU A 450 12.08 28.74 -16.41
C LEU A 450 13.06 27.70 -16.96
N THR A 451 13.17 27.63 -18.28
CA THR A 451 14.03 26.62 -18.88
C THR A 451 14.58 27.10 -20.24
N LYS A 452 15.86 26.88 -20.48
CA LYS A 452 16.51 27.22 -21.78
C LYS A 452 16.37 26.08 -22.80
N SER A 453 16.70 24.89 -22.34
CA SER A 453 16.67 23.69 -23.12
C SER A 453 15.39 22.88 -22.97
N GLY A 454 14.55 23.20 -21.98
CA GLY A 454 13.36 22.38 -21.63
C GLY A 454 13.53 21.36 -20.50
N ARG A 455 14.77 20.93 -20.28
CA ARG A 455 15.05 19.84 -19.38
C ARG A 455 14.43 19.96 -18.00
N SER A 456 14.51 21.15 -17.39
CA SER A 456 13.95 21.37 -16.06
C SER A 456 12.46 21.08 -16.07
N ALA A 457 11.76 21.54 -17.12
CA ALA A 457 10.31 21.25 -17.24
C ALA A 457 10.06 19.77 -17.51
N HIS A 458 10.93 19.16 -18.30
CA HIS A 458 10.82 17.70 -18.52
C HIS A 458 10.94 16.92 -17.22
N GLN A 459 11.79 17.39 -16.33
CA GLN A 459 12.03 16.71 -15.05
C GLN A 459 10.82 16.76 -14.13
N VAL A 460 10.05 17.84 -14.24
CA VAL A 460 8.80 17.98 -13.50
C VAL A 460 7.70 17.08 -14.09
N ALA A 461 7.57 17.08 -15.41
CA ALA A 461 6.57 16.31 -16.12
C ALA A 461 6.67 14.83 -15.80
N ARG A 462 7.89 14.33 -15.69
CA ARG A 462 8.15 12.91 -15.38
C ARG A 462 7.39 12.42 -14.13
N TYR A 463 7.14 13.33 -13.19
CA TYR A 463 6.51 12.98 -11.91
C TYR A 463 5.00 13.19 -11.92
N ARG A 464 4.48 13.53 -13.09
CA ARG A 464 3.04 13.59 -13.34
C ARG A 464 2.15 14.38 -12.37
N PRO A 465 2.47 15.68 -12.18
CA PRO A 465 1.56 16.53 -11.44
C PRO A 465 0.19 16.70 -12.13
N ARG A 466 -0.80 17.01 -11.31
CA ARG A 466 -2.09 17.42 -11.80
C ARG A 466 -2.01 18.85 -12.34
N ALA A 467 -1.24 19.70 -11.67
CA ALA A 467 -1.06 21.10 -12.09
C ALA A 467 -0.38 21.23 -13.47
N PRO A 468 -0.92 22.11 -14.36
CA PRO A 468 -0.24 22.34 -15.64
C PRO A 468 1.14 22.97 -15.40
N ILE A 469 2.11 22.57 -16.21
CA ILE A 469 3.47 23.09 -16.09
C ILE A 469 3.71 24.17 -17.14
N ILE A 470 3.80 25.43 -16.71
CA ILE A 470 4.05 26.55 -17.63
C ILE A 470 5.55 26.72 -17.78
N ALA A 471 6.06 26.31 -18.94
CA ALA A 471 7.53 26.31 -19.19
C ALA A 471 7.83 27.59 -19.93
N VAL A 472 8.46 28.53 -19.23
CA VAL A 472 8.86 29.78 -19.84
C VAL A 472 10.27 29.73 -20.41
N THR A 473 10.37 30.01 -21.71
CA THR A 473 11.65 29.98 -22.41
C THR A 473 11.75 31.12 -23.43
N ARG A 474 12.99 31.52 -23.74
CA ARG A 474 13.24 32.40 -24.90
C ARG A 474 13.63 31.60 -26.16
N ASN A 475 13.82 30.30 -25.99
CA ASN A 475 14.26 29.46 -27.08
C ASN A 475 13.04 28.91 -27.86
N PRO A 476 12.84 29.38 -29.11
CA PRO A 476 11.63 28.95 -29.83
C PRO A 476 11.58 27.45 -30.07
N GLN A 477 12.72 26.83 -30.28
CA GLN A 477 12.72 25.39 -30.51
C GLN A 477 12.37 24.61 -29.22
N THR A 478 12.94 25.02 -28.09
CA THR A 478 12.52 24.45 -26.79
C THR A 478 11.04 24.52 -26.60
N ALA A 479 10.45 25.67 -26.93
CA ALA A 479 9.02 25.91 -26.75
C ALA A 479 8.18 24.96 -27.62
N ARG A 480 8.62 24.71 -28.86
CA ARG A 480 7.86 23.82 -29.74
C ARG A 480 8.01 22.36 -29.29
N GLN A 481 9.24 21.94 -29.02
CA GLN A 481 9.55 20.57 -28.63
C GLN A 481 8.98 20.16 -27.27
N ALA A 482 8.78 21.13 -26.38
CA ALA A 482 8.21 20.85 -25.07
C ALA A 482 6.79 20.26 -25.10
N HIS A 483 6.06 20.46 -26.21
CA HIS A 483 4.71 19.86 -26.38
C HIS A 483 4.71 18.33 -26.34
N LEU A 484 5.86 17.70 -26.56
CA LEU A 484 6.00 16.26 -26.41
C LEU A 484 5.72 15.72 -24.98
N TYR A 485 5.74 16.57 -23.97
CA TYR A 485 5.68 16.15 -22.58
C TYR A 485 4.33 16.47 -21.94
N ARG A 486 3.72 15.43 -21.36
CA ARG A 486 2.47 15.58 -20.62
C ARG A 486 2.60 16.73 -19.62
N GLY A 487 1.66 17.65 -19.70
CA GLY A 487 1.50 18.68 -18.72
C GLY A 487 2.19 19.99 -19.04
N ILE A 488 3.08 19.98 -20.02
CA ILE A 488 3.85 21.17 -20.33
C ILE A 488 3.10 22.09 -21.29
N PHE A 489 2.93 23.32 -20.84
CA PHE A 489 2.47 24.44 -21.65
C PHE A 489 3.62 25.39 -21.91
N PRO A 490 4.26 25.29 -23.08
CA PRO A 490 5.38 26.15 -23.40
C PRO A 490 4.91 27.54 -23.74
N VAL A 491 5.59 28.54 -23.21
CA VAL A 491 5.27 29.92 -23.55
C VAL A 491 6.58 30.56 -23.93
N LEU A 492 6.54 31.37 -24.99
CA LEU A 492 7.74 31.91 -25.63
C LEU A 492 7.83 33.38 -25.28
N CYS A 493 8.77 33.68 -24.40
CA CYS A 493 8.95 35.03 -23.90
C CYS A 493 9.78 35.77 -24.93
N LYS A 494 9.24 36.87 -25.43
CA LYS A 494 9.96 37.67 -26.41
C LYS A 494 10.59 38.94 -25.80
N ASP A 495 10.28 39.26 -24.55
CA ASP A 495 10.83 40.45 -23.85
C ASP A 495 12.37 40.47 -23.89
N PRO A 496 13.00 41.66 -24.07
CA PRO A 496 14.47 41.71 -24.10
C PRO A 496 15.11 41.29 -22.77
N VAL A 497 16.31 40.73 -22.86
CA VAL A 497 17.09 40.39 -21.67
C VAL A 497 17.40 41.66 -20.86
N GLN A 498 16.94 41.72 -19.61
CA GLN A 498 17.19 42.87 -18.72
C GLN A 498 18.63 42.81 -18.19
N GLU A 499 19.22 43.98 -17.92
CA GLU A 499 20.61 44.08 -17.44
C GLU A 499 20.85 43.28 -16.16
N ALA A 500 19.94 43.43 -15.21
CA ALA A 500 20.04 42.73 -13.94
C ALA A 500 19.36 41.35 -14.06
N TRP A 501 20.11 40.28 -13.84
CA TRP A 501 19.61 38.94 -14.08
C TRP A 501 18.40 38.59 -13.20
N ALA A 502 18.43 38.95 -11.92
CA ALA A 502 17.26 38.76 -11.03
C ALA A 502 16.00 39.43 -11.55
N GLU A 503 16.12 40.64 -12.11
CA GLU A 503 14.98 41.34 -12.73
C GLU A 503 14.51 40.58 -13.99
N ASP A 504 15.48 40.03 -14.75
CA ASP A 504 15.13 39.21 -15.92
C ASP A 504 14.41 37.90 -15.55
N VAL A 505 14.87 37.23 -14.50
CA VAL A 505 14.15 36.08 -13.96
C VAL A 505 12.72 36.49 -13.57
N ASP A 506 12.59 37.56 -12.79
CA ASP A 506 11.26 38.02 -12.33
C ASP A 506 10.36 38.40 -13.51
N LEU A 507 10.97 38.88 -14.59
CA LEU A 507 10.21 39.31 -15.77
C LEU A 507 9.52 38.07 -16.37
N ARG A 508 10.30 37.01 -16.57
CA ARG A 508 9.76 35.77 -17.11
C ARG A 508 8.75 35.04 -16.22
N VAL A 509 8.97 35.01 -14.90
CA VAL A 509 7.95 34.52 -13.96
C VAL A 509 6.65 35.30 -14.12
N ASN A 510 6.74 36.63 -14.13
CA ASN A 510 5.57 37.48 -14.32
C ASN A 510 4.85 37.24 -15.65
N PHE A 511 5.63 36.98 -16.69
CA PHE A 511 5.06 36.62 -17.98
C PHE A 511 4.21 35.34 -17.85
N ALA A 512 4.75 34.34 -17.15
CA ALA A 512 4.06 33.07 -16.89
C ALA A 512 2.78 33.33 -16.15
N MET A 513 2.84 34.19 -15.13
CA MET A 513 1.65 34.65 -14.37
C MET A 513 0.58 35.24 -15.27
N ASN A 514 1.01 36.10 -16.19
CA ASN A 514 0.05 36.74 -17.10
C ASN A 514 -0.59 35.74 -18.07
N VAL A 515 0.20 34.77 -18.52
CA VAL A 515 -0.31 33.72 -19.42
C VAL A 515 -1.35 32.82 -18.76
N GLY A 516 -1.08 32.36 -17.54
CA GLY A 516 -2.03 31.53 -16.82
C GLY A 516 -3.33 32.26 -16.54
N LYS A 517 -3.21 33.54 -16.19
CA LYS A 517 -4.42 34.32 -15.93
C LYS A 517 -5.26 34.45 -17.20
N ALA A 518 -4.63 34.80 -18.33
CA ALA A 518 -5.36 35.01 -19.58
C ALA A 518 -6.02 33.73 -20.09
N ARG A 519 -5.40 32.58 -19.83
CA ARG A 519 -5.94 31.32 -20.31
C ARG A 519 -6.87 30.67 -19.29
N GLY A 520 -6.98 31.27 -18.12
CA GLY A 520 -7.95 30.82 -17.14
C GLY A 520 -7.47 29.62 -16.34
N PHE A 521 -6.15 29.42 -16.27
CA PHE A 521 -5.60 28.37 -15.41
C PHE A 521 -5.65 28.76 -13.95
N PHE A 522 -5.57 30.07 -13.71
CA PHE A 522 -5.57 30.57 -12.35
C PHE A 522 -5.89 32.06 -12.31
N LYS A 523 -6.24 32.53 -11.11
CA LYS A 523 -6.60 33.92 -10.93
C LYS A 523 -5.87 34.52 -9.75
N LYS A 524 -5.91 35.86 -9.69
CA LYS A 524 -5.37 36.64 -8.57
C LYS A 524 -5.48 35.92 -7.24
N GLY A 525 -4.34 35.77 -6.56
CA GLY A 525 -4.34 35.17 -5.23
C GLY A 525 -4.44 33.66 -5.11
N ASP A 526 -4.50 32.92 -6.23
CA ASP A 526 -4.29 31.49 -6.19
C ASP A 526 -2.81 31.28 -5.97
N VAL A 527 -2.45 30.08 -5.52
CA VAL A 527 -1.07 29.75 -5.27
C VAL A 527 -0.53 28.90 -6.40
N VAL A 528 0.71 29.18 -6.80
CA VAL A 528 1.40 28.50 -7.90
C VAL A 528 2.82 28.23 -7.44
N ILE A 529 3.43 27.21 -8.00
CA ILE A 529 4.80 26.84 -7.68
C ILE A 529 5.72 27.42 -8.75
N VAL A 530 6.87 27.98 -8.34
CA VAL A 530 7.81 28.58 -9.30
C VAL A 530 9.20 27.96 -9.18
N LEU A 531 9.75 27.50 -10.30
CA LEU A 531 11.07 26.90 -10.33
C LEU A 531 12.07 27.72 -11.12
N THR A 532 13.20 28.01 -10.48
CA THR A 532 14.25 28.86 -11.05
C THR A 532 15.57 28.31 -10.62
N GLY A 533 16.66 28.84 -11.17
CA GLY A 533 17.99 28.41 -10.78
C GLY A 533 18.75 29.52 -10.06
N TRP A 534 19.96 29.19 -9.63
CA TRP A 534 20.76 30.10 -8.79
C TRP A 534 21.72 30.97 -9.62
N ARG A 535 21.96 30.57 -10.86
CA ARG A 535 22.76 31.35 -11.81
C ARG A 535 22.30 31.15 -13.27
N PRO A 536 22.76 32.02 -14.20
CA PRO A 536 22.35 31.87 -15.61
C PRO A 536 22.91 30.63 -16.28
N GLY A 537 22.22 30.22 -17.34
CA GLY A 537 22.65 29.07 -18.13
C GLY A 537 21.94 27.82 -17.67
N SER A 538 22.04 26.78 -18.51
CA SER A 538 21.40 25.49 -18.30
C SER A 538 22.05 24.64 -17.21
N GLY A 539 21.19 23.96 -16.43
CA GLY A 539 21.64 22.95 -15.47
C GLY A 539 21.68 23.35 -14.00
N PHE A 540 21.15 24.54 -13.67
CA PHE A 540 21.23 25.10 -12.34
C PHE A 540 19.92 25.25 -11.62
N THR A 541 18.86 24.60 -12.10
CA THR A 541 17.57 24.73 -11.46
C THR A 541 17.68 24.10 -10.07
N ASN A 542 17.40 24.90 -9.02
CA ASN A 542 17.59 24.44 -7.64
C ASN A 542 16.70 25.14 -6.61
N THR A 543 15.71 25.89 -7.09
CA THR A 543 14.96 26.80 -6.27
C THR A 543 13.50 26.66 -6.57
N MET A 544 12.75 26.26 -5.57
CA MET A 544 11.32 26.13 -5.63
C MET A 544 10.67 27.14 -4.69
N ARG A 545 9.81 27.99 -5.25
CA ARG A 545 9.07 28.97 -4.48
C ARG A 545 7.58 28.73 -4.61
N VAL A 546 6.86 28.89 -3.51
CA VAL A 546 5.40 28.81 -3.52
C VAL A 546 4.86 30.25 -3.44
N VAL A 547 4.22 30.70 -4.51
CA VAL A 547 3.92 32.12 -4.65
C VAL A 547 2.45 32.37 -4.97
N PRO A 548 1.87 33.43 -4.38
CA PRO A 548 0.48 33.78 -4.72
C PRO A 548 0.45 34.49 -6.06
N VAL A 549 -0.64 34.32 -6.80
CA VAL A 549 -0.78 34.95 -8.11
C VAL A 549 -1.08 36.43 -7.88
N PRO A 550 -0.30 37.34 -8.49
CA PRO A 550 -0.54 38.78 -8.29
C PRO A 550 -1.72 39.33 -9.08
N GLN B 33 6.44 -17.44 -17.85
CA GLN B 33 6.59 -17.24 -19.32
C GLN B 33 5.28 -17.51 -20.06
N THR B 34 4.25 -17.97 -19.33
CA THR B 34 2.87 -18.01 -19.84
C THR B 34 2.01 -17.12 -18.95
N GLN B 35 0.87 -16.67 -19.50
CA GLN B 35 -0.19 -16.05 -18.73
C GLN B 35 0.21 -14.73 -18.03
N GLN B 36 1.24 -14.05 -18.56
CA GLN B 36 1.79 -12.82 -17.94
C GLN B 36 2.15 -13.04 -16.49
N LEU B 37 2.71 -14.22 -16.19
CA LEU B 37 3.07 -14.54 -14.80
C LEU B 37 4.19 -13.68 -14.29
N HIS B 38 5.08 -13.24 -15.20
CA HIS B 38 6.16 -12.37 -14.81
C HIS B 38 5.60 -11.04 -14.31
N ALA B 39 4.70 -10.44 -15.09
CA ALA B 39 4.08 -9.16 -14.72
C ALA B 39 3.24 -9.34 -13.45
N ALA B 40 2.73 -10.56 -13.25
CA ALA B 40 1.85 -10.89 -12.11
C ALA B 40 2.54 -10.67 -10.74
N MET B 41 3.84 -10.90 -10.72
CA MET B 41 4.67 -10.87 -9.50
C MET B 41 5.26 -9.49 -9.17
N ALA B 42 4.93 -8.45 -9.95
CA ALA B 42 5.52 -7.12 -9.73
C ALA B 42 4.94 -6.48 -8.47
N ASP B 43 5.78 -5.72 -7.77
CA ASP B 43 5.41 -5.04 -6.50
C ASP B 43 4.60 -3.77 -6.71
N THR B 44 4.61 -3.21 -7.93
CA THR B 44 3.91 -1.95 -8.26
C THR B 44 3.10 -2.15 -9.57
N PHE B 45 2.06 -1.37 -9.79
CA PHE B 45 1.33 -1.47 -11.06
C PHE B 45 2.19 -1.02 -12.25
N LEU B 46 3.00 0.01 -12.05
CA LEU B 46 3.95 0.46 -13.09
C LEU B 46 4.88 -0.65 -13.56
N GLU B 47 5.50 -1.37 -12.63
CA GLU B 47 6.35 -2.49 -13.03
C GLU B 47 5.57 -3.64 -13.67
N HIS B 48 4.35 -3.89 -13.19
CA HIS B 48 3.44 -4.83 -13.87
C HIS B 48 3.26 -4.44 -15.34
N MET B 49 2.97 -3.17 -15.60
CA MET B 49 2.74 -2.71 -16.99
C MET B 49 4.02 -2.93 -17.79
N CYS B 50 5.18 -2.59 -17.21
CA CYS B 50 6.47 -2.69 -17.91
C CYS B 50 6.81 -4.12 -18.25
N ARG B 51 6.23 -5.09 -17.52
CA ARG B 51 6.50 -6.50 -17.78
C ARG B 51 5.52 -7.15 -18.73
N LEU B 52 4.45 -6.46 -19.11
CA LEU B 52 3.51 -7.07 -20.01
C LEU B 52 4.23 -7.52 -21.30
N ASP B 53 3.94 -8.73 -21.74
CA ASP B 53 4.78 -9.41 -22.71
C ASP B 53 3.95 -10.05 -23.80
N ILE B 54 3.99 -9.45 -25.00
CA ILE B 54 3.31 -10.03 -26.18
C ILE B 54 3.75 -11.47 -26.54
N ASP B 55 4.90 -11.90 -26.04
CA ASP B 55 5.38 -13.27 -26.24
C ASP B 55 5.07 -14.23 -25.07
N SER B 56 4.26 -13.78 -24.09
CA SER B 56 3.81 -14.63 -22.99
C SER B 56 2.38 -15.11 -23.30
N PRO B 57 2.24 -16.32 -23.88
CA PRO B 57 0.92 -16.73 -24.37
C PRO B 57 -0.06 -17.05 -23.22
N PRO B 58 -1.35 -16.67 -23.36
CA PRO B 58 -2.32 -17.02 -22.31
C PRO B 58 -2.64 -18.52 -22.24
N ILE B 59 -3.26 -18.94 -21.13
CA ILE B 59 -3.81 -20.28 -20.99
C ILE B 59 -5.01 -20.37 -21.91
N THR B 60 -5.62 -21.55 -21.98
CA THR B 60 -6.77 -21.74 -22.87
C THR B 60 -8.04 -21.03 -22.41
N ALA B 61 -8.27 -21.00 -21.10
CA ALA B 61 -9.51 -20.47 -20.53
C ALA B 61 -9.70 -18.97 -20.80
N ARG B 62 -10.87 -18.61 -21.28
CA ARG B 62 -11.28 -17.23 -21.43
C ARG B 62 -12.50 -17.08 -20.48
N ASN B 63 -12.42 -16.12 -19.58
CA ASN B 63 -13.34 -15.92 -18.44
C ASN B 63 -14.55 -14.98 -18.70
N THR B 64 -14.37 -14.04 -19.63
CA THR B 64 -15.33 -12.96 -19.87
C THR B 64 -16.41 -13.44 -20.84
N GLY B 65 -17.66 -13.41 -20.37
CA GLY B 65 -18.81 -13.78 -21.19
C GLY B 65 -18.96 -12.90 -22.43
N ILE B 66 -19.29 -13.52 -23.56
CA ILE B 66 -19.48 -12.79 -24.81
C ILE B 66 -20.97 -12.90 -25.16
N ILE B 67 -21.61 -11.74 -25.32
CA ILE B 67 -23.03 -11.63 -25.61
C ILE B 67 -23.18 -11.17 -27.04
N CYS B 68 -23.87 -11.98 -27.86
CA CYS B 68 -24.01 -11.69 -29.28
C CYS B 68 -25.45 -11.42 -29.64
N THR B 69 -25.66 -10.27 -30.28
CA THR B 69 -26.97 -9.93 -30.77
C THR B 69 -27.22 -10.70 -32.07
N ILE B 70 -28.38 -11.36 -32.15
CA ILE B 70 -28.70 -12.19 -33.31
C ILE B 70 -29.54 -11.39 -34.28
N GLY B 71 -29.27 -11.52 -35.58
CA GLY B 71 -30.10 -10.83 -36.61
C GLY B 71 -29.92 -11.54 -37.92
N PRO B 72 -30.20 -10.87 -39.05
CA PRO B 72 -30.10 -11.55 -40.35
C PRO B 72 -28.74 -12.22 -40.60
N ALA B 73 -27.66 -11.59 -40.13
CA ALA B 73 -26.32 -12.16 -40.32
C ALA B 73 -26.08 -13.49 -39.56
N SER B 74 -26.78 -13.73 -38.45
CA SER B 74 -26.34 -14.75 -37.48
C SER B 74 -27.41 -15.74 -36.99
N ARG B 75 -28.57 -15.74 -37.63
CA ARG B 75 -29.79 -16.34 -37.07
C ARG B 75 -30.08 -17.77 -37.53
N SER B 76 -29.52 -18.15 -38.67
CA SER B 76 -29.64 -19.52 -39.14
C SER B 76 -29.00 -20.51 -38.16
N VAL B 77 -29.53 -21.73 -38.11
CA VAL B 77 -28.98 -22.78 -37.27
C VAL B 77 -27.49 -23.05 -37.54
N GLU B 78 -27.10 -23.16 -38.81
CA GLU B 78 -25.69 -23.45 -39.15
C GLU B 78 -24.76 -22.33 -38.67
N THR B 79 -25.14 -21.07 -38.86
CA THR B 79 -24.27 -19.98 -38.46
C THR B 79 -24.19 -19.95 -36.96
N LEU B 80 -25.31 -20.21 -36.30
CA LEU B 80 -25.35 -20.21 -34.84
C LEU B 80 -24.46 -21.31 -34.28
N LYS B 81 -24.38 -22.44 -34.95
CA LYS B 81 -23.47 -23.48 -34.50
C LYS B 81 -22.05 -22.92 -34.47
N GLU B 82 -21.68 -22.23 -35.54
CA GLU B 82 -20.33 -21.66 -35.66
C GLU B 82 -20.10 -20.53 -34.63
N MET B 83 -21.13 -19.72 -34.39
CA MET B 83 -21.10 -18.66 -33.37
C MET B 83 -20.74 -19.25 -32.00
N ILE B 84 -21.36 -20.36 -31.64
CA ILE B 84 -21.08 -21.05 -30.37
C ILE B 84 -19.65 -21.58 -30.33
N LYS B 85 -19.22 -22.21 -31.43
CA LYS B 85 -17.84 -22.69 -31.56
C LYS B 85 -16.84 -21.52 -31.47
N SER B 86 -17.23 -20.36 -31.99
CA SER B 86 -16.36 -19.19 -31.93
C SER B 86 -16.27 -18.50 -30.57
N GLY B 87 -17.22 -18.80 -29.68
CA GLY B 87 -17.21 -18.29 -28.30
C GLY B 87 -18.45 -17.55 -27.83
N MET B 88 -19.56 -17.54 -28.58
CA MET B 88 -20.81 -16.95 -28.04
C MET B 88 -21.31 -17.72 -26.80
N ASN B 89 -21.61 -16.97 -25.73
CA ASN B 89 -22.17 -17.52 -24.49
C ASN B 89 -23.62 -17.12 -24.26
N VAL B 90 -23.99 -15.96 -24.79
CA VAL B 90 -25.32 -15.44 -24.65
C VAL B 90 -25.83 -14.90 -25.98
N ALA B 91 -27.02 -15.33 -26.35
CA ALA B 91 -27.71 -14.83 -27.53
C ALA B 91 -28.68 -13.77 -27.11
N ARG B 92 -28.46 -12.54 -27.58
CA ARG B 92 -29.29 -11.38 -27.28
C ARG B 92 -30.29 -11.14 -28.43
N LEU B 93 -31.55 -11.04 -28.07
CA LEU B 93 -32.62 -10.76 -29.01
C LEU B 93 -33.12 -9.34 -28.72
N ASN B 94 -33.00 -8.47 -29.73
CA ASN B 94 -33.40 -7.06 -29.61
C ASN B 94 -34.87 -6.92 -30.00
N PHE B 95 -35.71 -6.67 -29.00
CA PHE B 95 -37.15 -6.58 -29.23
C PHE B 95 -37.58 -5.19 -29.71
N SER B 96 -36.61 -4.32 -29.95
CA SER B 96 -36.90 -3.05 -30.61
C SER B 96 -37.54 -3.27 -31.98
N HIS B 97 -37.28 -4.41 -32.62
CA HIS B 97 -37.90 -4.75 -33.90
C HIS B 97 -38.20 -6.21 -33.87
N GLY B 98 -39.08 -6.63 -34.78
CA GLY B 98 -39.36 -8.05 -35.00
C GLY B 98 -40.63 -8.47 -34.29
N THR B 99 -41.36 -9.40 -34.91
CA THR B 99 -42.57 -9.98 -34.31
C THR B 99 -42.23 -11.08 -33.32
N HIS B 100 -43.22 -11.47 -32.54
CA HIS B 100 -43.09 -12.59 -31.62
C HIS B 100 -42.78 -13.85 -32.37
N GLU B 101 -43.50 -14.05 -33.48
CA GLU B 101 -43.24 -15.18 -34.34
C GLU B 101 -41.77 -15.22 -34.76
N TYR B 102 -41.23 -14.06 -35.13
CA TYR B 102 -39.83 -13.95 -35.58
C TYR B 102 -38.90 -14.36 -34.45
N HIS B 103 -39.08 -13.73 -33.30
CA HIS B 103 -38.21 -13.97 -32.14
C HIS B 103 -38.30 -15.40 -31.61
N ALA B 104 -39.47 -16.03 -31.75
CA ALA B 104 -39.68 -17.41 -31.31
C ALA B 104 -38.91 -18.36 -32.18
N GLU B 105 -38.84 -18.03 -33.47
CA GLU B 105 -38.04 -18.81 -34.39
C GLU B 105 -36.55 -18.60 -34.14
N THR B 106 -36.16 -17.37 -33.83
CA THR B 106 -34.75 -17.12 -33.47
C THR B 106 -34.36 -18.01 -32.27
N ILE B 107 -35.17 -17.98 -31.22
CA ILE B 107 -34.92 -18.78 -29.99
C ILE B 107 -34.89 -20.28 -30.28
N LYS B 108 -35.83 -20.75 -31.11
CA LYS B 108 -35.83 -22.15 -31.54
C LYS B 108 -34.52 -22.49 -32.24
N ASN B 109 -34.06 -21.62 -33.15
CA ASN B 109 -32.79 -21.86 -33.84
C ASN B 109 -31.57 -21.85 -32.91
N VAL B 110 -31.51 -20.90 -31.98
CA VAL B 110 -30.47 -20.91 -30.92
C VAL B 110 -30.45 -22.26 -30.20
N ARG B 111 -31.63 -22.75 -29.84
CA ARG B 111 -31.71 -24.00 -29.11
C ARG B 111 -31.34 -25.23 -29.93
N THR B 112 -31.74 -25.28 -31.19
CA THR B 112 -31.29 -26.35 -32.09
C THR B 112 -29.76 -26.37 -32.21
N ALA B 113 -29.19 -25.20 -32.44
CA ALA B 113 -27.73 -25.08 -32.52
C ALA B 113 -27.07 -25.57 -31.23
N THR B 114 -27.57 -25.09 -30.11
CA THR B 114 -26.94 -25.35 -28.80
C THR B 114 -27.05 -26.84 -28.47
N GLU B 115 -28.23 -27.42 -28.67
CA GLU B 115 -28.44 -28.83 -28.35
C GLU B 115 -27.82 -29.78 -29.37
N SER B 116 -27.30 -29.27 -30.49
CA SER B 116 -26.57 -30.16 -31.43
C SER B 116 -25.28 -30.69 -30.80
N PHE B 117 -24.87 -30.06 -29.70
CA PHE B 117 -23.65 -30.42 -28.96
C PHE B 117 -23.96 -31.19 -27.69
N ALA B 118 -25.24 -31.40 -27.40
CA ALA B 118 -25.68 -31.96 -26.12
C ALA B 118 -25.25 -33.42 -25.85
N SER B 119 -24.89 -34.17 -26.88
CA SER B 119 -24.64 -35.61 -26.74
C SER B 119 -23.44 -35.95 -25.84
N ASP B 120 -22.50 -35.00 -25.77
CA ASP B 120 -21.30 -35.10 -24.92
C ASP B 120 -21.29 -33.96 -23.90
N PRO B 121 -21.79 -34.23 -22.67
CA PRO B 121 -21.87 -33.19 -21.65
C PRO B 121 -20.51 -32.66 -21.21
N ILE B 122 -19.47 -33.45 -21.40
CA ILE B 122 -18.12 -32.99 -21.07
C ILE B 122 -17.74 -31.76 -21.90
N LEU B 123 -18.14 -31.76 -23.18
CA LEU B 123 -17.84 -30.66 -24.12
C LEU B 123 -19.00 -29.68 -24.35
N TYR B 124 -20.22 -30.05 -23.92
CA TYR B 124 -21.36 -29.18 -24.16
C TYR B 124 -21.16 -27.84 -23.48
N ARG B 125 -21.43 -26.79 -24.23
CA ARG B 125 -21.40 -25.42 -23.74
C ARG B 125 -22.83 -24.88 -23.67
N PRO B 126 -23.28 -24.50 -22.47
CA PRO B 126 -24.59 -23.88 -22.36
C PRO B 126 -24.61 -22.51 -23.03
N VAL B 127 -25.77 -22.15 -23.57
CA VAL B 127 -25.94 -20.87 -24.23
C VAL B 127 -27.20 -20.25 -23.67
N ALA B 128 -27.05 -19.04 -23.12
CA ALA B 128 -28.18 -18.31 -22.56
C ALA B 128 -28.94 -17.47 -23.61
N VAL B 129 -30.21 -17.18 -23.31
CA VAL B 129 -31.07 -16.38 -24.17
C VAL B 129 -31.46 -15.17 -23.37
N ALA B 130 -31.27 -14.00 -23.95
CA ALA B 130 -31.54 -12.71 -23.32
C ALA B 130 -32.50 -11.89 -24.16
N LEU B 131 -33.46 -11.25 -23.51
CA LEU B 131 -34.49 -10.50 -24.19
C LEU B 131 -34.26 -9.05 -23.83
N ASP B 132 -33.89 -8.24 -24.81
CA ASP B 132 -33.52 -6.85 -24.59
C ASP B 132 -34.75 -6.06 -25.05
N THR B 133 -35.34 -5.31 -24.13
CA THR B 133 -36.65 -4.72 -24.37
C THR B 133 -36.56 -3.48 -25.26
N LYS B 134 -37.64 -3.20 -25.99
CA LYS B 134 -37.75 -1.91 -26.68
C LYS B 134 -37.73 -0.76 -25.67
N GLY B 135 -38.59 -0.85 -24.67
CA GLY B 135 -38.59 0.14 -23.61
C GLY B 135 -39.34 1.39 -24.01
N PRO B 136 -39.46 2.34 -23.07
CA PRO B 136 -40.15 3.61 -23.28
C PRO B 136 -39.39 4.51 -24.23
N GLU B 137 -40.15 5.14 -25.11
CA GLU B 137 -39.61 5.92 -26.21
C GLU B 137 -40.38 7.23 -26.41
N ILE B 138 -39.64 8.25 -26.83
CA ILE B 138 -40.22 9.44 -27.39
C ILE B 138 -39.98 9.38 -28.91
N ARG B 139 -41.06 9.62 -29.65
CA ARG B 139 -41.07 9.53 -31.10
C ARG B 139 -41.72 10.77 -31.70
N THR B 140 -41.23 11.21 -32.85
CA THR B 140 -41.86 12.26 -33.65
C THR B 140 -42.93 11.63 -34.56
N GLY B 141 -43.56 12.43 -35.41
CA GLY B 141 -44.68 11.95 -36.25
C GLY B 141 -44.43 12.00 -37.74
N ALA B 157 -31.76 28.62 -37.20
CA ALA B 157 -33.14 28.53 -37.69
C ALA B 157 -34.16 28.73 -36.57
N THR B 158 -35.40 28.32 -36.82
CA THR B 158 -36.46 28.33 -35.81
C THR B 158 -37.40 27.14 -36.05
N LEU B 159 -37.83 26.51 -34.96
CA LEU B 159 -38.68 25.32 -35.03
C LEU B 159 -39.53 25.24 -33.76
N LYS B 160 -40.83 24.99 -33.93
CA LYS B 160 -41.75 24.88 -32.79
C LYS B 160 -42.13 23.42 -32.60
N ILE B 161 -42.04 22.96 -31.36
CA ILE B 161 -42.54 21.63 -30.99
C ILE B 161 -43.96 21.77 -30.43
N THR B 162 -44.90 21.08 -31.06
CA THR B 162 -46.31 21.08 -30.62
C THR B 162 -46.75 19.66 -30.25
N LEU B 163 -47.59 19.55 -29.22
CA LEU B 163 -48.19 18.28 -28.81
C LEU B 163 -49.60 18.10 -29.39
N ASP B 164 -50.04 19.10 -30.15
CA ASP B 164 -51.33 19.11 -30.83
C ASP B 164 -51.38 17.99 -31.88
N ASN B 165 -52.18 16.95 -31.60
CA ASN B 165 -52.25 15.76 -32.45
C ASN B 165 -52.88 15.95 -33.83
N ALA B 166 -53.27 17.19 -34.16
CA ALA B 166 -53.65 17.55 -35.53
C ALA B 166 -52.39 17.86 -36.35
N TYR B 167 -51.33 18.27 -35.64
CA TYR B 167 -50.00 18.44 -36.24
C TYR B 167 -49.22 17.11 -36.27
N MET B 168 -49.93 15.99 -36.08
CA MET B 168 -49.35 14.65 -35.92
C MET B 168 -48.74 14.11 -37.21
N GLU B 169 -49.48 14.25 -38.31
CA GLU B 169 -49.01 13.84 -39.62
C GLU B 169 -48.63 15.07 -40.47
N LYS B 170 -48.59 16.25 -39.83
CA LYS B 170 -48.21 17.49 -40.50
C LYS B 170 -46.87 18.05 -39.98
N CYS B 171 -45.84 17.20 -39.99
CA CYS B 171 -44.50 17.54 -39.50
C CYS B 171 -43.69 18.24 -40.57
N ASP B 172 -43.02 19.34 -40.22
CA ASP B 172 -42.19 20.10 -41.17
C ASP B 172 -41.11 20.96 -40.49
N GLU B 173 -40.47 21.85 -41.27
CA GLU B 173 -39.39 22.70 -40.75
C GLU B 173 -39.86 23.79 -39.78
N ASN B 174 -41.16 24.03 -39.68
CA ASN B 174 -41.72 24.98 -38.71
C ASN B 174 -42.42 24.29 -37.53
N ILE B 175 -43.04 23.13 -37.79
CA ILE B 175 -43.79 22.37 -36.79
C ILE B 175 -43.25 20.94 -36.62
N LEU B 176 -42.80 20.60 -35.41
CA LEU B 176 -42.47 19.19 -35.07
C LEU B 176 -43.40 18.64 -33.98
N TRP B 177 -44.14 17.59 -34.30
CA TRP B 177 -44.98 16.89 -33.32
C TRP B 177 -44.23 15.76 -32.63
N LEU B 178 -44.49 15.60 -31.33
CA LEU B 178 -43.90 14.53 -30.50
C LEU B 178 -45.01 13.77 -29.78
N ASP B 179 -44.75 12.54 -29.36
CA ASP B 179 -45.76 11.69 -28.67
C ASP B 179 -45.62 11.64 -27.15
N TYR B 180 -44.79 12.51 -26.57
CA TYR B 180 -44.56 12.57 -25.12
C TYR B 180 -45.30 13.80 -24.51
N LYS B 181 -46.50 13.57 -24.00
CA LYS B 181 -47.37 14.70 -23.57
C LYS B 181 -46.83 15.51 -22.38
N ASN B 182 -45.97 14.92 -21.54
CA ASN B 182 -45.45 15.61 -20.35
C ASN B 182 -44.13 16.33 -20.58
N ILE B 183 -43.72 16.45 -21.84
CA ILE B 183 -42.41 17.01 -22.16
C ILE B 183 -42.16 18.38 -21.52
N CYS B 184 -43.21 19.19 -21.38
CA CYS B 184 -43.12 20.55 -20.78
C CYS B 184 -42.90 20.55 -19.26
N LYS B 185 -43.46 19.57 -18.57
CA LYS B 185 -43.21 19.37 -17.14
C LYS B 185 -41.74 19.03 -16.88
N VAL B 186 -41.16 18.23 -17.79
CA VAL B 186 -39.78 17.72 -17.66
C VAL B 186 -38.66 18.68 -18.12
N VAL B 187 -38.97 19.57 -19.06
CA VAL B 187 -37.98 20.50 -19.62
C VAL B 187 -38.28 21.93 -19.17
N GLU B 188 -37.20 22.69 -18.91
CA GLU B 188 -37.28 24.12 -18.55
C GLU B 188 -36.73 24.96 -19.70
N VAL B 189 -36.80 26.29 -19.55
CA VAL B 189 -36.19 27.22 -20.51
C VAL B 189 -34.67 27.03 -20.51
N GLY B 190 -34.10 26.75 -21.68
CA GLY B 190 -32.66 26.50 -21.80
C GLY B 190 -32.29 25.04 -21.96
N SER B 191 -33.22 24.13 -21.63
CA SER B 191 -33.00 22.69 -21.79
C SER B 191 -32.77 22.31 -23.27
N LYS B 192 -31.99 21.24 -23.50
CA LYS B 192 -31.66 20.81 -24.86
C LYS B 192 -32.50 19.60 -25.25
N ILE B 193 -32.76 19.44 -26.55
CA ILE B 193 -33.54 18.31 -27.10
C ILE B 193 -32.91 17.70 -28.35
N TYR B 194 -32.54 16.43 -28.29
CA TYR B 194 -31.89 15.77 -29.42
C TYR B 194 -32.88 14.90 -30.19
N VAL B 195 -32.75 14.85 -31.52
CA VAL B 195 -33.68 14.10 -32.39
C VAL B 195 -32.96 13.15 -33.35
N ASP B 196 -33.56 11.99 -33.60
CA ASP B 196 -32.95 10.96 -34.44
C ASP B 196 -31.56 10.54 -33.92
N ASP B 197 -31.59 9.72 -32.87
CA ASP B 197 -30.38 9.26 -32.15
C ASP B 197 -29.26 10.30 -32.12
N GLY B 198 -29.58 11.51 -31.66
CA GLY B 198 -28.58 12.56 -31.46
C GLY B 198 -28.27 13.42 -32.66
N LEU B 199 -28.68 12.99 -33.85
CA LEU B 199 -28.29 13.64 -35.12
C LEU B 199 -28.58 15.14 -35.14
N ILE B 200 -29.68 15.55 -34.51
CA ILE B 200 -30.11 16.95 -34.51
C ILE B 200 -30.16 17.46 -33.06
N SER B 201 -29.91 18.76 -32.90
CA SER B 201 -29.77 19.38 -31.59
C SER B 201 -30.66 20.62 -31.52
N LEU B 202 -31.38 20.81 -30.41
CA LEU B 202 -32.25 21.98 -30.22
C LEU B 202 -32.12 22.56 -28.81
N GLN B 203 -32.51 23.83 -28.66
CA GLN B 203 -32.57 24.48 -27.35
C GLN B 203 -33.96 25.09 -27.11
N VAL B 204 -34.38 25.13 -25.85
CA VAL B 204 -35.73 25.54 -25.49
C VAL B 204 -35.78 27.02 -25.10
N ASP B 210 -48.74 24.04 -23.54
CA ASP B 210 -48.54 22.76 -24.19
C ASP B 210 -47.76 22.86 -25.51
N PHE B 211 -46.79 23.79 -25.56
CA PHE B 211 -46.01 24.08 -26.76
C PHE B 211 -44.57 24.45 -26.39
N LEU B 212 -43.65 24.38 -27.36
CA LEU B 212 -42.24 24.70 -27.11
C LEU B 212 -41.59 25.48 -28.26
N VAL B 213 -40.91 26.59 -27.92
CA VAL B 213 -40.23 27.45 -28.91
C VAL B 213 -38.70 27.21 -28.90
N THR B 214 -38.16 26.76 -30.04
CA THR B 214 -36.77 26.28 -30.10
C THR B 214 -35.96 26.69 -31.34
N GLU B 215 -34.71 27.12 -31.10
CA GLU B 215 -33.74 27.37 -32.17
C GLU B 215 -32.91 26.10 -32.45
N VAL B 216 -32.72 25.78 -33.73
CA VAL B 216 -32.04 24.55 -34.13
C VAL B 216 -30.52 24.64 -33.98
N GLU B 217 -29.98 24.02 -32.93
CA GLU B 217 -28.54 24.10 -32.59
C GLU B 217 -27.61 23.21 -33.44
N ASN B 218 -28.15 22.27 -34.21
CA ASN B 218 -27.34 21.44 -35.12
C ASN B 218 -28.21 20.75 -36.18
N GLY B 219 -28.20 21.29 -37.40
CA GLY B 219 -29.17 20.89 -38.44
C GLY B 219 -28.95 19.53 -39.08
N GLY B 220 -29.99 19.03 -39.73
CA GLY B 220 -29.90 17.77 -40.46
C GLY B 220 -31.16 17.42 -41.23
N SER B 221 -31.13 16.28 -41.93
CA SER B 221 -32.33 15.74 -42.57
C SER B 221 -33.30 15.16 -41.53
N LEU B 222 -34.46 15.78 -41.37
CA LEU B 222 -35.49 15.35 -40.39
C LEU B 222 -36.54 14.41 -41.01
N GLY B 223 -36.60 13.17 -40.51
CA GLY B 223 -37.49 12.14 -41.05
C GLY B 223 -38.73 11.88 -40.22
N SER B 224 -39.35 10.72 -40.48
CA SER B 224 -40.60 10.28 -39.84
C SER B 224 -40.35 9.30 -38.68
N LYS B 225 -41.11 9.46 -37.59
CA LYS B 225 -41.07 8.53 -36.48
C LYS B 225 -39.63 8.32 -35.94
N LYS B 226 -38.97 9.41 -35.60
CA LYS B 226 -37.59 9.36 -35.13
C LYS B 226 -37.49 9.43 -33.60
N GLY B 227 -36.47 8.74 -33.08
CA GLY B 227 -36.20 8.74 -31.64
C GLY B 227 -35.78 10.11 -31.11
N VAL B 228 -36.28 10.47 -29.94
CA VAL B 228 -35.92 11.73 -29.30
C VAL B 228 -35.31 11.47 -27.92
N ASN B 229 -34.28 12.24 -27.60
CA ASN B 229 -33.61 12.17 -26.29
C ASN B 229 -33.64 13.54 -25.62
N LEU B 230 -33.87 13.55 -24.31
CA LEU B 230 -33.92 14.76 -23.49
C LEU B 230 -32.83 14.75 -22.43
N PRO B 231 -31.61 15.13 -22.82
CA PRO B 231 -30.45 15.15 -21.91
C PRO B 231 -30.70 15.86 -20.59
N GLY B 232 -30.31 15.25 -19.48
CA GLY B 232 -30.46 15.85 -18.16
C GLY B 232 -31.87 15.85 -17.56
N ALA B 233 -32.90 15.51 -18.35
CA ALA B 233 -34.28 15.50 -17.85
C ALA B 233 -34.61 14.24 -17.03
N ALA B 234 -35.44 14.40 -16.00
CA ALA B 234 -36.10 13.28 -15.34
C ALA B 234 -37.31 12.87 -16.18
N VAL B 235 -37.08 12.03 -17.20
CA VAL B 235 -38.17 11.54 -18.07
C VAL B 235 -39.08 10.62 -17.26
N ASP B 236 -40.39 10.93 -17.24
CA ASP B 236 -41.35 10.23 -16.38
C ASP B 236 -42.27 9.26 -17.12
N LEU B 237 -41.90 8.90 -18.35
CA LEU B 237 -42.52 7.80 -19.06
C LEU B 237 -42.54 6.56 -18.15
N PRO B 238 -43.56 5.69 -18.29
CA PRO B 238 -43.62 4.48 -17.47
C PRO B 238 -42.36 3.61 -17.57
N ALA B 239 -42.04 2.92 -16.49
CA ALA B 239 -40.92 2.01 -16.44
C ALA B 239 -40.97 1.02 -17.60
N VAL B 240 -42.18 0.55 -17.92
CA VAL B 240 -42.38 -0.39 -19.01
C VAL B 240 -43.51 0.07 -19.93
N SER B 241 -43.32 -0.09 -21.23
CA SER B 241 -44.36 0.25 -22.20
C SER B 241 -45.39 -0.88 -22.34
N GLU B 242 -46.47 -0.61 -23.08
CA GLU B 242 -47.48 -1.63 -23.40
C GLU B 242 -46.85 -2.83 -24.14
N LYS B 243 -46.06 -2.51 -25.16
CA LYS B 243 -45.31 -3.53 -25.90
C LYS B 243 -44.40 -4.33 -24.97
N ASP B 244 -43.67 -3.62 -24.10
CA ASP B 244 -42.78 -4.24 -23.14
C ASP B 244 -43.55 -5.24 -22.29
N ILE B 245 -44.71 -4.83 -21.75
CA ILE B 245 -45.54 -5.76 -20.95
C ILE B 245 -45.81 -7.05 -21.73
N GLN B 246 -46.25 -6.92 -22.98
CA GLN B 246 -46.48 -8.11 -23.80
C GLN B 246 -45.17 -8.88 -24.12
N ASP B 247 -44.07 -8.18 -24.31
CA ASP B 247 -42.80 -8.85 -24.68
C ASP B 247 -42.25 -9.65 -23.48
N LEU B 248 -42.37 -9.09 -22.30
CA LEU B 248 -41.97 -9.79 -21.07
C LEU B 248 -42.80 -11.06 -20.79
N LYS B 249 -44.10 -11.03 -21.06
CA LYS B 249 -44.89 -12.24 -20.93
C LYS B 249 -44.41 -13.29 -21.92
N PHE B 250 -44.12 -12.87 -23.15
CA PHE B 250 -43.59 -13.74 -24.18
C PHE B 250 -42.26 -14.32 -23.72
N GLY B 251 -41.42 -13.48 -23.13
CA GLY B 251 -40.14 -13.91 -22.55
C GLY B 251 -40.29 -15.03 -21.54
N VAL B 252 -41.17 -14.84 -20.58
CA VAL B 252 -41.49 -15.89 -19.59
C VAL B 252 -41.97 -17.15 -20.27
N GLU B 253 -42.87 -17.03 -21.26
CA GLU B 253 -43.42 -18.21 -21.95
C GLU B 253 -42.35 -18.92 -22.71
N GLN B 254 -41.42 -18.16 -23.27
CA GLN B 254 -40.34 -18.75 -24.06
C GLN B 254 -39.16 -19.19 -23.21
N ASP B 255 -39.29 -19.04 -21.89
CA ASP B 255 -38.29 -19.52 -20.93
C ASP B 255 -36.91 -18.82 -21.11
N VAL B 256 -36.91 -17.53 -21.30
CA VAL B 256 -35.67 -16.79 -21.50
C VAL B 256 -34.89 -16.74 -20.16
N ASP B 257 -33.57 -16.57 -20.26
CA ASP B 257 -32.69 -16.61 -19.10
C ASP B 257 -32.58 -15.28 -18.40
N MET B 258 -32.78 -14.19 -19.13
CA MET B 258 -32.55 -12.88 -18.56
C MET B 258 -33.19 -11.81 -19.41
N VAL B 259 -33.41 -10.67 -18.79
CA VAL B 259 -33.98 -9.54 -19.44
C VAL B 259 -33.00 -8.38 -19.30
N PHE B 260 -32.76 -7.71 -20.42
CA PHE B 260 -32.02 -6.46 -20.44
C PHE B 260 -33.09 -5.35 -20.55
N ALA B 261 -33.41 -4.74 -19.42
CA ALA B 261 -34.53 -3.80 -19.36
C ALA B 261 -34.03 -2.41 -19.69
N SER B 262 -34.65 -1.83 -20.73
CA SER B 262 -34.19 -0.56 -21.30
C SER B 262 -34.56 0.60 -20.39
N PHE B 263 -33.67 1.58 -20.40
CA PHE B 263 -33.96 2.95 -19.99
C PHE B 263 -34.38 3.00 -18.51
N ILE B 264 -33.68 2.21 -17.68
CA ILE B 264 -33.94 2.15 -16.26
C ILE B 264 -33.36 3.40 -15.57
N ARG B 265 -34.24 4.16 -14.91
CA ARG B 265 -33.88 5.47 -14.33
C ARG B 265 -33.83 5.52 -12.81
N LYS B 266 -34.46 4.55 -12.17
CA LYS B 266 -34.61 4.53 -10.71
C LYS B 266 -34.98 3.13 -10.24
N ALA B 267 -34.87 2.89 -8.94
CA ALA B 267 -35.12 1.58 -8.35
C ALA B 267 -36.52 1.06 -8.67
N SER B 268 -37.51 1.97 -8.69
CA SER B 268 -38.90 1.59 -8.92
C SER B 268 -39.16 1.10 -10.34
N ASP B 269 -38.35 1.51 -11.32
CA ASP B 269 -38.50 0.96 -12.68
C ASP B 269 -38.14 -0.52 -12.66
N VAL B 270 -37.05 -0.86 -11.96
CA VAL B 270 -36.64 -2.25 -11.80
C VAL B 270 -37.80 -3.06 -11.15
N HIS B 271 -38.37 -2.52 -10.08
CA HIS B 271 -39.42 -3.25 -9.33
C HIS B 271 -40.58 -3.52 -10.23
N GLU B 272 -40.92 -2.54 -11.07
CA GLU B 272 -41.96 -2.72 -12.07
C GLU B 272 -41.68 -3.85 -13.03
N VAL B 273 -40.45 -3.91 -13.55
CA VAL B 273 -40.11 -4.96 -14.49
C VAL B 273 -40.26 -6.31 -13.79
N ARG B 274 -39.75 -6.37 -12.57
CA ARG B 274 -39.81 -7.55 -11.71
C ARG B 274 -41.27 -7.95 -11.49
N LYS B 275 -42.12 -6.96 -11.23
CA LYS B 275 -43.55 -7.23 -11.01
C LYS B 275 -44.19 -7.80 -12.27
N VAL B 276 -43.91 -7.20 -13.44
CA VAL B 276 -44.43 -7.72 -14.72
C VAL B 276 -44.03 -9.18 -14.98
N LEU B 277 -42.77 -9.51 -14.68
CA LEU B 277 -42.24 -10.85 -14.89
C LEU B 277 -42.91 -11.84 -13.95
N GLY B 278 -43.21 -11.36 -12.75
CA GLY B 278 -44.16 -12.05 -11.88
C GLY B 278 -43.57 -13.34 -11.39
N GLU B 279 -44.45 -14.21 -10.89
CA GLU B 279 -44.01 -15.42 -10.21
C GLU B 279 -43.43 -16.44 -11.16
N LYS B 280 -44.02 -16.54 -12.35
CA LYS B 280 -43.55 -17.55 -13.31
C LYS B 280 -42.15 -17.15 -13.78
N GLY B 281 -41.88 -15.84 -13.75
CA GLY B 281 -40.56 -15.33 -14.13
C GLY B 281 -39.63 -14.92 -13.03
N LYS B 282 -39.93 -15.31 -11.79
CA LYS B 282 -39.10 -14.93 -10.63
C LYS B 282 -37.61 -15.30 -10.74
N ASN B 283 -37.27 -16.35 -11.49
CA ASN B 283 -35.86 -16.79 -11.63
C ASN B 283 -35.12 -16.19 -12.84
N ILE B 284 -35.83 -15.37 -13.60
CA ILE B 284 -35.28 -14.66 -14.75
C ILE B 284 -34.50 -13.48 -14.20
N LYS B 285 -33.25 -13.34 -14.60
CA LYS B 285 -32.38 -12.25 -14.14
C LYS B 285 -32.73 -10.95 -14.83
N ILE B 286 -32.77 -9.87 -14.06
CA ILE B 286 -33.07 -8.55 -14.60
C ILE B 286 -31.77 -7.76 -14.58
N ILE B 287 -31.30 -7.41 -15.77
CA ILE B 287 -30.12 -6.59 -15.97
C ILE B 287 -30.60 -5.24 -16.39
N SER B 288 -30.35 -4.22 -15.56
CA SER B 288 -30.80 -2.87 -15.89
C SER B 288 -29.82 -2.17 -16.83
N LYS B 289 -30.36 -1.62 -17.93
CA LYS B 289 -29.63 -0.78 -18.88
C LYS B 289 -29.65 0.65 -18.39
N ILE B 290 -28.46 1.18 -18.11
CA ILE B 290 -28.25 2.58 -17.71
C ILE B 290 -27.91 3.38 -18.94
N GLU B 291 -28.83 4.27 -19.32
CA GLU B 291 -28.81 4.95 -20.60
C GLU B 291 -28.84 6.48 -20.54
N ASN B 292 -29.03 7.07 -19.36
CA ASN B 292 -29.17 8.52 -19.28
C ASN B 292 -28.66 9.07 -17.97
N HIS B 293 -28.74 10.39 -17.80
CA HIS B 293 -28.16 11.04 -16.63
C HIS B 293 -28.77 10.52 -15.35
N GLU B 294 -30.10 10.39 -15.32
CA GLU B 294 -30.79 10.06 -14.08
C GLU B 294 -30.39 8.68 -13.59
N GLY B 295 -30.37 7.70 -14.50
CA GLY B 295 -29.89 6.35 -14.21
C GLY B 295 -28.47 6.30 -13.65
N VAL B 296 -27.59 7.15 -14.18
CA VAL B 296 -26.23 7.23 -13.64
C VAL B 296 -26.25 7.80 -12.23
N ARG B 297 -26.99 8.89 -12.06
CA ARG B 297 -27.05 9.57 -10.76
C ARG B 297 -27.69 8.71 -9.68
N ARG B 298 -28.71 7.93 -10.06
CA ARG B 298 -29.41 7.04 -9.12
C ARG B 298 -28.92 5.61 -9.22
N PHE B 299 -27.65 5.47 -9.62
CA PHE B 299 -27.10 4.16 -9.87
C PHE B 299 -27.20 3.23 -8.68
N ASP B 300 -26.88 3.70 -7.48
CA ASP B 300 -26.78 2.79 -6.31
C ASP B 300 -28.10 2.10 -6.01
N GLU B 301 -29.20 2.84 -6.14
CA GLU B 301 -30.53 2.26 -5.89
C GLU B 301 -30.93 1.28 -7.00
N ILE B 302 -30.56 1.59 -8.25
CA ILE B 302 -30.84 0.67 -9.34
C ILE B 302 -30.10 -0.66 -9.16
N LEU B 303 -28.81 -0.56 -8.85
CA LEU B 303 -27.96 -1.71 -8.66
C LEU B 303 -28.50 -2.62 -7.55
N GLU B 304 -28.87 -2.00 -6.44
CA GLU B 304 -29.39 -2.79 -5.30
C GLU B 304 -30.63 -3.59 -5.74
N ALA B 305 -31.52 -2.99 -6.52
CA ALA B 305 -32.76 -3.68 -6.97
C ALA B 305 -32.56 -4.66 -8.11
N SER B 306 -31.43 -4.55 -8.83
CA SER B 306 -31.18 -5.37 -10.04
C SER B 306 -30.39 -6.65 -9.78
N ASP B 307 -30.46 -7.58 -10.73
CA ASP B 307 -29.57 -8.73 -10.76
C ASP B 307 -28.20 -8.38 -11.37
N GLY B 308 -28.18 -7.35 -12.20
CA GLY B 308 -26.94 -6.84 -12.76
C GLY B 308 -27.21 -5.65 -13.64
N ILE B 309 -26.17 -5.19 -14.33
CA ILE B 309 -26.20 -3.88 -15.01
C ILE B 309 -25.64 -3.99 -16.43
N MET B 310 -26.20 -3.23 -17.36
CA MET B 310 -25.55 -2.99 -18.65
C MET B 310 -25.19 -1.52 -18.76
N VAL B 311 -23.92 -1.26 -19.04
CA VAL B 311 -23.46 0.07 -19.43
C VAL B 311 -23.85 0.25 -20.88
N ALA B 312 -25.04 0.82 -21.12
CA ALA B 312 -25.59 0.99 -22.46
C ALA B 312 -25.00 2.25 -23.10
N ARG B 313 -23.73 2.15 -23.53
CA ARG B 313 -22.95 3.31 -23.99
C ARG B 313 -23.54 4.04 -25.20
N GLY B 314 -24.24 3.31 -26.07
CA GLY B 314 -24.86 3.89 -27.28
C GLY B 314 -25.77 5.02 -26.83
N ASP B 315 -26.79 4.65 -26.06
CA ASP B 315 -27.76 5.64 -25.59
C ASP B 315 -27.08 6.60 -24.61
N LEU B 316 -26.17 6.11 -23.76
CA LEU B 316 -25.53 6.99 -22.81
C LEU B 316 -24.80 8.19 -23.48
N GLY B 317 -24.06 7.93 -24.55
CA GLY B 317 -23.33 8.98 -25.28
C GLY B 317 -24.18 9.92 -26.15
N ILE B 318 -25.49 9.65 -26.28
CA ILE B 318 -26.47 10.62 -26.82
C ILE B 318 -26.94 11.51 -25.68
N GLU B 319 -27.20 10.91 -24.53
CA GLU B 319 -27.73 11.63 -23.36
C GLU B 319 -26.71 12.44 -22.56
N ILE B 320 -25.49 11.92 -22.41
CA ILE B 320 -24.44 12.65 -21.74
C ILE B 320 -23.34 12.98 -22.77
N PRO B 321 -22.56 14.03 -22.51
CA PRO B 321 -21.41 14.31 -23.37
C PRO B 321 -20.57 13.06 -23.61
N ALA B 322 -20.26 12.81 -24.89
CA ALA B 322 -19.55 11.64 -25.33
C ALA B 322 -18.21 11.48 -24.62
N GLU B 323 -17.55 12.60 -24.34
CA GLU B 323 -16.27 12.57 -23.62
C GLU B 323 -16.39 12.13 -22.15
N LYS B 324 -17.60 12.02 -21.62
CA LYS B 324 -17.80 11.58 -20.25
C LYS B 324 -18.23 10.13 -20.12
N VAL B 325 -18.46 9.45 -21.24
CA VAL B 325 -19.02 8.08 -21.16
C VAL B 325 -18.02 7.17 -20.42
N PHE B 326 -16.71 7.35 -20.63
CA PHE B 326 -15.73 6.46 -20.00
C PHE B 326 -15.75 6.55 -18.46
N LEU B 327 -16.13 7.72 -17.94
CA LEU B 327 -16.24 7.95 -16.52
C LEU B 327 -17.36 7.09 -15.94
N ALA B 328 -18.47 7.12 -16.66
CA ALA B 328 -19.66 6.44 -16.27
C ALA B 328 -19.45 4.93 -16.38
N GLN B 329 -18.83 4.51 -17.46
CA GLN B 329 -18.41 3.12 -17.59
C GLN B 329 -17.52 2.65 -16.42
N LYS B 330 -16.50 3.43 -16.09
CA LYS B 330 -15.55 2.99 -15.03
C LYS B 330 -16.18 3.00 -13.62
N MET B 331 -17.06 3.97 -13.39
CA MET B 331 -17.79 4.06 -12.12
C MET B 331 -18.71 2.87 -11.93
N MET B 332 -19.50 2.57 -12.95
CA MET B 332 -20.46 1.46 -12.89
C MET B 332 -19.78 0.11 -12.79
N ILE B 333 -18.73 -0.11 -13.57
CA ILE B 333 -17.97 -1.35 -13.45
C ILE B 333 -17.37 -1.51 -12.02
N GLY B 334 -16.75 -0.48 -11.46
CA GLY B 334 -16.20 -0.55 -10.09
C GLY B 334 -17.30 -0.81 -9.07
N ARG B 335 -18.42 -0.10 -9.17
CA ARG B 335 -19.52 -0.31 -8.20
C ARG B 335 -20.13 -1.69 -8.32
N CYS B 336 -20.28 -2.20 -9.53
CA CYS B 336 -20.75 -3.57 -9.71
C CYS B 336 -19.76 -4.58 -9.16
N ASN B 337 -18.47 -4.33 -9.40
CA ASN B 337 -17.43 -5.21 -8.85
C ASN B 337 -17.44 -5.22 -7.30
N ARG B 338 -17.59 -4.06 -6.71
CA ARG B 338 -17.70 -3.91 -5.25
C ARG B 338 -18.96 -4.64 -4.71
N ALA B 339 -20.10 -4.56 -5.41
CA ALA B 339 -21.33 -5.28 -5.00
C ALA B 339 -21.33 -6.76 -5.37
N GLY B 340 -20.44 -7.19 -6.23
CA GLY B 340 -20.51 -8.57 -6.73
C GLY B 340 -21.62 -8.88 -7.71
N LYS B 341 -22.11 -7.85 -8.41
CA LYS B 341 -23.19 -8.06 -9.36
C LYS B 341 -22.62 -7.91 -10.78
N PRO B 342 -23.09 -8.72 -11.70
CA PRO B 342 -22.54 -8.72 -13.06
C PRO B 342 -22.74 -7.39 -13.80
N VAL B 343 -21.70 -6.97 -14.55
CA VAL B 343 -21.78 -5.78 -15.39
C VAL B 343 -21.37 -6.14 -16.86
N ILE B 344 -22.13 -5.62 -17.81
CA ILE B 344 -21.93 -5.86 -19.22
C ILE B 344 -21.46 -4.54 -19.83
N CYS B 345 -20.39 -4.57 -20.62
CA CYS B 345 -20.01 -3.40 -21.44
C CYS B 345 -20.58 -3.60 -22.83
N ALA B 346 -21.27 -2.57 -23.33
CA ALA B 346 -22.01 -2.64 -24.59
C ALA B 346 -21.75 -1.44 -25.50
N THR B 347 -21.92 -1.69 -26.81
CA THR B 347 -22.08 -0.70 -27.90
C THR B 347 -20.78 -0.36 -28.64
N GLN B 348 -20.73 -0.72 -29.92
CA GLN B 348 -19.64 -0.31 -30.83
C GLN B 348 -18.23 -0.80 -30.44
N MET B 349 -18.18 -1.90 -29.70
CA MET B 349 -16.91 -2.44 -29.22
C MET B 349 -15.97 -2.84 -30.37
N LEU B 350 -16.56 -3.43 -31.41
CA LEU B 350 -15.83 -3.82 -32.62
C LEU B 350 -16.54 -3.29 -33.87
N GLU B 351 -17.00 -2.05 -33.81
CA GLU B 351 -17.98 -1.56 -34.77
C GLU B 351 -17.52 -1.65 -36.23
N SER B 352 -16.26 -1.34 -36.52
CA SER B 352 -15.77 -1.39 -37.88
C SER B 352 -15.89 -2.78 -38.50
N MET B 353 -15.93 -3.83 -37.65
CA MET B 353 -16.09 -5.19 -38.16
C MET B 353 -17.45 -5.48 -38.79
N ILE B 354 -18.40 -4.55 -38.71
CA ILE B 354 -19.63 -4.68 -39.49
C ILE B 354 -19.27 -4.78 -40.99
N LYS B 355 -18.28 -3.99 -41.40
CA LYS B 355 -17.84 -3.89 -42.80
C LYS B 355 -16.53 -4.58 -43.10
N LYS B 356 -15.68 -4.75 -42.07
CA LYS B 356 -14.29 -5.17 -42.25
C LYS B 356 -13.94 -6.40 -41.44
N PRO B 357 -13.02 -7.25 -41.97
CA PRO B 357 -12.67 -8.50 -41.28
C PRO B 357 -11.72 -8.37 -40.09
N ARG B 358 -11.13 -7.19 -39.88
CA ARG B 358 -10.23 -6.92 -38.75
C ARG B 358 -10.76 -5.64 -38.11
N PRO B 359 -10.63 -5.48 -36.77
CA PRO B 359 -11.09 -4.28 -36.09
C PRO B 359 -10.08 -3.12 -36.16
N THR B 360 -10.49 -1.91 -35.81
CA THR B 360 -9.52 -0.80 -35.65
C THR B 360 -8.71 -0.97 -34.36
N ARG B 361 -7.63 -0.20 -34.23
CA ARG B 361 -6.78 -0.21 -33.02
C ARG B 361 -7.52 0.29 -31.79
N ALA B 362 -8.41 1.27 -31.99
CA ALA B 362 -9.24 1.74 -30.88
C ALA B 362 -10.24 0.68 -30.39
N GLU B 363 -10.75 -0.13 -31.31
CA GLU B 363 -11.72 -1.19 -30.95
C GLU B 363 -11.02 -2.31 -30.16
N GLY B 364 -9.82 -2.68 -30.61
CA GLY B 364 -8.98 -3.68 -29.90
C GLY B 364 -8.74 -3.25 -28.48
N SER B 365 -8.40 -1.97 -28.33
CA SER B 365 -8.12 -1.34 -27.06
C SER B 365 -9.39 -1.29 -26.17
N ASP B 366 -10.53 -0.95 -26.77
CA ASP B 366 -11.77 -0.87 -26.02
C ASP B 366 -12.13 -2.20 -25.38
N VAL B 367 -12.04 -3.29 -26.13
CA VAL B 367 -12.40 -4.57 -25.60
C VAL B 367 -11.46 -4.93 -24.45
N ALA B 368 -10.17 -4.72 -24.65
CA ALA B 368 -9.19 -5.08 -23.66
C ALA B 368 -9.44 -4.27 -22.38
N ASN B 369 -9.69 -2.98 -22.57
CA ASN B 369 -9.82 -2.09 -21.43
C ASN B 369 -11.11 -2.33 -20.65
N ALA B 370 -12.16 -2.78 -21.33
CA ALA B 370 -13.39 -3.20 -20.63
C ALA B 370 -13.09 -4.35 -19.67
N VAL B 371 -12.31 -5.32 -20.16
CA VAL B 371 -11.91 -6.46 -19.34
C VAL B 371 -11.05 -6.03 -18.17
N LEU B 372 -10.02 -5.21 -18.44
CA LEU B 372 -9.15 -4.71 -17.38
C LEU B 372 -9.88 -3.85 -16.34
N ASP B 373 -10.88 -3.10 -16.79
CA ASP B 373 -11.77 -2.33 -15.91
C ASP B 373 -12.52 -3.23 -14.89
N GLY B 374 -12.91 -4.43 -15.31
CA GLY B 374 -13.64 -5.40 -14.48
C GLY B 374 -14.96 -5.93 -15.02
N ALA B 375 -15.28 -5.62 -16.29
CA ALA B 375 -16.54 -6.02 -16.88
C ALA B 375 -16.70 -7.54 -16.89
N ASP B 376 -17.86 -8.03 -16.49
CA ASP B 376 -18.07 -9.49 -16.45
C ASP B 376 -18.30 -10.00 -17.86
N CYS B 377 -18.95 -9.21 -18.68
CA CYS B 377 -19.33 -9.57 -20.05
C CYS B 377 -19.05 -8.40 -20.98
N ILE B 378 -18.83 -8.73 -22.23
CA ILE B 378 -18.66 -7.76 -23.31
C ILE B 378 -19.65 -8.18 -24.40
N MET B 379 -20.12 -7.22 -25.17
CA MET B 379 -21.26 -7.42 -26.05
C MET B 379 -20.97 -6.97 -27.48
N LEU B 380 -21.70 -7.59 -28.39
CA LEU B 380 -21.73 -7.28 -29.80
C LEU B 380 -23.17 -7.06 -30.25
N SER B 381 -23.40 -5.99 -30.98
CA SER B 381 -24.70 -5.63 -31.49
C SER B 381 -24.70 -5.81 -33.03
N GLY B 382 -24.64 -4.73 -33.81
CA GLY B 382 -24.56 -4.82 -35.30
C GLY B 382 -23.49 -5.78 -35.85
N GLU B 383 -22.37 -5.85 -35.16
CA GLU B 383 -21.26 -6.74 -35.57
C GLU B 383 -21.68 -8.19 -35.78
N THR B 384 -22.64 -8.67 -34.95
CA THR B 384 -23.15 -10.03 -35.07
C THR B 384 -24.58 -10.08 -35.61
N ALA B 385 -25.36 -9.02 -35.45
CA ALA B 385 -26.75 -8.99 -35.91
C ALA B 385 -26.82 -8.86 -37.43
N LYS B 386 -26.01 -7.96 -37.98
CA LYS B 386 -26.13 -7.52 -39.38
C LYS B 386 -24.86 -7.55 -40.21
N GLY B 387 -23.70 -7.67 -39.57
CA GLY B 387 -22.45 -7.40 -40.25
C GLY B 387 -22.01 -8.53 -41.15
N ASP B 388 -20.97 -8.25 -41.93
CA ASP B 388 -20.43 -9.21 -42.88
C ASP B 388 -19.51 -10.21 -42.25
N TYR B 389 -19.06 -9.94 -41.02
CA TYR B 389 -18.08 -10.78 -40.36
C TYR B 389 -18.45 -11.16 -38.91
N PRO B 390 -19.66 -11.74 -38.70
CA PRO B 390 -20.09 -12.06 -37.33
C PRO B 390 -19.13 -13.02 -36.61
N LEU B 391 -18.71 -14.08 -37.29
CA LEU B 391 -17.85 -15.07 -36.65
C LEU B 391 -16.51 -14.49 -36.26
N GLU B 392 -15.96 -13.67 -37.14
CA GLU B 392 -14.68 -13.04 -36.90
C GLU B 392 -14.79 -12.07 -35.72
N ALA B 393 -15.92 -11.37 -35.60
CA ALA B 393 -16.16 -10.46 -34.48
C ALA B 393 -16.17 -11.24 -33.15
N VAL B 394 -16.84 -12.39 -33.14
CA VAL B 394 -16.94 -13.20 -31.91
C VAL B 394 -15.54 -13.73 -31.55
N ARG B 395 -14.82 -14.24 -32.55
CA ARG B 395 -13.44 -14.73 -32.34
C ARG B 395 -12.51 -13.66 -31.81
N MET B 396 -12.63 -12.44 -32.30
CA MET B 396 -11.74 -11.36 -31.85
C MET B 396 -12.01 -10.92 -30.41
N GLN B 397 -13.28 -10.86 -30.01
CA GLN B 397 -13.59 -10.64 -28.59
C GLN B 397 -13.02 -11.73 -27.69
N HIS B 398 -13.09 -12.99 -28.13
CA HIS B 398 -12.51 -14.13 -27.40
C HIS B 398 -11.00 -13.97 -27.22
N LEU B 399 -10.30 -13.63 -28.31
CA LEU B 399 -8.84 -13.50 -28.29
C LEU B 399 -8.42 -12.36 -27.43
N ILE B 400 -9.06 -11.20 -27.59
CA ILE B 400 -8.67 -10.05 -26.78
C ILE B 400 -8.99 -10.32 -25.32
N ALA B 401 -10.19 -10.85 -25.05
CA ALA B 401 -10.61 -11.05 -23.63
C ALA B 401 -9.63 -11.93 -22.95
N ARG B 402 -9.27 -13.02 -23.61
CA ARG B 402 -8.32 -13.93 -23.02
C ARG B 402 -6.95 -13.28 -22.73
N GLU B 403 -6.42 -12.49 -23.68
CA GLU B 403 -5.15 -11.77 -23.40
C GLU B 403 -5.29 -10.81 -22.22
N ALA B 404 -6.43 -10.12 -22.17
CA ALA B 404 -6.64 -9.09 -21.17
C ALA B 404 -6.73 -9.71 -19.80
N GLU B 405 -7.44 -10.83 -19.71
CA GLU B 405 -7.58 -11.54 -18.43
C GLU B 405 -6.23 -11.97 -17.83
N ALA B 406 -5.26 -12.35 -18.68
CA ALA B 406 -3.90 -12.70 -18.22
C ALA B 406 -3.13 -11.47 -17.73
N ALA B 407 -3.47 -10.31 -18.29
CA ALA B 407 -2.79 -9.06 -18.02
C ALA B 407 -3.33 -8.37 -16.76
N ILE B 408 -4.39 -8.91 -16.15
CA ILE B 408 -4.96 -8.33 -14.95
C ILE B 408 -3.91 -8.32 -13.82
N TYR B 409 -3.87 -7.26 -13.03
CA TYR B 409 -2.96 -7.18 -11.88
C TYR B 409 -3.63 -7.76 -10.64
N HIS B 410 -3.72 -9.09 -10.59
CA HIS B 410 -4.52 -9.73 -9.52
C HIS B 410 -4.04 -9.39 -8.11
N LEU B 411 -2.76 -9.10 -7.96
CA LEU B 411 -2.15 -8.86 -6.64
C LEU B 411 -2.87 -7.69 -5.98
N GLN B 412 -3.02 -6.57 -6.67
CA GLN B 412 -3.67 -5.43 -6.07
C GLN B 412 -5.17 -5.62 -6.07
N LEU B 413 -5.67 -6.24 -7.13
CA LEU B 413 -7.09 -6.38 -7.31
C LEU B 413 -7.71 -7.21 -6.18
N PHE B 414 -7.15 -8.38 -5.93
CA PHE B 414 -7.63 -9.23 -4.84
C PHE B 414 -7.41 -8.59 -3.46
N GLU B 415 -6.28 -7.93 -3.29
CA GLU B 415 -5.98 -7.26 -2.02
C GLU B 415 -7.06 -6.21 -1.73
N GLU B 416 -7.44 -5.42 -2.75
CA GLU B 416 -8.51 -4.42 -2.59
C GLU B 416 -9.90 -5.02 -2.39
N LEU B 417 -10.23 -6.07 -3.15
CA LEU B 417 -11.52 -6.76 -2.96
C LEU B 417 -11.60 -7.37 -1.53
N ARG B 418 -10.51 -7.93 -1.02
CA ARG B 418 -10.36 -8.32 0.42
C ARG B 418 -10.74 -7.14 1.34
N ARG B 419 -9.90 -6.09 1.30
CA ARG B 419 -10.04 -4.87 2.12
C ARG B 419 -11.44 -4.29 2.15
N LEU B 420 -12.12 -4.28 1.01
CA LEU B 420 -13.45 -3.69 0.96
C LEU B 420 -14.54 -4.74 1.32
N ALA B 421 -14.15 -6.01 1.42
CA ALA B 421 -15.06 -7.13 1.73
C ALA B 421 -15.66 -6.99 3.14
N PRO B 422 -17.00 -6.78 3.25
CA PRO B 422 -17.63 -6.77 4.58
C PRO B 422 -17.39 -8.05 5.40
N ILE B 423 -17.12 -7.88 6.70
CA ILE B 423 -17.06 -9.01 7.63
C ILE B 423 -18.52 -9.36 7.95
N THR B 424 -18.89 -10.60 7.62
CA THR B 424 -20.22 -11.13 7.91
C THR B 424 -20.03 -12.53 8.46
N SER B 425 -21.09 -13.06 9.06
CA SER B 425 -21.07 -14.42 9.60
C SER B 425 -21.50 -15.43 8.52
N ASP B 426 -21.80 -14.96 7.31
CA ASP B 426 -22.13 -15.88 6.22
C ASP B 426 -20.97 -16.86 5.92
N PRO B 427 -21.21 -18.19 6.08
CA PRO B 427 -20.23 -19.25 5.82
C PRO B 427 -19.85 -19.39 4.37
N THR B 428 -20.82 -19.20 3.47
CA THR B 428 -20.56 -19.33 2.05
C THR B 428 -19.56 -18.24 1.58
N GLU B 429 -19.65 -17.03 2.14
CA GLU B 429 -18.77 -15.93 1.74
C GLU B 429 -17.35 -16.18 2.21
N ALA B 430 -17.21 -16.57 3.48
CA ALA B 430 -15.91 -16.96 4.04
C ALA B 430 -15.25 -18.12 3.26
N THR B 431 -16.06 -19.09 2.85
CA THR B 431 -15.56 -20.24 2.10
C THR B 431 -15.05 -19.80 0.73
N ALA B 432 -15.83 -18.93 0.07
CA ALA B 432 -15.46 -18.37 -1.24
C ALA B 432 -14.14 -17.62 -1.17
N VAL B 433 -13.95 -16.72 -0.18
CA VAL B 433 -12.72 -15.95 -0.13
C VAL B 433 -11.54 -16.85 0.18
N GLY B 434 -11.74 -17.84 1.04
CA GLY B 434 -10.73 -18.80 1.33
C GLY B 434 -10.30 -19.60 0.13
N ALA B 435 -11.27 -19.99 -0.68
CA ALA B 435 -11.00 -20.76 -1.89
C ALA B 435 -10.20 -19.91 -2.89
N VAL B 436 -10.50 -18.62 -2.97
CA VAL B 436 -9.75 -17.76 -3.92
C VAL B 436 -8.34 -17.50 -3.39
N GLU B 437 -8.20 -17.22 -2.11
CA GLU B 437 -6.88 -17.09 -1.52
C GLU B 437 -6.07 -18.37 -1.74
N ALA B 438 -6.67 -19.53 -1.48
CA ALA B 438 -5.98 -20.80 -1.70
C ALA B 438 -5.56 -20.98 -3.17
N SER B 439 -6.40 -20.54 -4.10
CA SER B 439 -6.10 -20.77 -5.50
C SER B 439 -4.91 -19.94 -5.94
N PHE B 440 -4.72 -18.74 -5.39
CA PHE B 440 -3.52 -17.93 -5.71
C PHE B 440 -2.29 -18.57 -5.06
N LYS B 441 -2.42 -18.97 -3.80
CA LYS B 441 -1.30 -19.57 -3.07
C LYS B 441 -0.69 -20.78 -3.76
N CYS B 442 -1.53 -21.63 -4.38
CA CYS B 442 -1.01 -22.82 -5.06
C CYS B 442 -1.09 -22.81 -6.59
N CYS B 443 -1.41 -21.65 -7.18
CA CYS B 443 -1.63 -21.50 -8.62
C CYS B 443 -2.50 -22.64 -9.17
N SER B 444 -3.66 -22.86 -8.55
CA SER B 444 -4.53 -23.97 -8.96
C SER B 444 -5.01 -23.87 -10.42
N GLY B 445 -5.26 -25.03 -11.01
CA GLY B 445 -5.82 -25.10 -12.37
C GLY B 445 -7.27 -24.67 -12.51
N ALA B 446 -8.00 -24.62 -11.39
CA ALA B 446 -9.40 -24.29 -11.43
C ALA B 446 -9.94 -24.19 -10.03
N ILE B 447 -11.11 -23.61 -9.92
CA ILE B 447 -11.89 -23.72 -8.71
C ILE B 447 -13.21 -24.34 -9.15
N ILE B 448 -13.48 -25.55 -8.65
CA ILE B 448 -14.66 -26.36 -8.97
C ILE B 448 -15.70 -26.06 -7.91
N VAL B 449 -16.87 -25.63 -8.34
CA VAL B 449 -17.93 -25.30 -7.43
C VAL B 449 -19.24 -26.04 -7.81
N LEU B 450 -19.76 -26.80 -6.85
CA LEU B 450 -21.08 -27.40 -6.96
C LEU B 450 -22.12 -26.33 -6.63
N THR B 451 -23.08 -26.15 -7.50
CA THR B 451 -24.05 -25.07 -7.28
C THR B 451 -25.37 -25.42 -7.92
N LYS B 452 -26.45 -25.17 -7.18
CA LYS B 452 -27.80 -25.42 -7.69
C LYS B 452 -28.35 -24.19 -8.35
N SER B 453 -28.22 -23.07 -7.66
CA SER B 453 -28.79 -21.81 -8.09
C SER B 453 -27.74 -20.91 -8.77
N GLY B 454 -26.47 -21.29 -8.68
CA GLY B 454 -25.38 -20.44 -9.14
C GLY B 454 -24.70 -19.61 -8.07
N ARG B 455 -25.38 -19.32 -6.96
CA ARG B 455 -24.95 -18.32 -6.00
C ARG B 455 -23.55 -18.59 -5.45
N SER B 456 -23.24 -19.86 -5.15
CA SER B 456 -21.92 -20.22 -4.58
C SER B 456 -20.79 -19.84 -5.55
N ALA B 457 -21.00 -20.09 -6.83
CA ALA B 457 -19.98 -19.76 -7.87
C ALA B 457 -19.90 -18.27 -8.12
N HIS B 458 -21.02 -17.57 -7.99
CA HIS B 458 -21.04 -16.10 -8.07
C HIS B 458 -20.19 -15.50 -6.96
N GLN B 459 -20.33 -16.05 -5.75
CA GLN B 459 -19.58 -15.58 -4.59
C GLN B 459 -18.05 -15.74 -4.75
N VAL B 460 -17.62 -16.82 -5.40
CA VAL B 460 -16.23 -16.99 -5.80
C VAL B 460 -15.80 -15.96 -6.87
N ALA B 461 -16.64 -15.80 -7.90
CA ALA B 461 -16.32 -14.92 -9.05
C ALA B 461 -16.02 -13.50 -8.61
N ARG B 462 -16.73 -13.02 -7.61
CA ARG B 462 -16.57 -11.62 -7.19
C ARG B 462 -15.21 -11.32 -6.63
N TYR B 463 -14.45 -12.32 -6.20
CA TYR B 463 -13.08 -12.08 -5.72
C TYR B 463 -12.04 -12.23 -6.81
N ARG B 464 -12.53 -12.48 -8.03
CA ARG B 464 -11.68 -12.45 -9.22
C ARG B 464 -10.43 -13.33 -9.17
N PRO B 465 -10.59 -14.66 -9.01
CA PRO B 465 -9.41 -15.52 -9.15
C PRO B 465 -8.89 -15.50 -10.58
N ARG B 466 -7.62 -15.86 -10.76
CA ARG B 466 -7.06 -16.11 -12.09
CA ARG B 466 -7.06 -16.11 -12.09
C ARG B 466 -7.56 -17.46 -12.62
N ALA B 467 -7.66 -18.44 -11.74
CA ALA B 467 -8.04 -19.81 -12.08
C ALA B 467 -9.49 -19.83 -12.55
N PRO B 468 -9.83 -20.59 -13.63
CA PRO B 468 -11.23 -20.65 -14.03
C PRO B 468 -12.10 -21.33 -12.97
N ILE B 469 -13.36 -20.90 -12.86
CA ILE B 469 -14.33 -21.40 -11.86
C ILE B 469 -15.23 -22.38 -12.61
N ILE B 470 -15.03 -23.69 -12.42
CA ILE B 470 -15.88 -24.67 -13.10
C ILE B 470 -17.12 -24.87 -12.23
N ALA B 471 -18.25 -24.32 -12.67
CA ALA B 471 -19.49 -24.42 -11.91
C ALA B 471 -20.27 -25.61 -12.44
N VAL B 472 -20.35 -26.66 -11.63
CA VAL B 472 -21.06 -27.89 -11.97
C VAL B 472 -22.46 -27.83 -11.38
N THR B 473 -23.46 -27.96 -12.26
CA THR B 473 -24.85 -27.89 -11.88
C THR B 473 -25.69 -28.88 -12.69
N ARG B 474 -26.82 -29.28 -12.11
CA ARG B 474 -27.86 -30.07 -12.81
C ARG B 474 -28.98 -29.18 -13.26
N ASN B 475 -28.95 -27.92 -12.85
CA ASN B 475 -30.00 -26.99 -13.23
C ASN B 475 -29.61 -26.31 -14.57
N PRO B 476 -30.35 -26.62 -15.67
CA PRO B 476 -29.98 -26.06 -17.00
C PRO B 476 -30.00 -24.53 -17.03
N GLN B 477 -30.99 -23.90 -16.40
CA GLN B 477 -31.06 -22.44 -16.33
C GLN B 477 -29.87 -21.80 -15.57
N THR B 478 -29.50 -22.41 -14.43
CA THR B 478 -28.28 -21.99 -13.71
C THR B 478 -27.07 -22.05 -14.63
N ALA B 479 -26.98 -23.11 -15.45
CA ALA B 479 -25.83 -23.29 -16.33
C ALA B 479 -25.78 -22.17 -17.39
N ARG B 480 -26.96 -21.75 -17.86
CA ARG B 480 -27.05 -20.66 -18.81
C ARG B 480 -26.76 -19.30 -18.14
N GLN B 481 -27.34 -19.07 -16.97
CA GLN B 481 -27.24 -17.75 -16.29
C GLN B 481 -25.84 -17.41 -15.78
N ALA B 482 -25.04 -18.45 -15.54
CA ALA B 482 -23.70 -18.35 -14.99
C ALA B 482 -22.73 -17.63 -15.92
N HIS B 483 -23.04 -17.61 -17.23
CA HIS B 483 -22.26 -16.84 -18.20
C HIS B 483 -22.18 -15.32 -17.90
N LEU B 484 -23.13 -14.81 -17.15
CA LEU B 484 -23.08 -13.41 -16.72
C LEU B 484 -21.87 -13.08 -15.80
N TYR B 485 -21.23 -14.07 -15.19
CA TYR B 485 -20.19 -13.82 -14.18
C TYR B 485 -18.79 -14.12 -14.69
N ARG B 486 -17.91 -13.14 -14.64
CA ARG B 486 -16.51 -13.34 -14.97
C ARG B 486 -15.92 -14.55 -14.26
N GLY B 487 -15.25 -15.35 -15.07
CA GLY B 487 -14.52 -16.49 -14.57
C GLY B 487 -15.32 -17.77 -14.55
N ILE B 488 -16.65 -17.70 -14.64
CA ILE B 488 -17.45 -18.92 -14.51
C ILE B 488 -17.55 -19.62 -15.88
N PHE B 489 -17.19 -20.90 -15.85
CA PHE B 489 -17.28 -21.79 -16.95
C PHE B 489 -18.33 -22.83 -16.49
N PRO B 490 -19.57 -22.69 -16.96
CA PRO B 490 -20.62 -23.55 -16.42
C PRO B 490 -20.68 -24.90 -17.12
N VAL B 491 -20.84 -25.97 -16.34
CA VAL B 491 -21.04 -27.30 -16.93
C VAL B 491 -22.31 -27.95 -16.37
N LEU B 492 -23.11 -28.53 -17.27
CA LEU B 492 -24.40 -29.11 -16.94
C LEU B 492 -24.22 -30.61 -16.79
N CYS B 493 -24.27 -31.09 -15.55
CA CYS B 493 -24.17 -32.52 -15.30
C CYS B 493 -25.51 -33.17 -15.58
N LYS B 494 -25.49 -34.19 -16.44
CA LYS B 494 -26.69 -34.94 -16.85
C LYS B 494 -26.80 -36.34 -16.21
N ASP B 495 -25.76 -36.78 -15.50
CA ASP B 495 -25.77 -38.09 -14.80
C ASP B 495 -26.90 -38.19 -13.75
N PRO B 496 -27.48 -39.40 -13.55
CA PRO B 496 -28.55 -39.53 -12.54
C PRO B 496 -28.07 -39.25 -11.12
N VAL B 497 -29.01 -38.82 -10.28
CA VAL B 497 -28.73 -38.56 -8.89
C VAL B 497 -28.45 -39.89 -8.18
N GLN B 498 -27.21 -40.10 -7.72
CA GLN B 498 -26.86 -41.33 -7.03
C GLN B 498 -27.60 -41.36 -5.70
N GLU B 499 -27.88 -42.58 -5.23
CA GLU B 499 -28.68 -42.81 -4.02
C GLU B 499 -27.96 -42.28 -2.76
N ALA B 500 -26.66 -42.59 -2.66
CA ALA B 500 -25.81 -42.02 -1.63
C ALA B 500 -25.35 -40.61 -2.04
N TRP B 501 -25.72 -39.60 -1.25
CA TRP B 501 -25.37 -38.18 -1.55
C TRP B 501 -23.86 -37.96 -1.65
N ALA B 502 -23.09 -38.50 -0.71
CA ALA B 502 -21.61 -38.43 -0.79
C ALA B 502 -21.05 -38.87 -2.14
N GLU B 503 -21.66 -39.91 -2.72
CA GLU B 503 -21.22 -40.44 -4.00
C GLU B 503 -21.71 -39.57 -5.14
N ASP B 504 -22.87 -38.96 -4.97
CA ASP B 504 -23.39 -38.06 -5.98
C ASP B 504 -22.61 -36.74 -6.03
N VAL B 505 -22.14 -36.31 -4.86
CA VAL B 505 -21.21 -35.18 -4.75
C VAL B 505 -19.90 -35.52 -5.52
N ASP B 506 -19.29 -36.66 -5.22
CA ASP B 506 -18.03 -37.10 -5.88
C ASP B 506 -18.18 -37.28 -7.39
N LEU B 507 -19.36 -37.72 -7.84
CA LEU B 507 -19.62 -37.90 -9.26
C LEU B 507 -19.53 -36.55 -9.97
N ARG B 508 -20.13 -35.52 -9.37
CA ARG B 508 -20.07 -34.19 -9.94
C ARG B 508 -18.68 -33.55 -9.90
N VAL B 509 -17.96 -33.65 -8.79
CA VAL B 509 -16.55 -33.21 -8.77
C VAL B 509 -15.75 -33.90 -9.90
N ASN B 510 -15.95 -35.21 -10.09
CA ASN B 510 -15.21 -35.95 -11.11
C ASN B 510 -15.63 -35.55 -12.50
N PHE B 511 -16.89 -35.19 -12.66
CA PHE B 511 -17.33 -34.61 -13.92
C PHE B 511 -16.51 -33.38 -14.22
N ALA B 512 -16.35 -32.52 -13.21
CA ALA B 512 -15.62 -31.27 -13.42
C ALA B 512 -14.16 -31.56 -13.76
N MET B 513 -13.57 -32.59 -13.15
CA MET B 513 -12.20 -33.02 -13.48
C MET B 513 -12.08 -33.44 -14.94
N ASN B 514 -13.04 -34.20 -15.43
CA ASN B 514 -13.05 -34.61 -16.85
C ASN B 514 -13.20 -33.42 -17.81
N VAL B 515 -14.03 -32.44 -17.45
CA VAL B 515 -14.17 -31.22 -18.26
C VAL B 515 -12.85 -30.45 -18.38
N GLY B 516 -12.20 -30.23 -17.25
CA GLY B 516 -10.94 -29.50 -17.24
C GLY B 516 -9.84 -30.21 -17.99
N LYS B 517 -9.76 -31.52 -17.83
CA LYS B 517 -8.77 -32.29 -18.56
C LYS B 517 -9.07 -32.23 -20.06
N ALA B 518 -10.32 -32.41 -20.46
CA ALA B 518 -10.68 -32.40 -21.90
C ALA B 518 -10.47 -31.02 -22.53
N ARG B 519 -10.81 -29.98 -21.78
CA ARG B 519 -10.69 -28.60 -22.26
C ARG B 519 -9.28 -28.04 -22.10
N GLY B 520 -8.39 -28.80 -21.46
CA GLY B 520 -6.99 -28.37 -21.27
C GLY B 520 -6.74 -27.31 -20.19
N PHE B 521 -7.56 -27.30 -19.15
CA PHE B 521 -7.37 -26.36 -18.05
C PHE B 521 -6.33 -26.90 -17.10
N PHE B 522 -6.26 -28.23 -17.00
CA PHE B 522 -5.32 -28.85 -16.08
C PHE B 522 -5.12 -30.30 -16.50
N LYS B 523 -4.23 -30.99 -15.81
CA LYS B 523 -3.90 -32.39 -16.10
C LYS B 523 -3.77 -33.16 -14.82
N LYS B 524 -3.67 -34.48 -14.98
CA LYS B 524 -3.51 -35.40 -13.87
C LYS B 524 -2.38 -34.92 -13.00
N GLY B 525 -2.63 -34.86 -11.70
CA GLY B 525 -1.59 -34.51 -10.78
C GLY B 525 -1.51 -33.04 -10.43
N ASP B 526 -2.07 -32.16 -11.25
CA ASP B 526 -2.18 -30.73 -10.88
C ASP B 526 -3.08 -30.57 -9.65
N VAL B 527 -2.97 -29.43 -8.97
CA VAL B 527 -3.84 -29.18 -7.83
C VAL B 527 -4.96 -28.23 -8.23
N VAL B 528 -6.19 -28.56 -7.81
CA VAL B 528 -7.35 -27.71 -8.01
C VAL B 528 -8.07 -27.50 -6.69
N ILE B 529 -8.90 -26.47 -6.63
CA ILE B 529 -9.66 -26.17 -5.44
C ILE B 529 -11.07 -26.67 -5.68
N VAL B 530 -11.72 -27.22 -4.64
CA VAL B 530 -13.08 -27.75 -4.82
C VAL B 530 -14.01 -27.30 -3.70
N LEU B 531 -15.18 -26.74 -4.09
CA LEU B 531 -16.17 -26.28 -3.14
C LEU B 531 -17.45 -27.13 -3.18
N THR B 532 -17.84 -27.54 -1.97
CA THR B 532 -19.02 -28.34 -1.70
C THR B 532 -19.67 -27.82 -0.44
N GLY B 533 -20.77 -28.47 -0.04
CA GLY B 533 -21.52 -28.05 1.10
C GLY B 533 -21.77 -29.22 2.03
N TRP B 534 -22.41 -28.93 3.16
CA TRP B 534 -22.50 -29.92 4.24
C TRP B 534 -23.77 -30.76 4.13
N ARG B 535 -24.73 -30.32 3.33
CA ARG B 535 -25.96 -31.09 3.05
C ARG B 535 -26.55 -30.69 1.66
N PRO B 536 -27.50 -31.49 1.14
CA PRO B 536 -28.20 -31.13 -0.09
C PRO B 536 -29.01 -29.88 0.00
N GLY B 537 -29.28 -29.31 -1.17
CA GLY B 537 -30.05 -28.09 -1.27
C GLY B 537 -29.13 -26.90 -1.32
N SER B 538 -29.69 -25.74 -1.63
CA SER B 538 -28.92 -24.50 -1.71
C SER B 538 -28.61 -23.90 -0.39
N GLY B 539 -27.48 -23.19 -0.34
CA GLY B 539 -27.19 -22.32 0.78
C GLY B 539 -26.21 -22.86 1.79
N PHE B 540 -25.63 -24.01 1.50
CA PHE B 540 -24.86 -24.73 2.52
C PHE B 540 -23.42 -24.93 2.13
N THR B 541 -22.96 -24.20 1.11
CA THR B 541 -21.56 -24.30 0.70
C THR B 541 -20.67 -23.86 1.86
N ASN B 542 -19.82 -24.76 2.33
CA ASN B 542 -18.99 -24.44 3.47
C ASN B 542 -17.66 -25.20 3.51
N THR B 543 -17.32 -25.93 2.44
CA THR B 543 -16.24 -26.88 2.42
C THR B 543 -15.35 -26.57 1.22
N MET B 544 -14.09 -26.24 1.51
CA MET B 544 -13.07 -26.00 0.49
C MET B 544 -11.99 -27.09 0.63
N ARG B 545 -11.68 -27.77 -0.49
CA ARG B 545 -10.63 -28.77 -0.55
C ARG B 545 -9.58 -28.49 -1.64
N VAL B 546 -8.31 -28.76 -1.35
CA VAL B 546 -7.24 -28.66 -2.33
C VAL B 546 -7.03 -30.12 -2.76
N VAL B 547 -7.30 -30.43 -4.01
CA VAL B 547 -7.40 -31.82 -4.46
C VAL B 547 -6.48 -32.03 -5.69
N PRO B 548 -5.76 -33.18 -5.76
CA PRO B 548 -5.06 -33.47 -7.00
C PRO B 548 -6.02 -33.95 -8.09
N VAL B 549 -5.76 -33.58 -9.33
CA VAL B 549 -6.58 -34.04 -10.46
C VAL B 549 -6.26 -35.51 -10.67
N PRO B 550 -7.28 -36.37 -10.74
CA PRO B 550 -7.02 -37.80 -10.98
C PRO B 550 -6.71 -38.09 -12.44
N THR C 34 25.18 2.19 6.10
CA THR C 34 24.99 3.15 7.25
C THR C 34 23.55 3.65 7.28
N GLN C 35 23.09 4.09 8.45
CA GLN C 35 21.79 4.71 8.65
C GLN C 35 20.58 3.76 8.35
N GLN C 36 20.81 2.45 8.39
CA GLN C 36 19.80 1.45 8.01
C GLN C 36 19.14 1.73 6.63
N LEU C 37 19.93 2.24 5.68
CA LEU C 37 19.38 2.60 4.38
C LEU C 37 19.01 1.34 3.54
N HIS C 38 19.65 0.20 3.78
CA HIS C 38 19.16 -1.04 3.17
C HIS C 38 17.72 -1.33 3.66
N ALA C 39 17.49 -1.29 4.98
CA ALA C 39 16.13 -1.46 5.52
C ALA C 39 15.16 -0.39 5.00
N ALA C 40 15.64 0.85 4.86
CA ALA C 40 14.79 1.98 4.44
C ALA C 40 14.11 1.72 3.08
N MET C 41 14.83 1.02 2.20
CA MET C 41 14.41 0.78 0.84
C MET C 41 13.44 -0.39 0.69
N ALA C 42 13.09 -1.08 1.79
CA ALA C 42 12.20 -2.24 1.69
C ALA C 42 10.76 -1.85 1.38
N ASP C 43 10.09 -2.71 0.63
CA ASP C 43 8.75 -2.47 0.13
C ASP C 43 7.64 -2.95 1.06
N THR C 44 8.03 -3.65 2.14
CA THR C 44 7.09 -4.04 3.21
C THR C 44 7.76 -3.75 4.57
N PHE C 45 6.94 -3.57 5.59
CA PHE C 45 7.46 -3.41 6.95
C PHE C 45 8.20 -4.66 7.43
N LEU C 46 7.61 -5.84 7.17
CA LEU C 46 8.26 -7.12 7.47
C LEU C 46 9.63 -7.20 6.85
N GLU C 47 9.79 -6.87 5.58
CA GLU C 47 11.13 -6.89 4.99
C GLU C 47 12.06 -5.80 5.59
N HIS C 48 11.51 -4.64 5.88
CA HIS C 48 12.24 -3.61 6.59
C HIS C 48 12.84 -4.19 7.90
N MET C 49 12.01 -4.86 8.67
CA MET C 49 12.45 -5.49 9.90
C MET C 49 13.61 -6.47 9.65
N CYS C 50 13.41 -7.35 8.67
CA CYS C 50 14.36 -8.40 8.35
C CYS C 50 15.69 -7.86 7.95
N ARG C 51 15.70 -6.61 7.47
CA ARG C 51 16.94 -5.95 7.04
C ARG C 51 17.60 -5.10 8.09
N LEU C 52 17.01 -4.96 9.27
CA LEU C 52 17.66 -4.16 10.32
C LEU C 52 19.01 -4.79 10.65
N ASP C 53 20.06 -3.95 10.72
CA ASP C 53 21.46 -4.40 10.69
C ASP C 53 22.32 -3.77 11.78
N ILE C 54 22.81 -4.60 12.70
CA ILE C 54 23.62 -4.08 13.81
C ILE C 54 24.96 -3.53 13.33
N ASP C 55 25.33 -3.87 12.09
CA ASP C 55 26.58 -3.42 11.46
C ASP C 55 26.37 -2.22 10.51
N SER C 56 25.20 -1.61 10.55
CA SER C 56 24.92 -0.41 9.80
C SER C 56 24.87 0.75 10.80
N PRO C 57 25.98 1.51 10.91
CA PRO C 57 26.02 2.57 11.94
C PRO C 57 25.13 3.78 11.64
N PRO C 58 24.57 4.40 12.69
CA PRO C 58 23.74 5.60 12.48
C PRO C 58 24.57 6.83 12.12
N ILE C 59 23.90 7.87 11.61
CA ILE C 59 24.50 9.19 11.46
C ILE C 59 24.85 9.73 12.84
N THR C 60 25.71 10.74 12.87
CA THR C 60 26.00 11.44 14.11
C THR C 60 24.78 12.09 14.78
N ALA C 61 23.83 12.58 13.98
CA ALA C 61 22.72 13.40 14.49
C ALA C 61 21.69 12.57 15.28
N ARG C 62 21.20 13.12 16.39
CA ARG C 62 20.20 12.46 17.21
C ARG C 62 19.08 13.46 17.36
N ASN C 63 17.88 13.07 16.93
CA ASN C 63 16.72 13.94 16.65
C ASN C 63 15.72 14.07 17.81
N THR C 64 15.70 13.08 18.69
CA THR C 64 14.68 12.98 19.73
C THR C 64 15.22 13.77 20.91
N GLY C 65 14.47 14.76 21.38
CA GLY C 65 14.93 15.57 22.51
C GLY C 65 15.03 14.72 23.78
N ILE C 66 16.07 14.97 24.56
CA ILE C 66 16.23 14.33 25.88
C ILE C 66 15.94 15.37 26.97
N ILE C 67 14.91 15.08 27.78
CA ILE C 67 14.48 15.88 28.92
C ILE C 67 15.02 15.25 30.23
N CYS C 68 15.75 16.02 31.04
CA CYS C 68 16.38 15.49 32.26
C CYS C 68 15.89 16.22 33.50
N THR C 69 15.37 15.47 34.46
CA THR C 69 14.97 16.01 35.73
C THR C 69 16.21 16.37 36.53
N ILE C 70 16.23 17.59 37.04
CA ILE C 70 17.39 18.10 37.73
C ILE C 70 17.11 17.95 39.23
N GLY C 71 18.12 17.44 39.93
CA GLY C 71 18.07 17.31 41.40
C GLY C 71 19.47 17.34 41.99
N PRO C 72 19.62 16.82 43.21
CA PRO C 72 20.93 16.87 43.88
C PRO C 72 22.05 16.13 43.13
N ALA C 73 21.72 15.10 42.34
CA ALA C 73 22.76 14.39 41.55
C ALA C 73 23.26 15.22 40.37
N SER C 74 22.53 16.27 40.00
CA SER C 74 22.77 16.89 38.69
C SER C 74 22.62 18.41 38.64
N ARG C 75 22.74 19.06 39.79
CA ARG C 75 22.38 20.48 39.92
C ARG C 75 23.53 21.47 39.87
N SER C 76 24.72 21.03 40.26
CA SER C 76 25.91 21.89 40.24
C SER C 76 26.17 22.35 38.80
N VAL C 77 26.62 23.59 38.65
CA VAL C 77 27.04 24.06 37.31
C VAL C 77 27.99 23.07 36.63
N GLU C 78 29.00 22.61 37.37
CA GLU C 78 29.99 21.63 36.90
C GLU C 78 29.31 20.39 36.26
N THR C 79 28.37 19.78 36.98
CA THR C 79 27.68 18.60 36.47
C THR C 79 26.72 18.96 35.34
N LEU C 80 26.05 20.11 35.45
CA LEU C 80 25.14 20.56 34.40
C LEU C 80 25.87 20.74 33.07
N LYS C 81 27.11 21.24 33.12
CA LYS C 81 27.94 21.32 31.92
C LYS C 81 28.09 19.92 31.28
N GLU C 82 28.35 18.90 32.09
CA GLU C 82 28.49 17.51 31.54
C GLU C 82 27.13 16.95 31.07
N MET C 83 26.05 17.34 31.72
CA MET C 83 24.72 16.88 31.30
C MET C 83 24.49 17.35 29.85
N ILE C 84 24.74 18.64 29.64
CA ILE C 84 24.61 19.28 28.33
C ILE C 84 25.51 18.59 27.30
N LYS C 85 26.77 18.39 27.64
CA LYS C 85 27.69 17.72 26.71
C LYS C 85 27.24 16.29 26.41
N SER C 86 26.62 15.64 27.38
CA SER C 86 26.14 14.27 27.21
C SER C 86 24.85 14.17 26.37
N GLY C 87 24.19 15.29 26.11
CA GLY C 87 22.96 15.34 25.30
C GLY C 87 21.69 15.91 25.92
N MET C 88 21.70 16.40 27.16
CA MET C 88 20.49 17.01 27.75
C MET C 88 20.02 18.21 26.93
N ASN C 89 18.75 18.26 26.62
CA ASN C 89 18.20 19.39 25.89
C ASN C 89 17.21 20.24 26.68
N VAL C 90 16.57 19.63 27.66
CA VAL C 90 15.55 20.30 28.47
C VAL C 90 15.85 19.89 29.94
N ALA C 91 16.06 20.88 30.81
CA ALA C 91 16.05 20.66 32.26
C ALA C 91 14.64 20.76 32.87
N ARG C 92 14.18 19.67 33.48
CA ARG C 92 12.86 19.62 34.11
C ARG C 92 13.04 19.85 35.59
N LEU C 93 12.21 20.75 36.15
CA LEU C 93 12.18 21.00 37.59
C LEU C 93 10.83 20.55 38.12
N ASN C 94 10.87 19.60 39.05
CA ASN C 94 9.71 19.02 39.70
C ASN C 94 9.26 19.88 40.88
N PHE C 95 8.20 20.66 40.69
CA PHE C 95 7.69 21.49 41.78
C PHE C 95 6.87 20.74 42.84
N SER C 96 6.78 19.41 42.73
CA SER C 96 6.28 18.60 43.84
C SER C 96 7.20 18.73 45.09
N HIS C 97 8.42 19.22 44.92
CA HIS C 97 9.41 19.43 46.00
C HIS C 97 10.15 20.74 45.79
N GLY C 98 10.65 21.32 46.88
CA GLY C 98 11.54 22.46 46.78
C GLY C 98 10.88 23.83 46.83
N THR C 99 11.60 24.80 47.37
CA THR C 99 11.08 26.18 47.51
C THR C 99 11.36 26.99 46.25
N HIS C 100 10.66 28.10 46.06
CA HIS C 100 11.02 29.01 44.93
C HIS C 100 12.49 29.46 44.98
N GLU C 101 13.02 29.77 46.17
CA GLU C 101 14.41 30.18 46.29
C GLU C 101 15.28 29.07 45.75
N TYR C 102 14.96 27.84 46.10
CA TYR C 102 15.74 26.69 45.62
C TYR C 102 15.64 26.57 44.09
N HIS C 103 14.44 26.66 43.56
CA HIS C 103 14.25 26.46 42.10
C HIS C 103 14.85 27.62 41.30
N ALA C 104 14.77 28.85 41.83
CA ALA C 104 15.47 29.97 41.17
C ALA C 104 16.97 29.71 41.09
N GLU C 105 17.56 29.11 42.13
CA GLU C 105 18.98 28.73 42.12
C GLU C 105 19.25 27.66 41.06
N THR C 106 18.31 26.72 40.91
CA THR C 106 18.55 25.63 39.93
C THR C 106 18.57 26.25 38.53
N ILE C 107 17.60 27.12 38.27
CA ILE C 107 17.45 27.81 36.99
C ILE C 107 18.70 28.62 36.67
N LYS C 108 19.20 29.38 37.66
CA LYS C 108 20.43 30.15 37.53
C LYS C 108 21.59 29.25 37.14
N ASN C 109 21.73 28.13 37.83
CA ASN C 109 22.78 27.15 37.51
C ASN C 109 22.65 26.53 36.10
N VAL C 110 21.43 26.23 35.67
CA VAL C 110 21.21 25.72 34.31
C VAL C 110 21.62 26.79 33.28
N ARG C 111 21.31 28.06 33.58
CA ARG C 111 21.65 29.17 32.67
C ARG C 111 23.12 29.48 32.65
N THR C 112 23.78 29.36 33.81
CA THR C 112 25.21 29.54 33.86
C THR C 112 25.95 28.43 33.07
N ALA C 113 25.56 27.17 33.29
CA ALA C 113 26.13 26.03 32.55
C ALA C 113 25.94 26.13 31.01
N THR C 114 24.75 26.54 30.58
CA THR C 114 24.36 26.63 29.17
C THR C 114 25.17 27.73 28.51
N GLU C 115 25.22 28.90 29.17
CA GLU C 115 26.01 30.05 28.67
C GLU C 115 27.52 29.89 28.76
N SER C 116 28.04 28.93 29.51
CA SER C 116 29.48 28.68 29.46
C SER C 116 29.96 28.27 28.07
N PHE C 117 29.02 27.86 27.21
CA PHE C 117 29.35 27.42 25.84
C PHE C 117 29.09 28.51 24.80
N ALA C 118 28.60 29.67 25.23
CA ALA C 118 28.25 30.78 24.30
C ALA C 118 29.46 31.44 23.63
N SER C 119 30.68 31.19 24.10
CA SER C 119 31.85 31.87 23.52
C SER C 119 32.18 31.34 22.14
N ASP C 120 31.77 30.09 21.86
CA ASP C 120 31.87 29.51 20.51
C ASP C 120 30.47 29.15 20.00
N PRO C 121 29.86 30.06 19.20
CA PRO C 121 28.47 29.91 18.73
C PRO C 121 28.19 28.69 17.86
N ILE C 122 29.24 28.14 17.27
CA ILE C 122 29.14 26.91 16.49
C ILE C 122 28.84 25.72 17.41
N LEU C 123 29.40 25.72 18.63
CA LEU C 123 29.19 24.60 19.57
C LEU C 123 28.24 24.89 20.74
N TYR C 124 27.70 26.10 20.79
CA TYR C 124 26.71 26.42 21.80
C TYR C 124 25.46 25.57 21.57
N ARG C 125 24.89 25.05 22.64
CA ARG C 125 23.62 24.34 22.54
C ARG C 125 22.53 25.00 23.38
N PRO C 126 21.44 25.42 22.73
CA PRO C 126 20.35 25.89 23.54
C PRO C 126 19.87 24.82 24.54
N VAL C 127 19.42 25.26 25.71
CA VAL C 127 18.87 24.35 26.72
C VAL C 127 17.61 25.00 27.28
N ALA C 128 16.48 24.27 27.20
CA ALA C 128 15.21 24.75 27.72
C ALA C 128 15.01 24.41 29.19
N VAL C 129 14.13 25.18 29.82
CA VAL C 129 13.79 24.98 31.22
C VAL C 129 12.31 24.71 31.28
N ALA C 130 11.95 23.64 31.99
CA ALA C 130 10.58 23.21 32.10
C ALA C 130 10.18 23.13 33.56
N LEU C 131 8.98 23.60 33.86
CA LEU C 131 8.44 23.54 35.22
C LEU C 131 7.32 22.55 35.26
N ASP C 132 7.45 21.54 36.11
CA ASP C 132 6.46 20.47 36.20
C ASP C 132 5.70 20.70 37.50
N THR C 133 4.38 20.92 37.43
CA THR C 133 3.60 21.33 38.60
C THR C 133 3.38 20.16 39.56
N LYS C 134 3.13 20.49 40.82
CA LYS C 134 2.71 19.47 41.79
C LYS C 134 1.33 18.94 41.45
N GLY C 135 0.37 19.84 41.22
CA GLY C 135 -0.98 19.41 40.87
C GLY C 135 -1.71 18.76 42.03
N PRO C 136 -2.85 18.11 41.77
CA PRO C 136 -3.59 17.46 42.84
C PRO C 136 -2.97 16.14 43.31
N GLU C 137 -1.89 16.24 44.07
CA GLU C 137 -1.21 15.06 44.63
C GLU C 137 -1.79 14.69 45.99
N ILE C 138 -1.70 13.40 46.33
CA ILE C 138 -2.02 12.92 47.69
C ILE C 138 -0.73 12.33 48.25
N ARG C 139 -0.32 12.79 49.44
CA ARG C 139 0.93 12.40 50.08
C ARG C 139 0.70 11.92 51.52
N THR C 140 1.49 10.94 51.94
CA THR C 140 1.40 10.42 53.30
C THR C 140 2.28 11.31 54.21
N GLY C 141 2.25 11.05 55.50
CA GLY C 141 3.04 11.82 56.47
C GLY C 141 4.38 11.17 56.76
N LEU C 142 5.01 11.56 57.87
CA LEU C 142 6.35 11.08 58.22
C LEU C 142 6.28 9.83 59.09
N ILE C 143 7.06 8.81 58.72
CA ILE C 143 7.27 7.65 59.58
C ILE C 143 8.07 8.13 60.83
N LYS C 144 7.44 8.03 61.99
CA LYS C 144 8.10 8.30 63.28
C LYS C 144 8.99 9.52 63.28
N GLY C 145 8.47 10.63 62.77
CA GLY C 145 9.17 11.93 62.80
C GLY C 145 10.36 12.07 61.87
N SER C 146 10.58 11.11 60.98
CA SER C 146 11.81 11.07 60.19
C SER C 146 11.51 11.08 58.69
N GLY C 147 12.38 11.74 57.93
CA GLY C 147 12.29 11.74 56.49
C GLY C 147 12.72 10.42 55.86
N THR C 148 13.59 9.66 56.54
CA THR C 148 14.20 8.47 55.94
C THR C 148 13.66 7.15 56.52
N ALA C 149 12.95 7.21 57.65
CA ALA C 149 12.57 5.97 58.34
C ALA C 149 11.53 5.18 57.56
N GLU C 150 11.53 3.88 57.78
CA GLU C 150 10.60 2.96 57.14
C GLU C 150 10.09 1.94 58.15
N VAL C 151 8.88 1.43 57.91
CA VAL C 151 8.32 0.32 58.67
C VAL C 151 7.88 -0.74 57.67
N GLU C 152 7.81 -1.99 58.10
CA GLU C 152 7.36 -3.07 57.24
C GLU C 152 5.87 -3.32 57.41
N LEU C 153 5.14 -3.32 56.30
CA LEU C 153 3.70 -3.63 56.33
C LEU C 153 3.52 -5.06 55.87
N LYS C 154 2.75 -5.85 56.62
CA LYS C 154 2.64 -7.30 56.36
C LYS C 154 1.29 -7.62 55.69
N LYS C 155 1.31 -8.43 54.65
CA LYS C 155 0.07 -8.81 53.95
C LYS C 155 -0.95 -9.34 54.96
N GLY C 156 -2.17 -8.81 54.93
CA GLY C 156 -3.25 -9.25 55.81
C GLY C 156 -3.36 -8.48 57.11
N ALA C 157 -2.29 -7.78 57.51
CA ALA C 157 -2.33 -6.95 58.71
C ALA C 157 -3.28 -5.77 58.54
N THR C 158 -3.62 -5.10 59.62
CA THR C 158 -4.53 -3.96 59.58
C THR C 158 -3.71 -2.68 59.59
N LEU C 159 -4.20 -1.66 58.89
CA LEU C 159 -3.57 -0.36 58.86
C LEU C 159 -4.64 0.71 58.82
N LYS C 160 -4.61 1.60 59.80
CA LYS C 160 -5.62 2.63 59.94
C LYS C 160 -5.14 3.92 59.26
N ILE C 161 -5.97 4.46 58.37
CA ILE C 161 -5.68 5.75 57.77
C ILE C 161 -6.43 6.84 58.52
N THR C 162 -5.70 7.88 58.94
CA THR C 162 -6.26 9.00 59.68
C THR C 162 -6.03 10.33 58.99
N LEU C 163 -6.92 11.28 59.26
CA LEU C 163 -6.78 12.64 58.73
C LEU C 163 -6.43 13.63 59.85
N ASP C 164 -6.29 13.09 61.06
CA ASP C 164 -6.05 13.90 62.25
C ASP C 164 -4.59 14.31 62.23
N ASN C 165 -4.35 15.61 62.10
CA ASN C 165 -3.01 16.15 61.98
C ASN C 165 -2.06 15.91 63.16
N ALA C 166 -2.56 15.43 64.29
CA ALA C 166 -1.68 15.05 65.40
C ALA C 166 -0.76 13.91 65.01
N TYR C 167 -1.17 13.12 63.99
CA TYR C 167 -0.38 11.99 63.49
C TYR C 167 0.42 12.24 62.20
N MET C 168 0.34 13.46 61.71
CA MET C 168 1.00 13.92 60.51
C MET C 168 2.49 13.55 60.45
N GLU C 169 3.15 13.59 61.60
CA GLU C 169 4.55 13.16 61.67
C GLU C 169 4.72 11.94 62.55
N LYS C 170 3.65 11.16 62.72
CA LYS C 170 3.71 9.98 63.56
C LYS C 170 3.08 8.77 62.87
N CYS C 171 3.34 8.64 61.58
CA CYS C 171 2.99 7.45 60.82
C CYS C 171 3.87 6.27 61.27
N ASP C 172 3.29 5.06 61.22
CA ASP C 172 3.99 3.83 61.53
C ASP C 172 3.17 2.65 60.95
N GLU C 173 3.52 1.42 61.31
CA GLU C 173 2.82 0.24 60.77
C GLU C 173 1.34 0.12 61.17
N ASN C 174 0.87 0.96 62.10
CA ASN C 174 -0.54 0.94 62.57
C ASN C 174 -1.36 2.13 62.14
N ILE C 175 -0.74 3.28 61.96
CA ILE C 175 -1.46 4.52 61.72
C ILE C 175 -0.75 5.26 60.59
N LEU C 176 -1.49 5.57 59.52
CA LEU C 176 -0.94 6.27 58.35
C LEU C 176 -1.79 7.49 58.08
N TRP C 177 -1.19 8.66 58.24
CA TRP C 177 -1.80 9.94 57.93
C TRP C 177 -1.52 10.28 56.48
N LEU C 178 -2.48 10.93 55.85
CA LEU C 178 -2.30 11.52 54.53
C LEU C 178 -3.04 12.85 54.45
N ASP C 179 -2.70 13.63 53.43
CA ASP C 179 -3.09 15.02 53.39
C ASP C 179 -4.36 15.31 52.58
N TYR C 180 -5.07 14.28 52.13
CA TYR C 180 -6.29 14.51 51.34
C TYR C 180 -7.51 14.48 52.27
N LYS C 181 -7.88 15.65 52.80
CA LYS C 181 -8.92 15.79 53.83
C LYS C 181 -10.27 15.14 53.45
N ASN C 182 -10.62 15.17 52.15
CA ASN C 182 -11.89 14.64 51.66
C ASN C 182 -11.92 13.16 51.28
N ILE C 183 -10.90 12.39 51.67
CA ILE C 183 -10.75 11.02 51.16
C ILE C 183 -11.92 10.10 51.56
N CYS C 184 -12.52 10.35 52.71
CA CYS C 184 -13.58 9.47 53.21
C CYS C 184 -14.85 9.54 52.37
N LYS C 185 -15.08 10.68 51.73
CA LYS C 185 -16.25 10.93 50.91
C LYS C 185 -16.15 10.32 49.50
N VAL C 186 -14.92 10.05 49.05
CA VAL C 186 -14.69 9.51 47.71
C VAL C 186 -14.32 8.02 47.68
N VAL C 187 -14.17 7.37 48.84
CA VAL C 187 -13.97 5.92 48.88
C VAL C 187 -15.18 5.22 49.52
N GLU C 188 -15.23 3.90 49.32
CA GLU C 188 -16.23 3.01 49.92
C GLU C 188 -15.50 1.78 50.47
N VAL C 189 -16.19 0.96 51.26
CA VAL C 189 -15.70 -0.40 51.56
C VAL C 189 -15.43 -1.14 50.24
N GLY C 190 -14.34 -1.91 50.20
CA GLY C 190 -13.88 -2.57 48.98
C GLY C 190 -12.83 -1.79 48.18
N SER C 191 -12.81 -0.47 48.37
CA SER C 191 -11.89 0.41 47.62
C SER C 191 -10.44 -0.01 47.80
N LYS C 192 -9.66 0.20 46.76
CA LYS C 192 -8.22 -0.02 46.85
C LYS C 192 -7.50 1.34 46.89
N ILE C 193 -6.45 1.39 47.71
CA ILE C 193 -5.65 2.58 47.92
C ILE C 193 -4.20 2.15 47.71
N TYR C 194 -3.49 2.87 46.83
CA TYR C 194 -2.13 2.53 46.47
C TYR C 194 -1.16 3.57 47.01
N VAL C 195 -0.03 3.09 47.52
CA VAL C 195 0.99 3.90 48.16
C VAL C 195 2.37 3.52 47.59
N ASP C 196 3.15 4.56 47.33
CA ASP C 196 4.54 4.47 46.86
C ASP C 196 4.69 3.83 45.48
N ASP C 197 4.42 4.61 44.44
CA ASP C 197 4.44 4.13 43.04
C ASP C 197 3.68 2.85 42.90
N GLY C 198 2.56 2.77 43.62
CA GLY C 198 1.66 1.64 43.54
C GLY C 198 2.19 0.30 44.03
N LEU C 199 3.28 0.33 44.81
CA LEU C 199 3.90 -0.92 45.25
C LEU C 199 3.26 -1.48 46.52
N ILE C 200 2.63 -0.60 47.30
CA ILE C 200 1.92 -1.02 48.50
C ILE C 200 0.45 -0.80 48.20
N SER C 201 -0.38 -1.80 48.51
CA SER C 201 -1.80 -1.67 48.26
C SER C 201 -2.61 -2.06 49.49
N LEU C 202 -3.70 -1.34 49.65
CA LEU C 202 -4.57 -1.47 50.81
C LEU C 202 -6.02 -1.60 50.35
N GLN C 203 -6.81 -2.37 51.09
CA GLN C 203 -8.25 -2.43 50.83
C GLN C 203 -9.05 -1.87 52.04
N VAL C 204 -9.93 -0.91 51.78
CA VAL C 204 -10.76 -0.30 52.83
C VAL C 204 -11.75 -1.32 53.39
N LYS C 205 -11.57 -1.69 54.65
CA LYS C 205 -12.50 -2.58 55.35
C LYS C 205 -13.62 -1.81 56.05
N GLN C 206 -13.32 -0.66 56.65
CA GLN C 206 -14.37 0.20 57.27
C GLN C 206 -14.19 1.69 56.96
N LYS C 207 -15.26 2.34 56.55
CA LYS C 207 -15.30 3.80 56.43
C LYS C 207 -15.74 4.40 57.76
N GLY C 208 -14.94 5.29 58.31
CA GLY C 208 -15.33 6.09 59.45
C GLY C 208 -15.55 7.51 59.00
N ALA C 209 -15.75 8.40 59.96
CA ALA C 209 -16.01 9.82 59.69
C ALA C 209 -14.73 10.58 59.33
N ASP C 210 -13.67 10.30 60.07
CA ASP C 210 -12.38 10.97 59.88
C ASP C 210 -11.27 9.97 59.60
N PHE C 211 -11.64 8.75 59.20
CA PHE C 211 -10.68 7.69 59.05
C PHE C 211 -11.18 6.48 58.25
N LEU C 212 -10.23 5.60 57.90
CA LEU C 212 -10.53 4.37 57.19
C LEU C 212 -9.71 3.26 57.84
N VAL C 213 -10.32 2.12 58.13
CA VAL C 213 -9.58 0.96 58.60
C VAL C 213 -9.34 0.11 57.36
N THR C 214 -8.09 -0.26 57.09
CA THR C 214 -7.75 -1.03 55.90
C THR C 214 -6.98 -2.31 56.18
N GLU C 215 -6.97 -3.17 55.18
CA GLU C 215 -6.21 -4.38 55.20
C GLU C 215 -5.13 -4.34 54.11
N VAL C 216 -3.90 -4.68 54.50
CA VAL C 216 -2.76 -4.69 53.58
C VAL C 216 -2.88 -5.90 52.64
N GLU C 217 -2.84 -5.62 51.33
CA GLU C 217 -2.82 -6.67 50.29
C GLU C 217 -1.38 -6.91 49.83
N ASN C 218 -0.74 -5.90 49.25
CA ASN C 218 0.68 -5.96 48.93
C ASN C 218 1.43 -5.16 49.98
N GLY C 219 2.23 -5.87 50.78
CA GLY C 219 3.02 -5.26 51.83
C GLY C 219 4.39 -4.87 51.30
N GLY C 220 5.28 -4.49 52.21
CA GLY C 220 6.57 -3.95 51.83
C GLY C 220 6.94 -2.83 52.78
N SER C 221 8.05 -2.19 52.45
CA SER C 221 8.60 -1.10 53.26
C SER C 221 7.82 0.18 53.00
N LEU C 222 7.27 0.74 54.07
CA LEU C 222 6.56 2.00 53.98
C LEU C 222 7.44 3.13 54.49
N GLY C 223 7.71 4.09 53.61
CA GLY C 223 8.47 5.28 53.95
C GLY C 223 7.60 6.50 54.17
N SER C 224 8.27 7.64 54.28
CA SER C 224 7.65 8.93 54.54
C SER C 224 7.24 9.71 53.27
N LYS C 225 6.16 10.45 53.34
CA LYS C 225 5.76 11.38 52.27
C LYS C 225 5.67 10.70 50.90
N LYS C 226 5.00 9.55 50.86
CA LYS C 226 4.87 8.80 49.62
C LYS C 226 3.60 9.17 48.91
N GLY C 227 3.63 9.04 47.58
CA GLY C 227 2.48 9.36 46.73
C GLY C 227 1.39 8.32 46.88
N VAL C 228 0.15 8.80 46.88
CA VAL C 228 -1.02 7.93 47.04
C VAL C 228 -1.98 8.06 45.84
N ASN C 229 -2.50 6.93 45.40
CA ASN C 229 -3.48 6.90 44.30
C ASN C 229 -4.77 6.19 44.70
N LEU C 230 -5.87 6.74 44.23
CA LEU C 230 -7.21 6.23 44.48
C LEU C 230 -7.84 5.92 43.13
N PRO C 231 -7.47 4.78 42.51
CA PRO C 231 -7.90 4.51 41.12
C PRO C 231 -9.41 4.41 40.95
N GLY C 232 -10.09 3.76 41.88
CA GLY C 232 -11.56 3.72 41.82
C GLY C 232 -12.21 5.10 41.90
N ALA C 233 -11.65 5.94 42.77
CA ALA C 233 -12.30 7.13 43.27
C ALA C 233 -12.24 8.31 42.31
N ALA C 234 -13.19 9.23 42.49
CA ALA C 234 -13.20 10.50 41.75
C ALA C 234 -12.67 11.58 42.67
N VAL C 235 -11.34 11.78 42.64
CA VAL C 235 -10.67 12.69 43.54
C VAL C 235 -11.08 14.13 43.21
N ASP C 236 -11.45 14.91 44.23
CA ASP C 236 -12.00 16.27 44.01
C ASP C 236 -11.06 17.40 44.42
N LEU C 237 -9.76 17.13 44.33
CA LEU C 237 -8.75 18.16 44.52
C LEU C 237 -8.78 19.07 43.30
N PRO C 238 -8.39 20.35 43.48
CA PRO C 238 -8.47 21.25 42.35
C PRO C 238 -7.37 20.95 41.32
N ALA C 239 -7.72 21.13 40.03
CA ALA C 239 -6.76 20.96 38.94
C ALA C 239 -5.57 21.89 39.12
N VAL C 240 -5.87 23.12 39.53
CA VAL C 240 -4.86 24.14 39.82
C VAL C 240 -5.05 24.72 41.24
N SER C 241 -4.28 24.24 42.20
CA SER C 241 -4.40 24.69 43.60
C SER C 241 -3.74 26.05 43.85
N GLU C 242 -3.88 26.57 45.06
CA GLU C 242 -3.20 27.83 45.41
C GLU C 242 -1.70 27.74 45.19
N LYS C 243 -1.11 26.62 45.56
CA LYS C 243 0.31 26.44 45.41
C LYS C 243 0.67 26.39 43.92
N ASP C 244 -0.11 25.68 43.10
CA ASP C 244 0.16 25.64 41.65
C ASP C 244 0.12 27.03 41.01
N ILE C 245 -0.87 27.82 41.41
CA ILE C 245 -1.00 29.20 40.93
C ILE C 245 0.28 29.96 41.28
N GLN C 246 0.77 29.82 42.50
CA GLN C 246 1.97 30.58 42.87
C GLN C 246 3.18 30.12 42.06
N ASP C 247 3.25 28.81 41.81
CA ASP C 247 4.34 28.22 41.04
C ASP C 247 4.30 28.63 39.58
N LEU C 248 3.11 28.67 38.99
CA LEU C 248 3.00 29.08 37.58
C LEU C 248 3.36 30.58 37.41
N LYS C 249 2.92 31.40 38.36
CA LYS C 249 3.36 32.81 38.38
C LYS C 249 4.88 32.91 38.53
N PHE C 250 5.48 32.06 39.34
CA PHE C 250 6.93 32.00 39.47
C PHE C 250 7.60 31.57 38.15
N GLY C 251 7.06 30.55 37.50
CA GLY C 251 7.49 30.24 36.13
C GLY C 251 7.52 31.42 35.17
N VAL C 252 6.42 32.16 35.10
CA VAL C 252 6.37 33.38 34.25
C VAL C 252 7.53 34.32 34.58
N GLU C 253 7.62 34.69 35.86
CA GLU C 253 8.69 35.56 36.36
C GLU C 253 10.09 35.05 36.02
N GLN C 254 10.30 33.73 36.10
CA GLN C 254 11.61 33.14 35.76
C GLN C 254 11.85 32.83 34.27
N ASP C 255 10.90 33.17 33.42
CA ASP C 255 11.10 33.02 31.96
C ASP C 255 11.29 31.55 31.57
N VAL C 256 10.52 30.66 32.17
CA VAL C 256 10.54 29.26 31.77
C VAL C 256 10.01 29.09 30.34
N ASP C 257 10.39 27.98 29.72
CA ASP C 257 10.05 27.73 28.32
C ASP C 257 8.78 26.97 28.21
N MET C 258 8.50 26.14 29.21
CA MET C 258 7.33 25.30 29.19
C MET C 258 6.94 24.84 30.56
N VAL C 259 5.70 24.41 30.66
CA VAL C 259 5.15 23.93 31.86
C VAL C 259 4.61 22.55 31.58
N PHE C 260 5.01 21.57 32.38
CA PHE C 260 4.35 20.28 32.35
C PHE C 260 3.32 20.31 33.45
N ALA C 261 2.05 20.37 33.08
CA ALA C 261 0.94 20.40 34.01
C ALA C 261 0.49 19.01 34.40
N SER C 262 0.69 18.65 35.68
CA SER C 262 0.41 17.33 36.22
C SER C 262 -1.10 17.11 36.32
N PHE C 263 -1.54 15.85 36.10
CA PHE C 263 -2.92 15.33 36.34
C PHE C 263 -4.07 16.02 35.59
N ILE C 264 -3.80 16.52 34.38
CA ILE C 264 -4.85 17.12 33.53
C ILE C 264 -5.93 16.09 33.25
N ARG C 265 -7.17 16.43 33.61
CA ARG C 265 -8.33 15.54 33.50
C ARG C 265 -9.28 15.94 32.34
N LYS C 266 -9.24 17.20 31.95
CA LYS C 266 -10.14 17.72 30.91
C LYS C 266 -9.64 19.06 30.36
N ALA C 267 -10.28 19.52 29.30
CA ALA C 267 -9.90 20.77 28.64
C ALA C 267 -9.88 21.95 29.61
N SER C 268 -10.89 22.06 30.47
CA SER C 268 -10.99 23.22 31.37
C SER C 268 -9.81 23.30 32.33
N ASP C 269 -9.22 22.15 32.70
CA ASP C 269 -8.01 22.13 33.54
C ASP C 269 -6.89 22.85 32.83
N VAL C 270 -6.75 22.59 31.53
CA VAL C 270 -5.71 23.24 30.74
C VAL C 270 -5.95 24.74 30.64
N HIS C 271 -7.23 25.10 30.46
CA HIS C 271 -7.64 26.50 30.35
C HIS C 271 -7.40 27.23 31.68
N GLU C 272 -7.59 26.56 32.82
CA GLU C 272 -7.20 27.14 34.11
C GLU C 272 -5.69 27.42 34.19
N VAL C 273 -4.83 26.54 33.67
CA VAL C 273 -3.35 26.78 33.64
C VAL C 273 -3.01 27.95 32.71
N ARG C 274 -3.57 27.92 31.51
CA ARG C 274 -3.41 28.99 30.52
C ARG C 274 -3.77 30.37 31.09
N LYS C 275 -4.91 30.42 31.79
CA LYS C 275 -5.42 31.63 32.43
C LYS C 275 -4.37 32.16 33.44
N VAL C 276 -3.79 31.28 34.25
CA VAL C 276 -2.81 31.72 35.26
C VAL C 276 -1.54 32.29 34.65
N LEU C 277 -1.01 31.61 33.63
CA LEU C 277 0.16 32.12 32.89
C LEU C 277 -0.16 33.48 32.22
N GLY C 278 -1.38 33.62 31.73
CA GLY C 278 -1.93 34.92 31.30
C GLY C 278 -1.30 35.46 30.06
N GLU C 279 -1.59 36.74 29.73
CA GLU C 279 -0.92 37.38 28.58
C GLU C 279 0.60 37.39 28.73
N LYS C 280 1.11 37.70 29.90
CA LYS C 280 2.57 37.74 30.08
C LYS C 280 3.22 36.36 29.82
N GLY C 281 2.54 35.27 30.19
CA GLY C 281 3.08 33.92 29.93
C GLY C 281 2.55 33.26 28.67
N LYS C 282 2.11 34.05 27.70
CA LYS C 282 1.33 33.52 26.60
C LYS C 282 2.15 32.70 25.61
N ASN C 283 3.46 32.94 25.61
CA ASN C 283 4.37 32.23 24.71
C ASN C 283 4.98 31.00 25.40
N ILE C 284 4.59 30.74 26.64
CA ILE C 284 5.07 29.56 27.36
C ILE C 284 4.25 28.36 26.89
N LYS C 285 4.93 27.30 26.50
CA LYS C 285 4.23 26.05 26.10
C LYS C 285 3.66 25.25 27.25
N ILE C 286 2.38 24.89 27.15
CA ILE C 286 1.73 24.04 28.13
C ILE C 286 1.66 22.58 27.62
N ILE C 287 2.38 21.71 28.31
CA ILE C 287 2.42 20.29 27.98
C ILE C 287 1.50 19.64 29.01
N SER C 288 0.41 19.01 28.58
CA SER C 288 -0.50 18.39 29.52
C SER C 288 -0.04 16.97 29.83
N LYS C 289 0.15 16.67 31.11
CA LYS C 289 0.51 15.32 31.55
C LYS C 289 -0.74 14.50 31.68
N ILE C 290 -0.76 13.34 31.00
CA ILE C 290 -1.92 12.43 30.99
C ILE C 290 -1.51 11.31 31.91
N GLU C 291 -2.17 11.21 33.06
CA GLU C 291 -1.76 10.25 34.08
C GLU C 291 -2.91 9.66 34.84
N ASN C 292 -4.13 9.77 34.31
CA ASN C 292 -5.27 9.09 34.88
C ASN C 292 -6.28 8.69 33.81
N HIS C 293 -7.32 7.97 34.23
CA HIS C 293 -8.27 7.38 33.28
C HIS C 293 -9.07 8.45 32.55
N GLU C 294 -9.51 9.46 33.30
CA GLU C 294 -10.25 10.57 32.71
C GLU C 294 -9.42 11.33 31.67
N GLY C 295 -8.14 11.56 31.94
CA GLY C 295 -7.24 12.23 30.97
C GLY C 295 -7.22 11.45 29.65
N VAL C 296 -7.13 10.13 29.72
CA VAL C 296 -7.14 9.31 28.50
C VAL C 296 -8.50 9.42 27.78
N ARG C 297 -9.59 9.30 28.54
CA ARG C 297 -10.95 9.39 28.03
C ARG C 297 -11.20 10.73 27.34
N ARG C 298 -10.71 11.81 27.93
CA ARG C 298 -10.96 13.13 27.41
C ARG C 298 -9.75 13.66 26.65
N PHE C 299 -8.91 12.73 26.18
CA PHE C 299 -7.69 13.09 25.47
C PHE C 299 -7.88 14.12 24.37
N ASP C 300 -8.83 13.93 23.47
CA ASP C 300 -8.92 14.81 22.30
C ASP C 300 -9.13 16.31 22.70
N GLU C 301 -10.05 16.56 23.60
CA GLU C 301 -10.31 17.96 24.04
C GLU C 301 -9.07 18.50 24.76
N ILE C 302 -8.35 17.62 25.45
CA ILE C 302 -7.12 18.05 26.18
C ILE C 302 -6.04 18.44 25.20
N LEU C 303 -5.79 17.59 24.19
CA LEU C 303 -4.82 17.90 23.15
C LEU C 303 -5.15 19.20 22.38
N GLU C 304 -6.44 19.41 22.08
CA GLU C 304 -6.85 20.59 21.31
C GLU C 304 -6.50 21.87 22.09
N ALA C 305 -6.64 21.80 23.40
CA ALA C 305 -6.36 22.94 24.31
C ALA C 305 -4.88 23.11 24.64
N SER C 306 -4.07 22.05 24.45
CA SER C 306 -2.66 22.08 24.89
C SER C 306 -1.77 22.39 23.72
N ASP C 307 -0.50 22.66 24.02
CA ASP C 307 0.54 22.78 23.01
C ASP C 307 1.28 21.46 22.80
N GLY C 308 1.07 20.50 23.71
CA GLY C 308 1.71 19.19 23.65
C GLY C 308 1.26 18.29 24.80
N ILE C 309 1.79 17.05 24.81
CA ILE C 309 1.36 16.01 25.73
C ILE C 309 2.55 15.29 26.36
N MET C 310 2.41 14.94 27.63
CA MET C 310 3.32 14.00 28.24
C MET C 310 2.57 12.75 28.56
N VAL C 311 3.09 11.62 28.09
CA VAL C 311 2.64 10.33 28.51
C VAL C 311 3.30 10.04 29.87
N ALA C 312 2.58 10.34 30.95
CA ALA C 312 3.17 10.39 32.30
C ALA C 312 2.98 9.00 32.86
N ARG C 313 3.84 8.06 32.47
CA ARG C 313 3.49 6.64 32.62
C ARG C 313 3.44 6.11 34.04
N GLY C 314 4.00 6.86 34.97
CA GLY C 314 4.18 6.44 36.35
C GLY C 314 2.84 6.37 37.03
N ASP C 315 2.23 7.54 37.24
CA ASP C 315 0.87 7.55 37.75
C ASP C 315 -0.11 6.81 36.84
N LEU C 316 0.07 6.94 35.52
CA LEU C 316 -0.85 6.33 34.59
C LEU C 316 -0.98 4.83 34.81
N GLY C 317 0.15 4.15 35.02
CA GLY C 317 0.19 2.70 35.28
C GLY C 317 -0.22 2.24 36.66
N ILE C 318 -0.60 3.20 37.52
CA ILE C 318 -1.27 2.92 38.80
C ILE C 318 -2.77 3.19 38.68
N GLU C 319 -3.15 4.28 38.02
CA GLU C 319 -4.55 4.64 37.83
C GLU C 319 -5.30 3.70 36.88
N ILE C 320 -4.62 3.20 35.86
CA ILE C 320 -5.19 2.15 35.01
C ILE C 320 -4.30 0.90 35.11
N PRO C 321 -4.82 -0.27 34.69
CA PRO C 321 -4.03 -1.49 34.77
C PRO C 321 -2.74 -1.35 34.04
N ALA C 322 -1.66 -1.84 34.64
CA ALA C 322 -0.32 -1.67 34.08
C ALA C 322 -0.18 -2.24 32.68
N GLU C 323 -0.89 -3.32 32.39
CA GLU C 323 -0.85 -3.93 31.08
C GLU C 323 -1.53 -3.12 29.98
N LYS C 324 -2.25 -2.05 30.34
CA LYS C 324 -2.90 -1.20 29.35
C LYS C 324 -2.12 0.06 29.01
N VAL C 325 -1.05 0.34 29.75
CA VAL C 325 -0.28 1.55 29.54
C VAL C 325 0.31 1.69 28.13
N PHE C 326 0.86 0.61 27.55
CA PHE C 326 1.40 0.67 26.17
C PHE C 326 0.29 1.08 25.19
N LEU C 327 -0.95 0.67 25.44
CA LEU C 327 -2.08 1.08 24.59
C LEU C 327 -2.30 2.59 24.64
N ALA C 328 -2.35 3.14 25.85
CA ALA C 328 -2.53 4.56 26.01
C ALA C 328 -1.36 5.34 25.43
N GLN C 329 -0.13 4.82 25.60
CA GLN C 329 1.07 5.49 25.08
C GLN C 329 1.06 5.55 23.56
N LYS C 330 0.74 4.43 22.93
CA LYS C 330 0.73 4.42 21.49
C LYS C 330 -0.43 5.25 20.91
N MET C 331 -1.59 5.19 21.54
CA MET C 331 -2.71 6.02 21.14
C MET C 331 -2.33 7.49 21.21
N MET C 332 -1.77 7.94 22.35
CA MET C 332 -1.43 9.34 22.54
C MET C 332 -0.35 9.85 21.59
N ILE C 333 0.68 9.04 21.42
CA ILE C 333 1.73 9.38 20.48
C ILE C 333 1.19 9.46 19.03
N GLY C 334 0.43 8.48 18.59
CA GLY C 334 -0.26 8.58 17.28
C GLY C 334 -1.13 9.83 17.14
N ARG C 335 -2.04 10.07 18.08
CA ARG C 335 -2.87 11.29 18.01
C ARG C 335 -2.04 12.58 17.98
N CYS C 336 -0.95 12.64 18.75
CA CYS C 336 -0.10 13.82 18.74
C CYS C 336 0.65 13.98 17.41
N ASN C 337 1.14 12.87 16.84
CA ASN C 337 1.86 12.92 15.58
C ASN C 337 0.91 13.40 14.45
N ARG C 338 -0.32 12.90 14.51
CA ARG C 338 -1.43 13.23 13.60
C ARG C 338 -1.78 14.72 13.71
N ALA C 339 -1.80 15.26 14.95
CA ALA C 339 -2.14 16.68 15.20
C ALA C 339 -0.95 17.59 15.01
N GLY C 340 0.24 17.01 14.84
CA GLY C 340 1.47 17.78 14.77
C GLY C 340 1.89 18.43 16.10
N LYS C 341 1.49 17.85 17.21
CA LYS C 341 1.85 18.45 18.51
C LYS C 341 2.89 17.59 19.24
N PRO C 342 3.89 18.24 19.85
CA PRO C 342 4.89 17.46 20.57
C PRO C 342 4.35 16.49 21.61
N VAL C 343 5.02 15.35 21.72
CA VAL C 343 4.64 14.37 22.72
C VAL C 343 5.92 13.81 23.36
N ILE C 344 5.88 13.67 24.68
CA ILE C 344 6.98 13.22 25.50
C ILE C 344 6.63 11.87 26.13
N CYS C 345 7.57 10.94 26.08
CA CYS C 345 7.41 9.66 26.77
C CYS C 345 8.23 9.76 28.04
N ALA C 346 7.60 9.38 29.15
CA ALA C 346 8.20 9.63 30.46
C ALA C 346 8.03 8.46 31.41
N THR C 347 9.03 8.34 32.29
CA THR C 347 8.93 7.62 33.54
C THR C 347 9.44 6.21 33.43
N GLN C 348 10.51 5.93 34.20
CA GLN C 348 11.11 4.60 34.33
C GLN C 348 11.80 4.06 33.06
N MET C 349 12.17 4.93 32.13
CA MET C 349 12.73 4.47 30.87
C MET C 349 14.08 3.78 31.07
N LEU C 350 14.89 4.27 32.02
CA LEU C 350 16.15 3.61 32.37
C LEU C 350 16.30 3.48 33.90
N GLU C 351 15.22 3.03 34.53
CA GLU C 351 15.06 3.05 35.97
C GLU C 351 16.21 2.38 36.74
N SER C 352 16.63 1.20 36.31
CA SER C 352 17.70 0.45 36.98
C SER C 352 18.98 1.23 37.05
N MET C 353 19.11 2.23 36.18
CA MET C 353 20.33 2.97 36.14
C MET C 353 20.39 4.02 37.30
N ILE C 354 19.38 4.10 38.14
CA ILE C 354 19.49 4.84 39.42
C ILE C 354 20.63 4.22 40.23
N LYS C 355 20.72 2.89 40.20
CA LYS C 355 21.72 2.10 40.98
C LYS C 355 22.87 1.48 40.16
N LYS C 356 22.67 1.28 38.85
CA LYS C 356 23.64 0.53 38.04
C LYS C 356 24.12 1.34 36.86
N PRO C 357 25.34 1.06 36.38
CA PRO C 357 25.93 1.87 35.34
C PRO C 357 25.41 1.54 33.95
N ARG C 358 24.69 0.44 33.80
CA ARG C 358 24.08 0.12 32.51
C ARG C 358 22.68 -0.42 32.72
N PRO C 359 21.84 -0.35 31.66
CA PRO C 359 20.41 -0.62 31.81
C PRO C 359 20.03 -2.06 31.53
N THR C 360 18.79 -2.42 31.87
CA THR C 360 18.29 -3.75 31.56
C THR C 360 17.91 -3.77 30.08
N ARG C 361 17.67 -4.97 29.58
CA ARG C 361 17.31 -5.13 28.18
C ARG C 361 15.92 -4.58 27.89
N ALA C 362 15.00 -4.64 28.88
CA ALA C 362 13.68 -4.07 28.74
C ALA C 362 13.74 -2.55 28.58
N GLU C 363 14.67 -1.95 29.31
CA GLU C 363 14.89 -0.52 29.32
C GLU C 363 15.46 -0.02 27.98
N GLY C 364 16.42 -0.78 27.46
CA GLY C 364 16.98 -0.57 26.12
C GLY C 364 15.85 -0.55 25.10
N SER C 365 15.02 -1.58 25.17
CA SER C 365 13.86 -1.75 24.30
C SER C 365 12.79 -0.64 24.40
N ASP C 366 12.44 -0.26 25.63
CA ASP C 366 11.52 0.85 25.94
C ASP C 366 11.95 2.14 25.27
N VAL C 367 13.20 2.50 25.42
CA VAL C 367 13.66 3.73 24.82
C VAL C 367 13.59 3.65 23.29
N ALA C 368 14.10 2.56 22.71
CA ALA C 368 14.03 2.44 21.25
C ALA C 368 12.60 2.46 20.77
N ASN C 369 11.71 1.75 21.46
CA ASN C 369 10.32 1.69 21.02
C ASN C 369 9.51 2.98 21.20
N ALA C 370 9.88 3.83 22.17
CA ALA C 370 9.29 5.17 22.28
C ALA C 370 9.58 6.02 21.02
N VAL C 371 10.81 5.92 20.55
CA VAL C 371 11.27 6.64 19.39
C VAL C 371 10.55 6.07 18.16
N LEU C 372 10.45 4.75 18.03
CA LEU C 372 9.78 4.13 16.89
C LEU C 372 8.27 4.39 16.89
N ASP C 373 7.67 4.52 18.07
CA ASP C 373 6.27 4.90 18.17
C ASP C 373 6.00 6.28 17.58
N GLY C 374 6.97 7.18 17.75
CA GLY C 374 6.92 8.61 17.27
C GLY C 374 7.13 9.71 18.33
N ALA C 375 7.61 9.34 19.51
CA ALA C 375 7.81 10.30 20.60
C ALA C 375 8.75 11.38 20.15
N ASP C 376 8.36 12.63 20.27
CA ASP C 376 9.32 13.75 19.99
C ASP C 376 10.48 13.81 21.00
N CYS C 377 10.16 13.56 22.26
CA CYS C 377 11.10 13.61 23.37
C CYS C 377 10.94 12.40 24.28
N ILE C 378 12.01 12.08 24.98
CA ILE C 378 12.02 11.02 25.97
C ILE C 378 12.58 11.70 27.23
N MET C 379 12.31 11.12 28.39
CA MET C 379 12.57 11.80 29.65
C MET C 379 13.24 10.87 30.64
N LEU C 380 14.03 11.48 31.53
CA LEU C 380 14.66 10.83 32.66
C LEU C 380 14.20 11.55 33.94
N SER C 381 13.84 10.78 34.97
CA SER C 381 13.36 11.31 36.24
C SER C 381 14.38 11.07 37.35
N GLY C 382 14.16 10.10 38.24
CA GLY C 382 15.20 9.69 39.23
C GLY C 382 16.59 9.38 38.69
N GLU C 383 16.64 8.85 37.46
CA GLU C 383 17.87 8.52 36.80
C GLU C 383 18.83 9.71 36.77
N THR C 384 18.30 10.92 36.59
CA THR C 384 19.13 12.11 36.58
C THR C 384 18.94 12.94 37.87
N ALA C 385 17.80 12.85 38.53
CA ALA C 385 17.54 13.69 39.72
C ALA C 385 18.38 13.25 40.92
N LYS C 386 18.37 11.96 41.20
CA LYS C 386 18.96 11.41 42.43
C LYS C 386 19.86 10.21 42.24
N GLY C 387 20.01 9.72 41.01
CA GLY C 387 20.70 8.45 40.84
C GLY C 387 22.20 8.59 40.86
N ASP C 388 22.88 7.44 40.89
CA ASP C 388 24.34 7.35 40.91
C ASP C 388 25.01 7.47 39.56
N TYR C 389 24.24 7.40 38.48
CA TYR C 389 24.84 7.40 37.14
C TYR C 389 24.11 8.33 36.16
N PRO C 390 23.94 9.61 36.54
CA PRO C 390 23.12 10.49 35.71
C PRO C 390 23.72 10.72 34.33
N LEU C 391 25.04 10.91 34.25
CA LEU C 391 25.68 11.12 32.95
C LEU C 391 25.55 9.90 32.05
N GLU C 392 25.66 8.71 32.64
CA GLU C 392 25.53 7.50 31.85
C GLU C 392 24.11 7.35 31.34
N ALA C 393 23.12 7.75 32.14
CA ALA C 393 21.73 7.60 31.74
C ALA C 393 21.42 8.53 30.55
N VAL C 394 21.92 9.77 30.58
CA VAL C 394 21.77 10.66 29.42
C VAL C 394 22.45 10.08 28.16
N ARG C 395 23.71 9.66 28.29
CA ARG C 395 24.46 9.10 27.16
C ARG C 395 23.74 7.91 26.54
N MET C 396 23.21 7.05 27.39
CA MET C 396 22.50 5.86 26.91
C MET C 396 21.23 6.25 26.15
N GLN C 397 20.46 7.23 26.64
CA GLN C 397 19.27 7.64 25.87
C GLN C 397 19.69 8.20 24.53
N HIS C 398 20.80 8.93 24.52
CA HIS C 398 21.34 9.47 23.28
C HIS C 398 21.65 8.32 22.34
N LEU C 399 22.47 7.37 22.80
CA LEU C 399 22.88 6.22 21.94
C LEU C 399 21.69 5.42 21.39
N ILE C 400 20.74 5.04 22.25
CA ILE C 400 19.62 4.23 21.80
C ILE C 400 18.78 5.03 20.78
N ALA C 401 18.46 6.30 21.10
CA ALA C 401 17.57 7.12 20.25
C ALA C 401 18.10 7.29 18.83
N ARG C 402 19.39 7.54 18.74
CA ARG C 402 20.08 7.65 17.46
C ARG C 402 19.97 6.38 16.62
N GLU C 403 20.11 5.22 17.28
CA GLU C 403 19.92 3.95 16.60
C GLU C 403 18.50 3.74 16.15
N ALA C 404 17.53 4.01 17.03
CA ALA C 404 16.12 3.89 16.72
C ALA C 404 15.64 4.76 15.57
N GLU C 405 16.15 6.00 15.53
CA GLU C 405 15.80 6.95 14.50
C GLU C 405 16.16 6.44 13.10
N ALA C 406 17.34 5.85 12.97
CA ALA C 406 17.75 5.28 11.71
C ALA C 406 16.85 4.10 11.29
N ALA C 407 16.36 3.35 12.29
CA ALA C 407 15.54 2.15 12.04
C ALA C 407 14.08 2.43 11.72
N ILE C 408 13.67 3.70 11.77
CA ILE C 408 12.29 4.07 11.42
C ILE C 408 12.01 3.74 9.94
N TYR C 409 10.79 3.33 9.64
CA TYR C 409 10.38 3.00 8.28
C TYR C 409 9.74 4.24 7.67
N HIS C 410 10.59 5.13 7.17
CA HIS C 410 10.19 6.46 6.71
C HIS C 410 9.34 6.40 5.47
N LEU C 411 9.60 5.41 4.63
CA LEU C 411 8.75 5.18 3.43
C LEU C 411 7.25 5.14 3.79
N GLN C 412 6.85 4.33 4.77
CA GLN C 412 5.41 4.25 5.13
C GLN C 412 4.97 5.41 6.02
N LEU C 413 5.80 5.78 6.99
CA LEU C 413 5.51 6.91 7.87
C LEU C 413 5.16 8.21 7.07
N PHE C 414 6.03 8.61 6.16
CA PHE C 414 5.85 9.87 5.38
C PHE C 414 4.64 9.76 4.46
N GLU C 415 4.44 8.59 3.85
CA GLU C 415 3.27 8.37 3.01
C GLU C 415 2.01 8.57 3.82
N GLU C 416 1.94 8.02 5.04
CA GLU C 416 0.73 8.16 5.86
C GLU C 416 0.52 9.59 6.41
N LEU C 417 1.61 10.26 6.76
CA LEU C 417 1.55 11.62 7.31
C LEU C 417 1.01 12.58 6.26
N ARG C 418 1.44 12.38 5.02
CA ARG C 418 0.97 13.19 3.91
C ARG C 418 -0.47 12.94 3.51
N ARG C 419 -0.89 11.67 3.59
CA ARG C 419 -2.28 11.31 3.31
C ARG C 419 -3.20 11.84 4.38
N LEU C 420 -2.82 11.66 5.64
CA LEU C 420 -3.67 12.00 6.80
C LEU C 420 -3.65 13.50 7.11
N ALA C 421 -2.63 14.20 6.59
CA ALA C 421 -2.59 15.66 6.61
C ALA C 421 -3.72 16.17 5.69
N PRO C 422 -4.05 17.47 5.76
CA PRO C 422 -4.97 18.08 4.75
C PRO C 422 -4.33 18.89 3.58
N ILE C 423 -4.91 18.76 2.38
CA ILE C 423 -4.60 19.67 1.25
C ILE C 423 -5.12 21.06 1.63
N THR C 424 -4.21 22.06 1.63
CA THR C 424 -4.47 23.37 2.21
C THR C 424 -3.94 24.51 1.38
N SER C 425 -4.51 25.70 1.58
CA SER C 425 -4.07 26.90 0.86
C SER C 425 -2.86 27.57 1.51
N ASP C 426 -2.30 26.99 2.59
CA ASP C 426 -1.15 27.56 3.29
C ASP C 426 0.15 27.34 2.55
N PRO C 427 0.77 28.42 2.03
CA PRO C 427 2.00 28.26 1.24
C PRO C 427 3.22 27.74 2.02
N THR C 428 3.29 28.01 3.33
CA THR C 428 4.39 27.53 4.16
C THR C 428 4.33 26.02 4.36
N GLU C 429 3.12 25.49 4.50
CA GLU C 429 2.91 24.03 4.60
C GLU C 429 3.34 23.34 3.32
N ALA C 430 2.95 23.91 2.19
CA ALA C 430 3.32 23.38 0.87
C ALA C 430 4.84 23.32 0.71
N THR C 431 5.54 24.36 1.16
CA THR C 431 7.01 24.40 1.07
C THR C 431 7.67 23.41 2.04
N ALA C 432 7.06 23.23 3.21
CA ALA C 432 7.60 22.35 4.22
C ALA C 432 7.56 20.92 3.67
N VAL C 433 6.39 20.48 3.18
CA VAL C 433 6.24 19.10 2.66
C VAL C 433 7.13 18.87 1.41
N GLY C 434 7.31 19.91 0.59
CA GLY C 434 8.23 19.80 -0.55
C GLY C 434 9.69 19.68 -0.14
N ALA C 435 10.07 20.40 0.92
CA ALA C 435 11.43 20.33 1.43
C ALA C 435 11.74 18.94 1.98
N VAL C 436 10.77 18.31 2.64
CA VAL C 436 10.94 16.96 3.15
C VAL C 436 11.00 15.97 1.99
N GLU C 437 10.07 16.09 1.03
CA GLU C 437 10.12 15.19 -0.13
C GLU C 437 11.48 15.33 -0.80
N ALA C 438 11.89 16.56 -1.07
CA ALA C 438 13.21 16.78 -1.64
C ALA C 438 14.34 16.19 -0.80
N SER C 439 14.24 16.25 0.54
CA SER C 439 15.27 15.67 1.41
C SER C 439 15.39 14.15 1.24
N PHE C 440 14.28 13.46 1.02
CA PHE C 440 14.31 12.02 0.73
C PHE C 440 14.97 11.71 -0.62
N LYS C 441 14.63 12.51 -1.62
CA LYS C 441 15.08 12.26 -2.99
C LYS C 441 16.59 12.30 -3.07
N CYS C 442 17.22 13.29 -2.42
CA CYS C 442 18.67 13.42 -2.47
C CYS C 442 19.36 12.92 -1.21
N CYS C 443 18.64 12.28 -0.30
CA CYS C 443 19.20 11.87 0.99
C CYS C 443 20.04 13.02 1.57
N SER C 444 19.41 14.17 1.76
CA SER C 444 20.16 15.36 2.12
C SER C 444 20.84 15.23 3.49
N GLY C 445 21.96 15.94 3.63
CA GLY C 445 22.61 16.04 4.92
C GLY C 445 21.79 16.71 6.01
N ALA C 446 20.89 17.62 5.64
CA ALA C 446 20.12 18.40 6.62
C ALA C 446 19.06 19.16 5.87
N ILE C 447 17.99 19.55 6.56
CA ILE C 447 17.12 20.60 6.13
C ILE C 447 17.39 21.87 7.02
N ILE C 448 17.98 22.89 6.42
CA ILE C 448 18.34 24.12 7.15
C ILE C 448 17.18 25.07 7.04
N VAL C 449 16.64 25.53 8.17
CA VAL C 449 15.45 26.36 8.16
C VAL C 449 15.75 27.65 8.96
N LEU C 450 15.58 28.81 8.32
CA LEU C 450 15.63 30.06 9.10
C LEU C 450 14.23 30.26 9.64
N THR C 451 14.13 30.55 10.95
CA THR C 451 12.85 30.72 11.59
C THR C 451 12.91 31.73 12.77
N LYS C 452 11.90 32.57 12.90
CA LYS C 452 11.86 33.56 13.99
C LYS C 452 11.11 32.97 15.18
N SER C 453 9.92 32.45 14.92
CA SER C 453 9.02 31.91 15.95
C SER C 453 9.10 30.39 16.13
N GLY C 454 9.87 29.73 15.26
CA GLY C 454 9.98 28.27 15.23
C GLY C 454 8.97 27.59 14.32
N ARG C 455 7.87 28.27 13.95
CA ARG C 455 6.77 27.60 13.26
C ARG C 455 7.18 26.88 11.96
N SER C 456 8.06 27.51 11.17
CA SER C 456 8.47 26.94 9.88
C SER C 456 9.24 25.62 10.07
N ALA C 457 10.13 25.58 11.06
CA ALA C 457 10.84 24.35 11.41
C ALA C 457 9.88 23.32 12.02
N HIS C 458 8.88 23.78 12.79
CA HIS C 458 7.89 22.85 13.33
C HIS C 458 7.14 22.15 12.18
N GLN C 459 6.84 22.91 11.13
CA GLN C 459 6.05 22.39 10.01
C GLN C 459 6.79 21.31 9.25
N VAL C 460 8.10 21.45 9.13
CA VAL C 460 8.99 20.43 8.56
C VAL C 460 9.04 19.19 9.48
N ALA C 461 9.19 19.42 10.79
CA ALA C 461 9.31 18.32 11.77
C ALA C 461 8.13 17.38 11.75
N ARG C 462 6.93 17.95 11.64
CA ARG C 462 5.71 17.18 11.62
C ARG C 462 5.66 16.13 10.49
N TYR C 463 6.53 16.24 9.49
CA TYR C 463 6.50 15.30 8.35
C TYR C 463 7.55 14.22 8.50
N ARG C 464 8.28 14.29 9.61
CA ARG C 464 9.28 13.29 9.98
C ARG C 464 10.31 12.98 8.93
N PRO C 465 11.06 13.98 8.45
CA PRO C 465 12.21 13.68 7.62
C PRO C 465 13.29 12.90 8.36
N ARG C 466 14.08 12.13 7.62
CA ARG C 466 15.28 11.50 8.12
C ARG C 466 16.38 12.53 8.38
N ALA C 467 16.45 13.50 7.48
CA ALA C 467 17.47 14.56 7.57
C ALA C 467 17.23 15.39 8.83
N PRO C 468 18.28 15.72 9.57
CA PRO C 468 18.14 16.63 10.71
C PRO C 468 17.78 18.02 10.25
N ILE C 469 16.89 18.65 11.00
CA ILE C 469 16.39 20.00 10.73
C ILE C 469 17.19 20.99 11.56
N ILE C 470 18.14 21.65 10.93
CA ILE C 470 18.95 22.65 11.62
C ILE C 470 18.16 23.94 11.55
N ALA C 471 17.51 24.27 12.66
CA ALA C 471 16.73 25.49 12.76
C ALA C 471 17.59 26.67 13.28
N VAL C 472 17.83 27.63 12.39
CA VAL C 472 18.58 28.84 12.67
C VAL C 472 17.64 29.97 13.07
N THR C 473 17.82 30.48 14.30
CA THR C 473 17.00 31.58 14.83
C THR C 473 17.87 32.61 15.56
N ARG C 474 17.36 33.82 15.64
CA ARG C 474 18.00 34.84 16.49
C ARG C 474 17.25 34.94 17.82
N ASN C 475 16.10 34.27 17.92
CA ASN C 475 15.21 34.39 19.07
C ASN C 475 15.57 33.29 20.10
N PRO C 476 16.08 33.70 21.29
CA PRO C 476 16.50 32.69 22.29
C PRO C 476 15.42 31.69 22.73
N GLN C 477 14.19 32.15 22.94
CA GLN C 477 13.08 31.30 23.37
C GLN C 477 12.67 30.31 22.25
N THR C 478 12.45 30.80 21.03
CA THR C 478 12.27 29.91 19.86
C THR C 478 13.30 28.79 19.88
N ALA C 479 14.57 29.15 19.98
CA ALA C 479 15.64 28.18 20.06
C ALA C 479 15.47 27.07 21.15
N ARG C 480 15.01 27.47 22.33
CA ARG C 480 14.91 26.53 23.43
C ARG C 480 13.71 25.65 23.27
N GLN C 481 12.59 26.24 22.87
CA GLN C 481 11.33 25.52 22.75
C GLN C 481 11.34 24.53 21.56
N ALA C 482 12.22 24.76 20.59
CA ALA C 482 12.31 23.88 19.40
C ALA C 482 12.69 22.47 19.79
N HIS C 483 13.26 22.29 20.98
CA HIS C 483 13.67 20.94 21.42
C HIS C 483 12.52 20.02 21.60
N LEU C 484 11.31 20.59 21.62
CA LEU C 484 10.12 19.81 21.82
C LEU C 484 9.76 19.03 20.55
N TYR C 485 10.36 19.36 19.40
CA TYR C 485 10.05 18.72 18.11
C TYR C 485 11.15 17.77 17.63
N ARG C 486 10.78 16.51 17.41
CA ARG C 486 11.64 15.56 16.79
C ARG C 486 12.32 16.15 15.59
N GLY C 487 13.64 15.97 15.52
CA GLY C 487 14.40 16.27 14.33
C GLY C 487 14.99 17.65 14.32
N ILE C 488 14.54 18.54 15.19
CA ILE C 488 15.04 19.91 15.14
C ILE C 488 16.29 20.03 15.99
N PHE C 489 17.34 20.53 15.36
CA PHE C 489 18.57 20.87 16.00
C PHE C 489 18.66 22.41 16.03
N PRO C 490 18.27 23.02 17.16
CA PRO C 490 18.21 24.48 17.15
C PRO C 490 19.59 25.11 17.25
N VAL C 491 19.84 26.17 16.49
CA VAL C 491 21.11 26.92 16.58
C VAL C 491 20.78 28.41 16.72
N LEU C 492 21.39 29.04 17.70
CA LEU C 492 21.07 30.43 18.01
C LEU C 492 22.11 31.35 17.36
N CYS C 493 21.66 32.17 16.41
CA CYS C 493 22.56 33.09 15.74
C CYS C 493 22.70 34.36 16.57
N LYS C 494 23.94 34.68 16.90
CA LYS C 494 24.29 35.85 17.73
C LYS C 494 24.72 37.05 16.87
N ASP C 495 24.98 36.83 15.58
CA ASP C 495 25.52 37.90 14.72
C ASP C 495 24.50 38.99 14.53
N PRO C 496 24.95 40.26 14.54
CA PRO C 496 23.95 41.31 14.37
C PRO C 496 23.39 41.27 12.96
N VAL C 497 22.18 41.81 12.77
CA VAL C 497 21.50 41.81 11.46
C VAL C 497 22.30 42.63 10.45
N GLN C 498 22.61 42.04 9.29
CA GLN C 498 23.33 42.78 8.23
C GLN C 498 22.30 43.59 7.46
N GLU C 499 22.68 44.77 6.99
CA GLU C 499 21.78 45.69 6.29
C GLU C 499 21.24 45.03 5.04
N ALA C 500 22.13 44.40 4.30
CA ALA C 500 21.78 43.68 3.09
C ALA C 500 21.13 42.33 3.45
N TRP C 501 19.82 42.24 3.26
CA TRP C 501 19.06 41.07 3.68
C TRP C 501 19.55 39.73 3.07
N ALA C 502 19.71 39.67 1.74
CA ALA C 502 20.30 38.49 1.07
C ALA C 502 21.59 38.07 1.75
N GLU C 503 22.43 39.03 2.12
CA GLU C 503 23.65 38.72 2.83
C GLU C 503 23.36 38.24 4.25
N ASP C 504 22.32 38.76 4.88
CA ASP C 504 21.95 38.32 6.22
C ASP C 504 21.41 36.87 6.19
N VAL C 505 20.67 36.53 5.16
CA VAL C 505 20.21 35.16 4.95
C VAL C 505 21.41 34.21 4.79
N ASP C 506 22.29 34.54 3.86
CA ASP C 506 23.51 33.76 3.63
C ASP C 506 24.34 33.59 4.89
N LEU C 507 24.42 34.65 5.69
CA LEU C 507 25.20 34.58 6.93
C LEU C 507 24.63 33.46 7.80
N ARG C 508 23.32 33.39 7.91
CA ARG C 508 22.74 32.43 8.78
C ARG C 508 22.82 31.02 8.17
N VAL C 509 22.66 30.93 6.86
CA VAL C 509 22.81 29.63 6.19
C VAL C 509 24.23 29.14 6.32
N ASN C 510 25.21 30.02 6.19
CA ASN C 510 26.58 29.54 6.29
C ASN C 510 26.96 29.15 7.72
N PHE C 511 26.33 29.80 8.68
CA PHE C 511 26.45 29.45 10.10
C PHE C 511 25.94 28.03 10.32
N ALA C 512 24.77 27.74 9.79
CA ALA C 512 24.22 26.37 9.83
C ALA C 512 25.16 25.36 9.17
N MET C 513 25.70 25.70 8.01
CA MET C 513 26.70 24.86 7.33
C MET C 513 27.89 24.54 8.23
N ASN C 514 28.40 25.56 8.92
CA ASN C 514 29.54 25.41 9.82
C ASN C 514 29.23 24.55 11.04
N VAL C 515 28.02 24.64 11.57
CA VAL C 515 27.56 23.77 12.67
C VAL C 515 27.51 22.29 12.19
N GLY C 516 26.91 22.06 11.03
CA GLY C 516 26.79 20.72 10.45
C GLY C 516 28.11 20.02 10.26
N LYS C 517 29.07 20.72 9.66
CA LYS C 517 30.42 20.21 9.48
C LYS C 517 31.13 19.93 10.80
N ALA C 518 31.00 20.85 11.74
CA ALA C 518 31.65 20.73 13.03
C ALA C 518 31.06 19.57 13.84
N ARG C 519 29.73 19.38 13.77
CA ARG C 519 29.07 18.27 14.47
C ARG C 519 29.08 16.95 13.70
N GLY C 520 29.72 16.92 12.53
CA GLY C 520 29.78 15.72 11.72
C GLY C 520 28.50 15.31 11.03
N PHE C 521 27.53 16.21 10.87
CA PHE C 521 26.27 15.84 10.19
C PHE C 521 26.50 15.66 8.70
N PHE C 522 27.43 16.43 8.15
CA PHE C 522 27.74 16.38 6.73
C PHE C 522 29.11 17.01 6.47
N LYS C 523 29.61 16.87 5.25
CA LYS C 523 30.91 17.40 4.80
C LYS C 523 30.78 18.17 3.49
N LYS C 524 31.83 18.90 3.12
CA LYS C 524 31.88 19.61 1.85
C LYS C 524 31.44 18.71 0.69
N GLY C 525 30.63 19.25 -0.21
CA GLY C 525 30.18 18.49 -1.36
C GLY C 525 28.90 17.69 -1.14
N ASP C 526 28.48 17.45 0.09
CA ASP C 526 27.12 16.90 0.34
C ASP C 526 26.05 17.92 -0.11
N VAL C 527 24.81 17.46 -0.24
CA VAL C 527 23.70 18.33 -0.63
C VAL C 527 22.79 18.54 0.60
N VAL C 528 22.38 19.78 0.81
CA VAL C 528 21.43 20.10 1.89
C VAL C 528 20.27 20.88 1.34
N ILE C 529 19.13 20.85 2.02
CA ILE C 529 17.97 21.59 1.60
C ILE C 529 17.95 22.87 2.45
N VAL C 530 17.66 24.02 1.85
CA VAL C 530 17.57 25.28 2.58
C VAL C 530 16.23 25.95 2.40
N LEU C 531 15.60 26.29 3.52
CA LEU C 531 14.32 26.93 3.50
C LEU C 531 14.40 28.35 4.11
N THR C 532 13.97 29.33 3.31
CA THR C 532 13.91 30.74 3.70
C THR C 532 12.55 31.31 3.26
N GLY C 533 12.30 32.57 3.61
CA GLY C 533 11.19 33.32 3.03
C GLY C 533 11.66 34.21 1.90
N TRP C 534 10.70 34.99 1.39
CA TRP C 534 10.96 35.95 0.31
C TRP C 534 11.34 37.36 0.82
N ARG C 535 11.13 37.61 2.12
CA ARG C 535 11.55 38.84 2.77
C ARG C 535 11.75 38.58 4.30
N PRO C 536 12.24 39.59 5.06
CA PRO C 536 12.44 39.41 6.48
C PRO C 536 11.14 39.40 7.28
N GLY C 537 11.22 38.94 8.53
CA GLY C 537 10.03 38.82 9.36
C GLY C 537 9.34 37.47 9.27
N SER C 538 8.43 37.25 10.21
CA SER C 538 7.75 35.98 10.41
C SER C 538 6.69 35.72 9.34
N GLY C 539 6.50 34.45 8.98
CA GLY C 539 5.31 34.02 8.27
C GLY C 539 5.38 34.08 6.75
N PHE C 540 6.59 34.21 6.20
CA PHE C 540 6.80 34.32 4.76
C PHE C 540 7.57 33.13 4.18
N THR C 541 7.73 32.05 4.94
CA THR C 541 8.57 30.93 4.50
C THR C 541 7.98 30.30 3.21
N ASN C 542 8.73 30.38 2.13
CA ASN C 542 8.19 30.02 0.82
C ASN C 542 9.22 29.54 -0.19
N THR C 543 10.48 29.50 0.21
CA THR C 543 11.57 29.26 -0.72
C THR C 543 12.35 28.05 -0.26
N MET C 544 12.48 27.07 -1.15
CA MET C 544 13.30 25.90 -0.90
C MET C 544 14.39 25.82 -1.94
N ARG C 545 15.63 25.71 -1.49
CA ARG C 545 16.77 25.53 -2.35
C ARG C 545 17.56 24.29 -2.00
N VAL C 546 18.14 23.67 -3.01
CA VAL C 546 18.98 22.51 -2.87
C VAL C 546 20.40 22.98 -3.17
N VAL C 547 21.26 22.98 -2.15
CA VAL C 547 22.55 23.63 -2.24
C VAL C 547 23.67 22.70 -1.77
N PRO C 548 24.87 22.79 -2.36
CA PRO C 548 25.92 21.95 -1.87
C PRO C 548 26.55 22.57 -0.63
N VAL C 549 27.12 21.74 0.23
CA VAL C 549 27.83 22.20 1.39
C VAL C 549 29.20 22.79 0.94
N PRO C 550 29.51 24.06 1.31
CA PRO C 550 30.79 24.65 0.93
C PRO C 550 31.96 24.11 1.74
N THR D 34 -15.01 -4.32 21.37
CA THR D 34 -14.06 -5.24 22.07
C THR D 34 -12.88 -5.61 21.17
N GLN D 35 -11.81 -6.13 21.77
CA GLN D 35 -10.68 -6.71 21.01
C GLN D 35 -9.95 -5.72 20.08
N GLN D 36 -10.06 -4.42 20.37
CA GLN D 36 -9.53 -3.35 19.49
C GLN D 36 -9.99 -3.47 18.05
N LEU D 37 -11.25 -3.86 17.86
CA LEU D 37 -11.78 -4.05 16.51
C LEU D 37 -12.02 -2.72 15.78
N HIS D 38 -12.23 -1.63 16.52
CA HIS D 38 -12.24 -0.29 15.89
C HIS D 38 -10.87 -0.01 15.26
N ALA D 39 -9.81 -0.15 16.07
CA ALA D 39 -8.44 -0.03 15.57
C ALA D 39 -8.11 -1.01 14.45
N ALA D 40 -8.72 -2.20 14.49
CA ALA D 40 -8.46 -3.26 13.48
C ALA D 40 -8.91 -2.86 12.06
N MET D 41 -9.92 -2.01 11.98
CA MET D 41 -10.54 -1.56 10.71
C MET D 41 -9.84 -0.36 10.05
N ALA D 42 -8.85 0.22 10.73
CA ALA D 42 -8.21 1.43 10.20
C ALA D 42 -7.44 1.18 8.91
N ASP D 43 -7.53 2.16 8.02
CA ASP D 43 -6.86 2.10 6.71
C ASP D 43 -5.38 2.40 6.76
N THR D 44 -4.90 3.02 7.84
CA THR D 44 -3.46 3.28 7.95
C THR D 44 -2.99 2.79 9.30
N PHE D 45 -1.67 2.55 9.44
CA PHE D 45 -1.12 2.21 10.76
C PHE D 45 -1.26 3.38 11.72
N LEU D 46 -0.97 4.60 11.25
CA LEU D 46 -1.19 5.77 12.09
C LEU D 46 -2.60 5.80 12.69
N GLU D 47 -3.65 5.69 11.87
CA GLU D 47 -5.00 5.69 12.40
C GLU D 47 -5.26 4.46 13.29
N HIS D 48 -4.62 3.35 12.97
CA HIS D 48 -4.69 2.19 13.85
C HIS D 48 -4.17 2.55 15.27
N MET D 49 -2.98 3.16 15.37
CA MET D 49 -2.45 3.63 16.67
C MET D 49 -3.45 4.53 17.40
N CYS D 50 -3.99 5.49 16.65
CA CYS D 50 -4.91 6.49 17.18
C CYS D 50 -6.17 5.93 17.80
N ARG D 51 -6.58 4.74 17.36
CA ARG D 51 -7.81 4.10 17.84
C ARG D 51 -7.58 3.10 18.97
N LEU D 52 -6.33 2.74 19.25
CA LEU D 52 -6.05 1.85 20.39
C LEU D 52 -6.73 2.40 21.65
N ASP D 53 -7.50 1.55 22.29
CA ASP D 53 -8.43 1.96 23.30
C ASP D 53 -8.29 1.10 24.57
N ILE D 54 -7.87 1.75 25.65
CA ILE D 54 -7.73 1.04 26.92
C ILE D 54 -9.04 0.51 27.51
N ASP D 55 -10.18 0.99 27.01
CA ASP D 55 -11.51 0.52 27.45
C ASP D 55 -12.14 -0.49 26.49
N SER D 56 -11.39 -0.88 25.47
CA SER D 56 -11.77 -2.01 24.59
C SER D 56 -11.16 -3.31 25.13
N PRO D 57 -11.96 -4.17 25.78
CA PRO D 57 -11.32 -5.31 26.45
C PRO D 57 -10.99 -6.49 25.51
N PRO D 58 -9.85 -7.16 25.74
CA PRO D 58 -9.50 -8.32 24.90
C PRO D 58 -10.38 -9.54 25.14
N ILE D 59 -10.39 -10.46 24.17
CA ILE D 59 -10.98 -11.81 24.33
C ILE D 59 -10.27 -12.60 25.44
N THR D 60 -10.75 -13.80 25.74
CA THR D 60 -10.10 -14.66 26.75
C THR D 60 -8.75 -15.21 26.29
N ALA D 61 -8.66 -15.64 25.03
CA ALA D 61 -7.50 -16.36 24.52
C ALA D 61 -6.25 -15.50 24.55
N ARG D 62 -5.18 -16.03 25.13
CA ARG D 62 -3.87 -15.44 25.01
C ARG D 62 -3.00 -16.36 24.18
N ASN D 63 -2.46 -15.82 23.08
CA ASN D 63 -1.79 -16.55 22.00
C ASN D 63 -0.28 -16.81 22.20
N THR D 64 0.36 -15.91 22.94
CA THR D 64 1.81 -15.92 23.10
C THR D 64 2.20 -16.87 24.20
N GLY D 65 3.00 -17.87 23.86
CA GLY D 65 3.48 -18.86 24.87
C GLY D 65 4.33 -18.18 25.94
N ILE D 66 4.22 -18.62 27.19
CA ILE D 66 5.07 -18.10 28.26
C ILE D 66 6.00 -19.22 28.76
N ILE D 67 7.29 -18.93 28.73
CA ILE D 67 8.32 -19.88 29.12
C ILE D 67 8.84 -19.43 30.47
N CYS D 68 8.73 -20.29 31.48
CA CYS D 68 9.11 -19.92 32.86
C CYS D 68 10.31 -20.74 33.31
N THR D 69 11.38 -20.08 33.74
CA THR D 69 12.53 -20.77 34.28
C THR D 69 12.21 -21.23 35.69
N ILE D 70 12.45 -22.52 35.96
CA ILE D 70 12.09 -23.13 37.23
C ILE D 70 13.34 -23.19 38.11
N GLY D 71 13.20 -22.79 39.36
CA GLY D 71 14.32 -22.73 40.32
C GLY D 71 13.75 -22.79 41.73
N PRO D 72 14.51 -22.31 42.74
CA PRO D 72 14.03 -22.42 44.13
C PRO D 72 12.64 -21.83 44.36
N ALA D 73 12.30 -20.72 43.71
CA ALA D 73 11.00 -20.08 43.98
C ALA D 73 9.79 -20.83 43.41
N SER D 74 10.00 -21.77 42.47
CA SER D 74 8.91 -22.24 41.59
C SER D 74 8.84 -23.75 41.42
N ARG D 75 9.64 -24.46 42.19
CA ARG D 75 9.98 -25.84 41.89
C ARG D 75 9.15 -26.86 42.66
N SER D 76 8.45 -26.42 43.71
CA SER D 76 7.51 -27.28 44.43
C SER D 76 6.28 -27.62 43.57
N VAL D 77 5.74 -28.82 43.80
CA VAL D 77 4.55 -29.26 43.09
C VAL D 77 3.43 -28.25 43.28
N GLU D 78 3.28 -27.75 44.51
CA GLU D 78 2.17 -26.84 44.78
C GLU D 78 2.31 -25.50 44.06
N THR D 79 3.52 -24.94 44.02
CA THR D 79 3.72 -23.69 43.29
C THR D 79 3.56 -23.93 41.78
N LEU D 80 4.06 -25.07 41.29
CA LEU D 80 3.97 -25.42 39.86
C LEU D 80 2.52 -25.52 39.37
N LYS D 81 1.64 -26.01 40.23
CA LYS D 81 0.20 -25.99 39.96
C LYS D 81 -0.28 -24.55 39.73
N GLU D 82 0.11 -23.63 40.62
CA GLU D 82 -0.29 -22.23 40.45
C GLU D 82 0.33 -21.56 39.21
N MET D 83 1.57 -21.96 38.91
CA MET D 83 2.28 -21.46 37.75
C MET D 83 1.53 -21.84 36.48
N ILE D 84 1.01 -23.06 36.45
CA ILE D 84 0.19 -23.52 35.36
C ILE D 84 -1.11 -22.72 35.29
N LYS D 85 -1.77 -22.54 36.44
CA LYS D 85 -3.03 -21.81 36.46
C LYS D 85 -2.80 -20.32 36.12
N SER D 86 -1.61 -19.81 36.44
CA SER D 86 -1.25 -18.42 36.13
C SER D 86 -0.88 -18.20 34.64
N GLY D 87 -0.51 -19.25 33.92
CA GLY D 87 -0.27 -19.16 32.46
C GLY D 87 0.97 -19.83 31.90
N MET D 88 1.78 -20.47 32.74
CA MET D 88 2.97 -21.14 32.26
C MET D 88 2.64 -22.20 31.21
N ASN D 89 3.33 -22.16 30.10
CA ASN D 89 3.20 -23.16 29.04
C ASN D 89 4.41 -24.07 28.86
N VAL D 90 5.59 -23.54 29.17
CA VAL D 90 6.85 -24.24 29.05
C VAL D 90 7.69 -23.99 30.33
N ALA D 91 8.19 -25.07 30.92
CA ALA D 91 9.07 -24.99 32.05
C ALA D 91 10.53 -25.15 31.54
N ARG D 92 11.30 -24.10 31.70
CA ARG D 92 12.71 -24.06 31.27
C ARG D 92 13.61 -24.45 32.43
N LEU D 93 14.54 -25.35 32.14
CA LEU D 93 15.52 -25.78 33.08
C LEU D 93 16.86 -25.30 32.60
N ASN D 94 17.50 -24.49 33.42
CA ASN D 94 18.79 -23.92 33.13
C ASN D 94 19.89 -24.85 33.66
N PHE D 95 20.60 -25.49 32.73
CA PHE D 95 21.66 -26.44 33.06
C PHE D 95 23.04 -25.79 33.22
N SER D 96 23.08 -24.47 33.24
CA SER D 96 24.29 -23.77 33.64
C SER D 96 24.61 -24.11 35.11
N HIS D 97 23.59 -24.43 35.89
CA HIS D 97 23.82 -24.91 37.27
C HIS D 97 22.93 -26.10 37.60
N GLY D 98 23.34 -26.89 38.58
CA GLY D 98 22.48 -27.97 39.10
C GLY D 98 22.83 -29.34 38.57
N THR D 99 22.59 -30.35 39.41
CA THR D 99 22.93 -31.72 39.06
C THR D 99 21.80 -32.38 38.28
N HIS D 100 22.11 -33.48 37.59
CA HIS D 100 21.09 -34.29 36.93
C HIS D 100 20.00 -34.77 37.88
N GLU D 101 20.38 -35.16 39.10
CA GLU D 101 19.40 -35.53 40.16
C GLU D 101 18.42 -34.40 40.49
N TYR D 102 18.97 -33.21 40.66
CA TYR D 102 18.22 -32.00 40.99
C TYR D 102 17.21 -31.70 39.89
N HIS D 103 17.71 -31.63 38.66
CA HIS D 103 16.86 -31.35 37.50
C HIS D 103 15.82 -32.43 37.29
N ALA D 104 16.24 -33.70 37.36
CA ALA D 104 15.33 -34.84 37.34
C ALA D 104 14.17 -34.65 38.31
N GLU D 105 14.46 -34.14 39.50
CA GLU D 105 13.43 -33.90 40.52
C GLU D 105 12.50 -32.74 40.09
N THR D 106 13.07 -31.63 39.62
CA THR D 106 12.27 -30.56 38.99
C THR D 106 11.32 -31.11 37.89
N ILE D 107 11.88 -31.85 36.93
CA ILE D 107 11.06 -32.43 35.87
C ILE D 107 9.92 -33.25 36.48
N LYS D 108 10.27 -34.09 37.46
CA LYS D 108 9.29 -34.93 38.11
C LYS D 108 8.19 -34.08 38.71
N ASN D 109 8.57 -33.05 39.48
CA ASN D 109 7.60 -32.12 40.03
C ASN D 109 6.73 -31.41 38.94
N VAL D 110 7.35 -31.05 37.83
CA VAL D 110 6.60 -30.36 36.75
C VAL D 110 5.50 -31.28 36.28
N ARG D 111 5.84 -32.56 36.12
CA ARG D 111 4.92 -33.51 35.54
C ARG D 111 3.86 -33.93 36.55
N THR D 112 4.23 -33.98 37.83
CA THR D 112 3.24 -34.17 38.87
C THR D 112 2.20 -33.05 38.86
N ALA D 113 2.65 -31.80 38.90
CA ALA D 113 1.72 -30.67 38.83
C ALA D 113 0.84 -30.69 37.56
N THR D 114 1.45 -30.99 36.43
CA THR D 114 0.74 -30.95 35.13
C THR D 114 -0.34 -32.02 35.02
N GLU D 115 0.02 -33.25 35.39
CA GLU D 115 -0.94 -34.36 35.37
C GLU D 115 -2.00 -34.31 36.46
N SER D 116 -1.87 -33.44 37.45
CA SER D 116 -2.93 -33.24 38.44
C SER D 116 -4.21 -32.69 37.81
N PHE D 117 -4.07 -32.09 36.63
CA PHE D 117 -5.22 -31.59 35.86
C PHE D 117 -5.68 -32.58 34.79
N ALA D 118 -5.09 -33.76 34.78
CA ALA D 118 -5.29 -34.70 33.66
C ALA D 118 -6.69 -35.31 33.59
N SER D 119 -7.39 -35.38 34.72
CA SER D 119 -8.71 -36.07 34.78
C SER D 119 -9.75 -35.50 33.81
N ASP D 120 -9.59 -34.23 33.42
CA ASP D 120 -10.54 -33.58 32.52
C ASP D 120 -9.79 -33.07 31.31
N PRO D 121 -9.79 -33.86 30.22
CA PRO D 121 -9.02 -33.48 29.03
C PRO D 121 -9.55 -32.20 28.37
N ILE D 122 -10.81 -31.87 28.64
CA ILE D 122 -11.43 -30.63 28.14
C ILE D 122 -10.66 -29.42 28.66
N LEU D 123 -10.30 -29.47 29.94
CA LEU D 123 -9.64 -28.37 30.63
C LEU D 123 -8.11 -28.55 30.80
N TYR D 124 -7.60 -29.74 30.49
CA TYR D 124 -6.17 -30.03 30.63
C TYR D 124 -5.29 -29.19 29.72
N ARG D 125 -4.27 -28.60 30.32
CA ARG D 125 -3.30 -27.76 29.60
CA ARG D 125 -3.29 -27.76 29.61
C ARG D 125 -1.93 -28.48 29.54
N PRO D 126 -1.49 -28.88 28.33
CA PRO D 126 -0.16 -29.48 28.26
C PRO D 126 0.93 -28.46 28.67
N VAL D 127 1.99 -28.94 29.32
CA VAL D 127 3.10 -28.12 29.73
C VAL D 127 4.35 -28.74 29.14
N ALA D 128 5.13 -27.97 28.38
CA ALA D 128 6.37 -28.48 27.83
C ALA D 128 7.55 -28.33 28.78
N VAL D 129 8.57 -29.15 28.52
CA VAL D 129 9.83 -29.11 29.26
C VAL D 129 10.97 -28.80 28.30
N ALA D 130 11.73 -27.77 28.65
CA ALA D 130 12.80 -27.23 27.84
C ALA D 130 14.11 -27.34 28.60
N LEU D 131 15.16 -27.80 27.92
CA LEU D 131 16.49 -27.91 28.53
C LEU D 131 17.40 -26.88 27.88
N ASP D 132 17.95 -25.98 28.68
CA ASP D 132 18.72 -24.85 28.20
C ASP D 132 20.14 -25.14 28.63
N THR D 133 21.01 -25.34 27.64
CA THR D 133 22.38 -25.80 27.88
C THR D 133 23.29 -24.69 28.48
N LYS D 134 24.29 -25.13 29.26
CA LYS D 134 25.35 -24.25 29.73
C LYS D 134 26.10 -23.66 28.53
N GLY D 135 26.51 -24.52 27.62
CA GLY D 135 27.20 -24.10 26.41
C GLY D 135 28.70 -23.88 26.60
N PRO D 136 29.40 -23.61 25.48
CA PRO D 136 30.80 -23.28 25.62
C PRO D 136 30.99 -22.03 26.49
N GLU D 137 32.10 -21.99 27.21
CA GLU D 137 32.48 -20.84 28.01
C GLU D 137 33.96 -20.58 27.89
N ILE D 138 34.35 -19.33 28.11
CA ILE D 138 35.72 -18.95 28.42
C ILE D 138 35.68 -18.43 29.84
N ARG D 139 36.56 -18.94 30.68
CA ARG D 139 36.68 -18.49 32.06
C ARG D 139 38.13 -18.14 32.36
N THR D 140 38.31 -17.30 33.36
CA THR D 140 39.61 -16.91 33.85
C THR D 140 40.05 -17.86 34.96
N GLU D 152 41.44 -5.37 41.66
CA GLU D 152 41.10 -4.07 41.08
C GLU D 152 41.91 -3.81 39.81
N LEU D 153 41.22 -3.56 38.70
CA LEU D 153 41.86 -3.18 37.43
C LEU D 153 41.59 -1.72 37.15
N LYS D 154 42.66 -0.97 36.86
CA LYS D 154 42.56 0.47 36.67
C LYS D 154 42.54 0.80 35.18
N LYS D 155 41.68 1.74 34.80
CA LYS D 155 41.60 2.25 33.42
C LYS D 155 42.94 2.82 32.97
N GLY D 156 43.42 2.38 31.80
CA GLY D 156 44.72 2.79 31.28
C GLY D 156 45.87 1.88 31.66
N ALA D 157 45.70 1.03 32.67
CA ALA D 157 46.75 0.06 33.08
C ALA D 157 46.91 -1.06 32.05
N THR D 158 48.08 -1.69 32.06
CA THR D 158 48.41 -2.75 31.11
C THR D 158 48.25 -4.10 31.83
N LEU D 159 47.58 -5.05 31.17
CA LEU D 159 47.33 -6.38 31.73
C LEU D 159 47.70 -7.45 30.71
N LYS D 160 48.51 -8.43 31.13
CA LYS D 160 48.87 -9.52 30.24
C LYS D 160 47.89 -10.68 30.45
N ILE D 161 47.41 -11.23 29.34
CA ILE D 161 46.63 -12.45 29.36
C ILE D 161 47.60 -13.59 29.04
N THR D 162 47.67 -14.58 29.94
CA THR D 162 48.52 -15.76 29.73
C THR D 162 47.66 -17.03 29.57
N LEU D 163 47.96 -17.83 28.56
CA LEU D 163 47.41 -19.18 28.46
C LEU D 163 48.38 -20.20 29.09
N ASP D 164 49.48 -19.68 29.66
CA ASP D 164 50.49 -20.48 30.35
C ASP D 164 49.92 -21.04 31.65
N ASN D 165 49.59 -22.34 31.62
CA ASN D 165 48.90 -23.04 32.71
C ASN D 165 49.58 -22.92 34.07
N ALA D 166 50.83 -22.48 34.04
CA ALA D 166 51.57 -22.07 35.24
C ALA D 166 50.72 -21.24 36.19
N TYR D 167 50.00 -20.25 35.65
CA TYR D 167 49.28 -19.26 36.46
C TYR D 167 47.76 -19.54 36.62
N MET D 168 47.37 -20.82 36.53
CA MET D 168 45.98 -21.23 36.69
C MET D 168 45.38 -20.69 37.99
N GLU D 169 46.13 -20.77 39.08
CA GLU D 169 45.68 -20.35 40.41
C GLU D 169 46.37 -19.06 40.91
N LYS D 170 46.89 -18.24 39.98
CA LYS D 170 47.67 -17.05 40.34
C LYS D 170 47.44 -15.81 39.43
N CYS D 171 46.18 -15.42 39.24
CA CYS D 171 45.83 -14.20 38.49
C CYS D 171 45.89 -12.99 39.40
N ASP D 172 46.18 -11.82 38.83
CA ASP D 172 46.24 -10.57 39.61
C ASP D 172 46.15 -9.34 38.69
N GLU D 173 46.42 -8.17 39.26
CA GLU D 173 46.53 -6.89 38.54
C GLU D 173 47.38 -6.90 37.24
N ASN D 174 48.30 -7.86 37.10
CA ASN D 174 49.30 -7.85 36.01
C ASN D 174 49.28 -9.04 35.05
N ILE D 175 48.90 -10.22 35.57
CA ILE D 175 48.82 -11.45 34.79
C ILE D 175 47.46 -12.12 35.04
N LEU D 176 46.77 -12.48 33.97
CA LEU D 176 45.45 -13.09 34.06
C LEU D 176 45.42 -14.30 33.15
N TRP D 177 45.16 -15.47 33.72
CA TRP D 177 45.13 -16.72 32.96
C TRP D 177 43.74 -17.02 32.38
N LEU D 178 43.68 -17.51 31.13
CA LEU D 178 42.43 -17.96 30.47
C LEU D 178 42.49 -19.41 30.04
N ASP D 179 41.33 -20.08 29.99
CA ASP D 179 41.25 -21.51 29.61
C ASP D 179 40.91 -21.74 28.14
N TYR D 180 40.81 -20.68 27.36
CA TYR D 180 40.56 -20.80 25.93
C TYR D 180 41.89 -20.83 25.20
N LYS D 181 42.32 -22.05 24.86
CA LYS D 181 43.66 -22.31 24.34
C LYS D 181 43.95 -21.62 23.00
N ASN D 182 42.91 -21.38 22.18
CA ASN D 182 43.13 -20.76 20.88
C ASN D 182 42.79 -19.24 20.85
N ILE D 183 42.81 -18.57 22.00
CA ILE D 183 42.36 -17.17 22.05
C ILE D 183 43.13 -16.24 21.10
N CYS D 184 44.45 -16.43 20.99
CA CYS D 184 45.32 -15.57 20.15
C CYS D 184 45.06 -15.63 18.65
N LYS D 185 44.53 -16.77 18.19
CA LYS D 185 44.26 -16.97 16.77
C LYS D 185 42.98 -16.25 16.30
N VAL D 186 42.06 -15.95 17.23
CA VAL D 186 40.77 -15.35 16.88
C VAL D 186 40.63 -13.86 17.24
N VAL D 187 41.64 -13.32 17.91
CA VAL D 187 41.71 -11.88 18.22
C VAL D 187 42.88 -11.21 17.47
N GLU D 188 42.75 -9.92 17.20
CA GLU D 188 43.79 -9.10 16.55
C GLU D 188 44.23 -7.97 17.51
N VAL D 189 45.34 -7.28 17.20
CA VAL D 189 45.65 -6.02 17.88
C VAL D 189 44.44 -5.10 17.67
N GLY D 190 43.95 -4.50 18.76
CA GLY D 190 42.76 -3.66 18.69
C GLY D 190 41.44 -4.37 19.01
N SER D 191 41.47 -5.71 19.03
CA SER D 191 40.31 -6.49 19.49
C SER D 191 40.00 -6.14 20.93
N LYS D 192 38.71 -6.15 21.28
CA LYS D 192 38.28 -5.93 22.66
C LYS D 192 38.12 -7.29 23.34
N ILE D 193 38.31 -7.30 24.66
CA ILE D 193 38.04 -8.48 25.49
C ILE D 193 37.22 -8.02 26.69
N TYR D 194 36.09 -8.67 26.91
CA TYR D 194 35.22 -8.33 28.03
C TYR D 194 35.37 -9.40 29.09
N VAL D 195 35.42 -8.97 30.35
CA VAL D 195 35.58 -9.88 31.47
C VAL D 195 34.43 -9.71 32.45
N ASP D 196 33.89 -10.84 32.91
CA ASP D 196 32.80 -10.91 33.89
C ASP D 196 31.52 -10.18 33.46
N ASP D 197 30.77 -10.78 32.53
CA ASP D 197 29.51 -10.18 32.06
C ASP D 197 29.67 -8.71 31.67
N GLY D 198 30.76 -8.39 31.00
CA GLY D 198 31.00 -7.07 30.48
C GLY D 198 31.44 -5.98 31.44
N LEU D 199 31.55 -6.27 32.75
CA LEU D 199 31.96 -5.24 33.73
C LEU D 199 33.31 -4.59 33.34
N ILE D 200 34.23 -5.41 32.85
CA ILE D 200 35.59 -5.02 32.51
C ILE D 200 35.83 -5.14 31.01
N SER D 201 36.42 -4.09 30.43
CA SER D 201 36.76 -4.03 29.02
C SER D 201 38.29 -3.89 28.87
N LEU D 202 38.90 -4.79 28.08
CA LEU D 202 40.33 -4.75 27.74
C LEU D 202 40.48 -4.59 26.24
N GLN D 203 41.54 -3.91 25.80
CA GLN D 203 41.86 -3.83 24.37
C GLN D 203 43.23 -4.45 24.10
N VAL D 204 43.32 -5.29 23.08
CA VAL D 204 44.58 -5.95 22.71
C VAL D 204 45.59 -4.98 22.06
N LYS D 205 46.82 -4.98 22.58
CA LYS D 205 47.91 -4.11 22.09
C LYS D 205 49.09 -4.87 21.44
N GLN D 206 49.30 -6.11 21.83
CA GLN D 206 50.32 -6.97 21.21
C GLN D 206 49.88 -8.43 21.29
N LYS D 207 50.00 -9.16 20.19
CA LYS D 207 49.58 -10.56 20.11
C LYS D 207 50.78 -11.47 19.81
N ASP D 210 51.57 -17.32 22.76
CA ASP D 210 51.06 -17.86 24.03
C ASP D 210 50.48 -16.79 24.95
N PHE D 211 50.36 -15.54 24.48
CA PHE D 211 49.94 -14.43 25.33
C PHE D 211 49.42 -13.24 24.53
N LEU D 212 48.87 -12.27 25.25
CA LEU D 212 48.39 -11.01 24.68
C LEU D 212 48.66 -9.88 25.68
N VAL D 213 49.19 -8.76 25.19
CA VAL D 213 49.35 -7.57 26.01
C VAL D 213 48.15 -6.70 25.75
N THR D 214 47.40 -6.39 26.81
CA THR D 214 46.18 -5.63 26.72
C THR D 214 46.24 -4.40 27.59
N GLU D 215 45.43 -3.39 27.23
CA GLU D 215 45.24 -2.20 28.02
C GLU D 215 43.80 -2.20 28.54
N VAL D 216 43.62 -1.84 29.80
CA VAL D 216 42.28 -1.72 30.39
C VAL D 216 41.59 -0.45 29.87
N GLU D 217 40.43 -0.61 29.24
CA GLU D 217 39.62 0.52 28.75
C GLU D 217 38.52 0.90 29.76
N ASN D 218 37.80 -0.12 30.27
CA ASN D 218 36.81 0.04 31.36
C ASN D 218 37.20 -0.84 32.54
N GLY D 219 37.54 -0.21 33.68
CA GLY D 219 38.13 -0.90 34.83
C GLY D 219 37.09 -1.36 35.85
N GLY D 220 37.56 -2.11 36.85
CA GLY D 220 36.68 -2.69 37.87
C GLY D 220 37.36 -3.79 38.68
N SER D 221 36.65 -4.40 39.63
CA SER D 221 37.23 -5.43 40.53
C SER D 221 37.21 -6.82 39.90
N LEU D 222 38.38 -7.33 39.52
CA LEU D 222 38.51 -8.67 38.93
C LEU D 222 38.48 -9.74 40.01
N GLY D 223 37.81 -10.86 39.69
CA GLY D 223 37.65 -11.97 40.63
C GLY D 223 38.11 -13.28 40.01
N SER D 224 37.73 -14.38 40.68
CA SER D 224 38.11 -15.71 40.22
C SER D 224 36.98 -16.27 39.38
N LYS D 225 37.33 -17.06 38.38
CA LYS D 225 36.35 -17.78 37.55
C LYS D 225 35.27 -16.83 37.01
N LYS D 226 35.70 -15.78 36.31
CA LYS D 226 34.80 -14.79 35.72
C LYS D 226 34.67 -15.05 34.21
N GLY D 227 33.44 -14.91 33.68
CA GLY D 227 33.15 -15.20 32.26
C GLY D 227 33.80 -14.19 31.30
N VAL D 228 34.27 -14.69 30.17
CA VAL D 228 34.95 -13.86 29.17
C VAL D 228 34.18 -13.89 27.85
N ASN D 229 34.08 -12.72 27.22
CA ASN D 229 33.44 -12.57 25.89
C ASN D 229 34.39 -11.84 24.94
N LEU D 230 34.38 -12.23 23.66
CA LEU D 230 35.25 -11.67 22.62
C LEU D 230 34.43 -11.08 21.47
N PRO D 231 33.96 -9.82 21.62
CA PRO D 231 33.10 -9.14 20.65
C PRO D 231 33.64 -9.16 19.24
N GLY D 232 32.78 -9.58 18.30
CA GLY D 232 33.11 -9.55 16.89
C GLY D 232 34.04 -10.68 16.42
N ALA D 233 34.52 -11.51 17.36
CA ALA D 233 35.41 -12.63 17.03
C ALA D 233 34.62 -13.86 16.59
N ALA D 234 35.23 -14.63 15.71
CA ALA D 234 34.75 -15.94 15.31
C ALA D 234 35.34 -16.92 16.32
N VAL D 235 34.62 -17.13 17.42
CA VAL D 235 35.04 -18.03 18.49
C VAL D 235 34.96 -19.49 18.01
N ASP D 236 36.06 -20.25 18.15
CA ASP D 236 36.16 -21.60 17.56
C ASP D 236 35.96 -22.74 18.58
N LEU D 237 35.54 -22.39 19.79
CA LEU D 237 35.08 -23.36 20.77
C LEU D 237 34.13 -24.36 20.09
N PRO D 238 34.11 -25.61 20.59
CA PRO D 238 33.22 -26.62 20.04
C PRO D 238 31.73 -26.22 20.16
N ALA D 239 30.91 -26.67 19.22
CA ALA D 239 29.45 -26.44 19.27
C ALA D 239 28.84 -26.76 20.63
N VAL D 240 29.33 -27.84 21.25
CA VAL D 240 28.85 -28.31 22.55
C VAL D 240 30.04 -28.66 23.45
N SER D 241 29.95 -28.38 24.76
CA SER D 241 31.00 -28.80 25.71
C SER D 241 30.81 -30.27 26.09
N GLU D 242 31.80 -30.85 26.78
CA GLU D 242 31.68 -32.24 27.25
C GLU D 242 30.46 -32.35 28.16
N LYS D 243 30.29 -31.35 29.03
CA LYS D 243 29.13 -31.29 29.91
C LYS D 243 27.81 -31.23 29.09
N ASP D 244 27.76 -30.36 28.08
CA ASP D 244 26.57 -30.26 27.20
C ASP D 244 26.17 -31.63 26.64
N ILE D 245 27.15 -32.42 26.19
CA ILE D 245 26.85 -33.74 25.58
C ILE D 245 26.17 -34.64 26.58
N GLN D 246 26.69 -34.65 27.81
CA GLN D 246 26.07 -35.41 28.89
C GLN D 246 24.67 -34.91 29.20
N ASP D 247 24.53 -33.57 29.25
CA ASP D 247 23.25 -32.93 29.56
C ASP D 247 22.21 -33.18 28.48
N LEU D 248 22.65 -33.19 27.22
CA LEU D 248 21.73 -33.42 26.10
C LEU D 248 21.25 -34.87 26.13
N LYS D 249 22.14 -35.81 26.44
CA LYS D 249 21.75 -37.23 26.54
C LYS D 249 20.75 -37.42 27.69
N PHE D 250 21.00 -36.75 28.82
CA PHE D 250 20.04 -36.72 29.93
C PHE D 250 18.67 -36.19 29.51
N GLY D 251 18.66 -35.22 28.61
CA GLY D 251 17.39 -34.64 28.14
C GLY D 251 16.63 -35.68 27.35
N VAL D 252 17.34 -36.44 26.53
CA VAL D 252 16.73 -37.53 25.79
C VAL D 252 16.15 -38.54 26.80
N GLU D 253 16.93 -38.89 27.83
CA GLU D 253 16.53 -39.82 28.91
C GLU D 253 15.22 -39.35 29.53
N GLN D 254 15.22 -38.06 29.88
CA GLN D 254 14.12 -37.43 30.55
C GLN D 254 12.94 -37.01 29.62
N ASP D 255 13.06 -37.27 28.32
CA ASP D 255 11.94 -37.04 27.38
C ASP D 255 11.55 -35.54 27.31
N VAL D 256 12.55 -34.66 27.22
CA VAL D 256 12.29 -33.23 27.12
C VAL D 256 11.73 -32.93 25.70
N ASP D 257 11.05 -31.79 25.59
CA ASP D 257 10.38 -31.39 24.36
C ASP D 257 11.25 -30.58 23.43
N MET D 258 12.22 -29.92 24.01
CA MET D 258 13.05 -29.00 23.27
C MET D 258 14.32 -28.69 24.03
N VAL D 259 15.30 -28.24 23.28
CA VAL D 259 16.58 -27.85 23.79
C VAL D 259 16.79 -26.42 23.34
N PHE D 260 17.17 -25.56 24.28
CA PHE D 260 17.67 -24.24 23.96
C PHE D 260 19.21 -24.34 23.95
N ALA D 261 19.79 -24.37 22.75
CA ALA D 261 21.23 -24.58 22.58
C ALA D 261 22.01 -23.25 22.66
N SER D 262 22.87 -23.13 23.67
CA SER D 262 23.61 -21.89 23.93
C SER D 262 24.72 -21.67 22.93
N PHE D 263 24.91 -20.40 22.60
CA PHE D 263 26.10 -19.88 21.91
C PHE D 263 26.23 -20.38 20.49
N ILE D 264 25.09 -20.43 19.79
CA ILE D 264 25.05 -20.95 18.41
C ILE D 264 25.58 -19.90 17.46
N ARG D 265 26.58 -20.28 16.66
CA ARG D 265 27.32 -19.34 15.83
C ARG D 265 27.17 -19.57 14.32
N LYS D 266 26.74 -20.76 13.95
CA LYS D 266 26.77 -21.22 12.57
C LYS D 266 25.93 -22.48 12.47
N ALA D 267 25.50 -22.80 11.24
CA ALA D 267 24.66 -24.00 10.99
C ALA D 267 25.28 -25.27 11.54
N SER D 268 26.60 -25.38 11.42
CA SER D 268 27.29 -26.60 11.84
C SER D 268 27.17 -26.82 13.35
N ASP D 269 27.06 -25.74 14.13
CA ASP D 269 26.78 -25.85 15.55
C ASP D 269 25.44 -26.55 15.81
N VAL D 270 24.41 -26.18 15.05
CA VAL D 270 23.11 -26.81 15.20
C VAL D 270 23.18 -28.29 14.79
N HIS D 271 23.87 -28.56 13.69
CA HIS D 271 23.99 -29.92 13.19
C HIS D 271 24.65 -30.84 14.24
N GLU D 272 25.65 -30.31 14.97
CA GLU D 272 26.28 -31.11 16.04
C GLU D 272 25.36 -31.39 17.24
N VAL D 273 24.53 -30.41 17.62
CA VAL D 273 23.51 -30.64 18.67
C VAL D 273 22.53 -31.72 18.22
N ARG D 274 22.15 -31.67 16.94
CA ARG D 274 21.20 -32.61 16.34
C ARG D 274 21.79 -34.04 16.38
N LYS D 275 23.07 -34.14 16.06
CA LYS D 275 23.81 -35.41 16.08
C LYS D 275 23.85 -36.01 17.46
N VAL D 276 24.15 -35.20 18.46
CA VAL D 276 24.19 -35.68 19.82
C VAL D 276 22.83 -36.18 20.27
N LEU D 277 21.76 -35.45 19.91
CA LEU D 277 20.40 -35.89 20.28
C LEU D 277 20.08 -37.20 19.56
N GLY D 278 20.62 -37.33 18.35
CA GLY D 278 20.64 -38.61 17.62
C GLY D 278 19.27 -39.10 17.24
N GLU D 279 19.17 -40.40 16.95
CA GLU D 279 17.92 -40.94 16.46
C GLU D 279 16.84 -40.92 17.52
N LYS D 280 17.20 -41.23 18.77
CA LYS D 280 16.22 -41.29 19.86
C LYS D 280 15.67 -39.88 20.15
N GLY D 281 16.49 -38.86 19.92
CA GLY D 281 16.11 -37.46 20.15
C GLY D 281 15.72 -36.70 18.90
N LYS D 282 15.37 -37.40 17.82
CA LYS D 282 15.22 -36.73 16.53
C LYS D 282 13.99 -35.82 16.51
N ASN D 283 13.03 -36.04 17.40
CA ASN D 283 11.78 -35.24 17.45
C ASN D 283 11.81 -34.06 18.45
N ILE D 284 12.92 -33.95 19.19
CA ILE D 284 13.15 -32.87 20.13
C ILE D 284 13.51 -31.61 19.33
N LYS D 285 12.81 -30.52 19.60
CA LYS D 285 13.02 -29.29 18.84
C LYS D 285 14.30 -28.66 19.29
N ILE D 286 15.13 -28.23 18.37
CA ILE D 286 16.32 -27.45 18.71
C ILE D 286 16.08 -25.96 18.41
N ILE D 287 16.21 -25.16 19.46
CA ILE D 287 16.01 -23.71 19.43
C ILE D 287 17.41 -23.13 19.61
N SER D 288 17.95 -22.45 18.61
CA SER D 288 19.29 -21.89 18.73
C SER D 288 19.25 -20.56 19.48
N LYS D 289 20.08 -20.44 20.49
CA LYS D 289 20.28 -19.19 21.19
C LYS D 289 21.32 -18.36 20.46
N ILE D 290 20.86 -17.23 19.96
CA ILE D 290 21.72 -16.28 19.25
C ILE D 290 22.24 -15.27 20.29
N GLU D 291 23.54 -15.27 20.49
CA GLU D 291 24.15 -14.62 21.62
C GLU D 291 25.28 -13.69 21.30
N ASN D 292 25.75 -13.65 20.05
CA ASN D 292 26.89 -12.81 19.68
C ASN D 292 26.88 -12.32 18.23
N HIS D 293 27.89 -11.55 17.81
CA HIS D 293 27.90 -10.97 16.45
C HIS D 293 27.90 -12.04 15.37
N GLU D 294 28.71 -13.07 15.55
CA GLU D 294 28.80 -14.10 14.50
C GLU D 294 27.43 -14.75 14.29
N GLY D 295 26.76 -15.08 15.39
CA GLY D 295 25.43 -15.66 15.35
C GLY D 295 24.44 -14.77 14.62
N VAL D 296 24.48 -13.47 14.90
CA VAL D 296 23.58 -12.53 14.23
C VAL D 296 23.92 -12.45 12.72
N ARG D 297 25.20 -12.45 12.40
CA ARG D 297 25.65 -12.30 11.03
C ARG D 297 25.39 -13.57 10.21
N ARG D 298 25.52 -14.73 10.86
CA ARG D 298 25.26 -16.00 10.18
C ARG D 298 23.83 -16.48 10.47
N PHE D 299 22.94 -15.53 10.79
CA PHE D 299 21.61 -15.86 11.23
C PHE D 299 20.82 -16.69 10.22
N ASP D 300 20.87 -16.34 8.92
CA ASP D 300 20.08 -17.11 7.93
C ASP D 300 20.39 -18.59 7.94
N GLU D 301 21.66 -18.95 7.97
CA GLU D 301 21.99 -20.39 7.91
C GLU D 301 21.66 -21.11 9.19
N ILE D 302 21.74 -20.40 10.30
CA ILE D 302 21.37 -20.96 11.57
C ILE D 302 19.86 -21.27 11.60
N LEU D 303 19.05 -20.30 11.20
CA LEU D 303 17.62 -20.41 11.20
C LEU D 303 17.18 -21.59 10.35
N GLU D 304 17.76 -21.72 9.16
CA GLU D 304 17.37 -22.82 8.27
C GLU D 304 17.63 -24.16 8.96
N ALA D 305 18.74 -24.27 9.70
CA ALA D 305 19.12 -25.55 10.34
C ALA D 305 18.33 -25.86 11.62
N SER D 306 17.70 -24.84 12.20
CA SER D 306 17.03 -24.95 13.51
C SER D 306 15.54 -25.14 13.41
N ASP D 307 14.95 -25.52 14.53
CA ASP D 307 13.52 -25.56 14.63
C ASP D 307 12.95 -24.20 15.04
N GLY D 308 13.79 -23.35 15.62
CA GLY D 308 13.42 -21.98 16.05
C GLY D 308 14.61 -21.28 16.71
N ILE D 309 14.34 -20.08 17.25
CA ILE D 309 15.36 -19.18 17.72
C ILE D 309 14.99 -18.59 19.07
N MET D 310 15.99 -18.38 19.92
CA MET D 310 15.86 -17.52 21.07
C MET D 310 16.69 -16.29 20.85
N VAL D 311 16.08 -15.11 21.01
CA VAL D 311 16.85 -13.90 21.04
C VAL D 311 17.37 -13.82 22.45
N ALA D 312 18.67 -14.13 22.60
CA ALA D 312 19.28 -14.36 23.92
C ALA D 312 19.88 -13.06 24.37
N ARG D 313 18.97 -12.15 24.72
CA ARG D 313 19.31 -10.74 24.88
C ARG D 313 20.30 -10.45 25.99
N GLY D 314 20.26 -11.23 27.08
CA GLY D 314 21.26 -11.09 28.18
C GLY D 314 22.68 -11.11 27.65
N ASP D 315 23.09 -12.25 27.13
CA ASP D 315 24.42 -12.41 26.54
C ASP D 315 24.66 -11.55 25.27
N LEU D 316 23.64 -11.36 24.45
CA LEU D 316 23.79 -10.52 23.27
C LEU D 316 24.16 -9.08 23.62
N GLY D 317 23.52 -8.52 24.66
CA GLY D 317 23.86 -7.20 25.16
C GLY D 317 25.19 -7.08 25.90
N ILE D 318 25.85 -8.19 26.17
CA ILE D 318 27.25 -8.16 26.62
C ILE D 318 28.18 -8.16 25.42
N GLU D 319 27.84 -8.92 24.37
CA GLU D 319 28.69 -9.09 23.19
C GLU D 319 28.60 -7.90 22.25
N ILE D 320 27.41 -7.32 22.12
CA ILE D 320 27.20 -6.16 21.22
C ILE D 320 26.76 -4.93 22.01
N PRO D 321 26.94 -3.73 21.43
CA PRO D 321 26.50 -2.55 22.16
C PRO D 321 25.04 -2.66 22.56
N ALA D 322 24.73 -2.33 23.81
CA ALA D 322 23.40 -2.51 24.35
C ALA D 322 22.38 -1.73 23.53
N GLU D 323 22.78 -0.58 23.00
CA GLU D 323 21.88 0.22 22.16
C GLU D 323 21.50 -0.43 20.84
N LYS D 324 22.14 -1.53 20.48
CA LYS D 324 21.90 -2.19 19.18
C LYS D 324 21.08 -3.44 19.35
N VAL D 325 20.82 -3.83 20.60
CA VAL D 325 20.12 -5.11 20.84
C VAL D 325 18.71 -5.11 20.22
N PHE D 326 18.00 -3.97 20.28
CA PHE D 326 16.64 -3.92 19.74
C PHE D 326 16.64 -4.18 18.21
N LEU D 327 17.70 -3.77 17.52
CA LEU D 327 17.86 -4.04 16.07
C LEU D 327 17.99 -5.53 15.84
N ALA D 328 18.81 -6.19 16.65
CA ALA D 328 19.01 -7.63 16.56
C ALA D 328 17.72 -8.40 16.78
N GLN D 329 16.93 -7.98 17.77
CA GLN D 329 15.66 -8.62 18.12
C GLN D 329 14.64 -8.46 17.04
N LYS D 330 14.49 -7.24 16.54
CA LYS D 330 13.50 -6.98 15.50
C LYS D 330 13.88 -7.70 14.18
N MET D 331 15.16 -7.69 13.78
CA MET D 331 15.65 -8.50 12.65
C MET D 331 15.34 -10.00 12.83
N MET D 332 15.70 -10.57 13.96
CA MET D 332 15.50 -12.01 14.15
C MET D 332 14.04 -12.37 14.24
N ILE D 333 13.22 -11.55 14.90
CA ILE D 333 11.79 -11.85 14.97
C ILE D 333 11.17 -11.76 13.59
N GLY D 334 11.56 -10.74 12.83
CA GLY D 334 11.09 -10.55 11.46
C GLY D 334 11.44 -11.74 10.56
N ARG D 335 12.70 -12.14 10.58
CA ARG D 335 13.12 -13.28 9.74
C ARG D 335 12.47 -14.62 10.16
N CYS D 336 12.23 -14.79 11.47
CA CYS D 336 11.51 -15.98 11.96
C CYS D 336 10.05 -15.96 11.50
N ASN D 337 9.39 -14.80 11.60
CA ASN D 337 8.02 -14.70 11.09
C ASN D 337 7.98 -15.04 9.58
N ARG D 338 8.94 -14.53 8.83
CA ARG D 338 8.99 -14.72 7.38
C ARG D 338 9.19 -16.23 7.11
N ALA D 339 10.00 -16.89 7.93
CA ALA D 339 10.25 -18.33 7.78
C ALA D 339 9.20 -19.27 8.42
N GLY D 340 8.28 -18.75 9.22
CA GLY D 340 7.35 -19.59 9.96
C GLY D 340 7.94 -20.44 11.08
N LYS D 341 9.09 -20.03 11.62
CA LYS D 341 9.71 -20.72 12.74
C LYS D 341 9.55 -19.92 14.03
N PRO D 342 9.29 -20.61 15.14
CA PRO D 342 9.12 -19.98 16.41
C PRO D 342 10.34 -19.17 16.86
N VAL D 343 10.05 -18.03 17.49
CA VAL D 343 11.11 -17.19 18.03
C VAL D 343 10.69 -16.77 19.44
N ILE D 344 11.65 -16.81 20.38
CA ILE D 344 11.44 -16.50 21.77
C ILE D 344 12.19 -15.21 22.11
N CYS D 345 11.54 -14.27 22.79
CA CYS D 345 12.23 -13.15 23.39
C CYS D 345 12.59 -13.43 24.86
N ALA D 346 13.83 -13.18 25.24
CA ALA D 346 14.34 -13.54 26.56
C ALA D 346 15.12 -12.41 27.22
N THR D 347 15.15 -12.48 28.56
CA THR D 347 16.05 -11.76 29.48
C THR D 347 15.52 -10.40 29.95
N GLN D 348 15.34 -10.30 31.27
CA GLN D 348 15.03 -9.03 31.95
C GLN D 348 13.69 -8.37 31.54
N MET D 349 12.73 -9.18 31.09
CA MET D 349 11.52 -8.63 30.52
C MET D 349 10.68 -8.01 31.63
N LEU D 350 10.65 -8.67 32.80
CA LEU D 350 10.00 -8.16 33.99
C LEU D 350 10.94 -8.15 35.22
N GLU D 351 12.19 -7.77 34.99
CA GLU D 351 13.27 -7.94 35.96
C GLU D 351 12.94 -7.38 37.36
N SER D 352 12.40 -6.17 37.41
CA SER D 352 12.14 -5.52 38.71
C SER D 352 11.23 -6.40 39.59
N MET D 353 10.52 -7.34 38.96
CA MET D 353 9.56 -8.15 39.70
C MET D 353 10.22 -9.29 40.49
N ILE D 354 11.53 -9.43 40.37
CA ILE D 354 12.26 -10.34 41.25
C ILE D 354 12.09 -9.87 42.72
N LYS D 355 12.07 -8.55 42.91
CA LYS D 355 11.96 -7.94 44.23
C LYS D 355 10.61 -7.21 44.47
N LYS D 356 9.90 -6.84 43.40
CA LYS D 356 8.63 -6.08 43.49
C LYS D 356 7.42 -6.77 42.85
N PRO D 357 6.22 -6.58 43.42
CA PRO D 357 4.98 -7.20 42.93
C PRO D 357 4.35 -6.54 41.68
N ARG D 358 4.96 -5.45 41.21
CA ARG D 358 4.51 -4.77 39.98
C ARG D 358 5.75 -4.45 39.18
N PRO D 359 5.65 -4.46 37.85
CA PRO D 359 6.81 -4.20 37.02
C PRO D 359 7.02 -2.69 36.77
N THR D 360 8.18 -2.29 36.25
CA THR D 360 8.35 -0.90 35.80
C THR D 360 7.56 -0.66 34.51
N ARG D 361 7.45 0.60 34.13
CA ARG D 361 6.77 0.93 32.87
C ARG D 361 7.59 0.45 31.66
N ALA D 362 8.91 0.44 31.79
CA ALA D 362 9.75 -0.03 30.68
C ALA D 362 9.54 -1.51 30.45
N GLU D 363 9.31 -2.24 31.54
CA GLU D 363 9.07 -3.66 31.53
C GLU D 363 7.75 -4.03 30.87
N GLY D 364 6.67 -3.37 31.26
CA GLY D 364 5.38 -3.53 30.61
C GLY D 364 5.48 -3.30 29.11
N SER D 365 6.16 -2.23 28.75
CA SER D 365 6.40 -1.85 27.36
C SER D 365 7.21 -2.91 26.57
N ASP D 366 8.24 -3.48 27.18
CA ASP D 366 9.08 -4.47 26.55
C ASP D 366 8.30 -5.71 26.22
N VAL D 367 7.50 -6.17 27.15
CA VAL D 367 6.64 -7.34 26.91
C VAL D 367 5.65 -7.11 25.77
N ALA D 368 4.95 -5.99 25.81
CA ALA D 368 3.95 -5.67 24.80
C ALA D 368 4.63 -5.52 23.45
N ASN D 369 5.77 -4.87 23.43
CA ASN D 369 6.53 -4.68 22.18
C ASN D 369 7.14 -5.94 21.58
N ALA D 370 7.51 -6.92 22.42
CA ALA D 370 7.97 -8.20 21.88
C ALA D 370 6.86 -8.91 21.12
N VAL D 371 5.65 -8.87 21.67
CA VAL D 371 4.46 -9.44 21.04
C VAL D 371 4.10 -8.70 19.76
N LEU D 372 4.06 -7.38 19.81
CA LEU D 372 3.80 -6.59 18.62
C LEU D 372 4.90 -6.76 17.55
N ASP D 373 6.14 -7.04 17.96
CA ASP D 373 7.26 -7.34 17.05
C ASP D 373 6.96 -8.63 16.28
N GLY D 374 6.31 -9.56 16.97
CA GLY D 374 5.94 -10.85 16.37
C GLY D 374 6.55 -12.08 17.07
N ALA D 375 7.07 -11.92 18.29
CA ALA D 375 7.59 -13.07 19.08
C ALA D 375 6.54 -14.14 19.34
N ASP D 376 6.86 -15.40 19.04
CA ASP D 376 5.95 -16.51 19.37
C ASP D 376 5.86 -16.75 20.88
N CYS D 377 7.00 -16.67 21.56
CA CYS D 377 7.03 -16.83 23.01
C CYS D 377 7.78 -15.70 23.68
N ILE D 378 7.39 -15.49 24.93
CA ILE D 378 8.11 -14.63 25.85
C ILE D 378 8.59 -15.45 27.05
N MET D 379 9.59 -14.92 27.76
CA MET D 379 10.29 -15.72 28.75
C MET D 379 10.58 -14.97 30.04
N LEU D 380 10.61 -15.75 31.11
CA LEU D 380 10.97 -15.29 32.43
C LEU D 380 12.14 -16.15 32.96
N SER D 381 13.10 -15.50 33.58
CA SER D 381 14.28 -16.19 34.10
C SER D 381 14.27 -16.08 35.63
N GLY D 382 15.05 -15.17 36.20
CA GLY D 382 15.08 -15.01 37.64
C GLY D 382 13.74 -14.64 38.23
N GLU D 383 12.88 -13.95 37.46
CA GLU D 383 11.53 -13.61 37.88
C GLU D 383 10.71 -14.80 38.39
N THR D 384 10.87 -15.96 37.74
CA THR D 384 10.20 -17.18 38.17
C THR D 384 11.17 -18.15 38.87
N ALA D 385 12.45 -18.10 38.55
CA ALA D 385 13.38 -19.09 39.08
C ALA D 385 13.66 -18.80 40.56
N LYS D 386 13.87 -17.54 40.92
CA LYS D 386 14.37 -17.19 42.27
C LYS D 386 13.67 -16.05 42.96
N GLY D 387 12.74 -15.39 42.28
CA GLY D 387 12.23 -14.14 42.79
C GLY D 387 11.16 -14.34 43.82
N ASP D 388 10.75 -13.23 44.40
CA ASP D 388 9.73 -13.20 45.43
C ASP D 388 8.28 -13.17 44.90
N TYR D 389 8.10 -13.01 43.59
CA TYR D 389 6.75 -12.88 43.03
C TYR D 389 6.60 -13.68 41.72
N PRO D 390 6.97 -14.98 41.75
CA PRO D 390 6.94 -15.78 40.52
C PRO D 390 5.56 -15.78 39.85
N LEU D 391 4.50 -15.94 40.65
CA LEU D 391 3.15 -16.04 40.11
C LEU D 391 2.66 -14.72 39.50
N GLU D 392 2.97 -13.63 40.16
CA GLU D 392 2.61 -12.31 39.64
C GLU D 392 3.35 -12.00 38.33
N ALA D 393 4.61 -12.47 38.18
CA ALA D 393 5.37 -12.23 36.95
C ALA D 393 4.70 -12.99 35.79
N VAL D 394 4.35 -14.26 36.02
CA VAL D 394 3.60 -15.02 35.03
C VAL D 394 2.26 -14.38 34.65
N ARG D 395 1.46 -14.01 35.63
CA ARG D 395 0.19 -13.33 35.38
C ARG D 395 0.35 -12.05 34.60
N MET D 396 1.40 -11.28 34.86
CA MET D 396 1.60 -10.01 34.18
C MET D 396 2.01 -10.22 32.71
N GLN D 397 2.83 -11.23 32.43
CA GLN D 397 3.11 -11.55 31.03
C GLN D 397 1.84 -12.00 30.34
N HIS D 398 1.02 -12.78 31.04
CA HIS D 398 -0.27 -13.19 30.49
C HIS D 398 -1.11 -11.97 30.13
N LEU D 399 -1.24 -11.02 31.06
CA LEU D 399 -2.14 -9.89 30.84
C LEU D 399 -1.61 -8.98 29.73
N ILE D 400 -0.31 -8.67 29.76
CA ILE D 400 0.26 -7.83 28.72
C ILE D 400 0.11 -8.48 27.33
N ALA D 401 0.50 -9.75 27.21
CA ALA D 401 0.46 -10.47 25.93
C ALA D 401 -0.90 -10.39 25.29
N ARG D 402 -1.93 -10.65 26.06
CA ARG D 402 -3.31 -10.68 25.55
C ARG D 402 -3.77 -9.32 25.04
N GLU D 403 -3.40 -8.27 25.79
CA GLU D 403 -3.67 -6.89 25.34
C GLU D 403 -2.97 -6.55 24.04
N ALA D 404 -1.69 -6.88 23.98
CA ALA D 404 -0.88 -6.59 22.82
C ALA D 404 -1.33 -7.37 21.57
N GLU D 405 -1.82 -8.60 21.77
CA GLU D 405 -2.30 -9.42 20.66
C GLU D 405 -3.54 -8.79 20.03
N ALA D 406 -4.41 -8.21 20.84
CA ALA D 406 -5.54 -7.45 20.32
C ALA D 406 -5.11 -6.20 19.54
N ALA D 407 -4.00 -5.57 19.95
CA ALA D 407 -3.52 -4.33 19.34
C ALA D 407 -2.71 -4.53 18.07
N ILE D 408 -2.51 -5.78 17.67
CA ILE D 408 -1.81 -6.07 16.43
C ILE D 408 -2.60 -5.50 15.21
N TYR D 409 -1.88 -5.02 14.20
CA TYR D 409 -2.56 -4.52 12.98
C TYR D 409 -2.63 -5.63 11.93
N HIS D 410 -3.57 -6.56 12.14
CA HIS D 410 -3.66 -7.79 11.33
C HIS D 410 -3.83 -7.49 9.83
N LEU D 411 -4.48 -6.38 9.51
CA LEU D 411 -4.78 -6.00 8.11
C LEU D 411 -3.49 -5.91 7.32
N GLN D 412 -2.51 -5.17 7.83
CA GLN D 412 -1.25 -5.04 7.14
C GLN D 412 -0.41 -6.27 7.34
N LEU D 413 -0.37 -6.78 8.56
CA LEU D 413 0.43 -7.97 8.87
C LEU D 413 0.07 -9.15 7.93
N PHE D 414 -1.20 -9.52 7.87
CA PHE D 414 -1.65 -10.61 6.96
C PHE D 414 -1.35 -10.28 5.48
N GLU D 415 -1.59 -9.03 5.05
CA GLU D 415 -1.30 -8.66 3.64
C GLU D 415 0.14 -8.93 3.30
N GLU D 416 1.07 -8.55 4.19
CA GLU D 416 2.49 -8.70 3.92
C GLU D 416 3.01 -10.15 3.99
N LEU D 417 2.52 -10.92 4.96
CA LEU D 417 2.90 -12.34 5.09
C LEU D 417 2.60 -13.13 3.81
N ARG D 418 1.42 -12.90 3.23
CA ARG D 418 0.99 -13.52 1.96
C ARG D 418 1.83 -13.09 0.76
N ARG D 419 2.17 -11.80 0.74
CA ARG D 419 2.97 -11.22 -0.33
C ARG D 419 4.37 -11.79 -0.29
N LEU D 420 4.90 -12.00 0.91
CA LEU D 420 6.25 -12.51 1.03
C LEU D 420 6.34 -14.05 1.01
N ALA D 421 5.19 -14.74 1.01
CA ALA D 421 5.10 -16.22 1.06
C ALA D 421 4.94 -16.85 -0.34
N PRO D 422 5.89 -17.72 -0.73
CA PRO D 422 5.94 -18.27 -2.08
C PRO D 422 4.68 -19.02 -2.51
N ILE D 423 4.34 -18.89 -3.79
CA ILE D 423 3.44 -19.84 -4.43
C ILE D 423 4.18 -21.18 -4.41
N THR D 424 3.56 -22.20 -3.84
CA THR D 424 4.09 -23.56 -3.89
C THR D 424 2.91 -24.44 -4.20
N SER D 425 3.20 -25.67 -4.62
CA SER D 425 2.14 -26.64 -4.87
C SER D 425 1.63 -27.36 -3.59
N ASP D 426 2.17 -27.03 -2.41
CA ASP D 426 1.76 -27.71 -1.17
C ASP D 426 0.31 -27.42 -0.79
N PRO D 427 -0.53 -28.46 -0.70
CA PRO D 427 -1.96 -28.35 -0.32
C PRO D 427 -2.22 -27.90 1.10
N THR D 428 -1.38 -28.36 2.03
CA THR D 428 -1.56 -27.96 3.40
C THR D 428 -1.35 -26.45 3.55
N GLU D 429 -0.34 -25.93 2.87
CA GLU D 429 -0.05 -24.49 2.96
C GLU D 429 -1.21 -23.70 2.36
N ALA D 430 -1.67 -24.14 1.19
CA ALA D 430 -2.81 -23.46 0.55
C ALA D 430 -4.07 -23.49 1.42
N THR D 431 -4.34 -24.66 2.01
CA THR D 431 -5.45 -24.84 2.91
C THR D 431 -5.29 -23.95 4.14
N ALA D 432 -4.06 -23.83 4.65
CA ALA D 432 -3.77 -23.05 5.84
C ALA D 432 -4.02 -21.54 5.62
N VAL D 433 -3.52 -21.03 4.52
CA VAL D 433 -3.74 -19.63 4.14
C VAL D 433 -5.21 -19.36 3.87
N GLY D 434 -5.89 -20.31 3.22
CA GLY D 434 -7.33 -20.20 3.01
C GLY D 434 -8.13 -20.12 4.32
N ALA D 435 -7.75 -20.93 5.30
CA ALA D 435 -8.33 -20.94 6.64
C ALA D 435 -8.19 -19.61 7.38
N VAL D 436 -7.00 -19.01 7.31
CA VAL D 436 -6.76 -17.75 7.99
C VAL D 436 -7.54 -16.65 7.28
N GLU D 437 -7.57 -16.68 5.95
CA GLU D 437 -8.35 -15.69 5.22
C GLU D 437 -9.84 -15.80 5.58
N ALA D 438 -10.37 -17.02 5.52
CA ALA D 438 -11.73 -17.28 5.96
C ALA D 438 -11.96 -16.81 7.40
N SER D 439 -10.99 -17.04 8.30
CA SER D 439 -11.14 -16.62 9.70
C SER D 439 -11.28 -15.11 9.84
N PHE D 440 -10.57 -14.36 9.02
CA PHE D 440 -10.72 -12.92 9.09
C PHE D 440 -12.08 -12.53 8.52
N LYS D 441 -12.49 -13.12 7.39
CA LYS D 441 -13.72 -12.72 6.69
C LYS D 441 -15.01 -12.87 7.56
N CYS D 442 -15.04 -13.86 8.46
CA CYS D 442 -16.18 -14.04 9.35
C CYS D 442 -15.83 -13.78 10.83
N CYS D 443 -14.69 -13.16 11.09
CA CYS D 443 -14.22 -12.93 12.47
C CYS D 443 -14.53 -14.18 13.34
N SER D 444 -13.97 -15.32 12.93
CA SER D 444 -14.28 -16.60 13.56
C SER D 444 -13.81 -16.70 15.01
N GLY D 445 -14.48 -17.52 15.80
CA GLY D 445 -14.08 -17.68 17.21
C GLY D 445 -12.82 -18.52 17.38
N ALA D 446 -12.45 -19.29 16.36
CA ALA D 446 -11.29 -20.17 16.40
C ALA D 446 -11.00 -20.79 15.07
N ILE D 447 -9.74 -21.22 14.87
CA ILE D 447 -9.41 -22.17 13.80
C ILE D 447 -9.05 -23.52 14.44
N ILE D 448 -9.90 -24.52 14.25
CA ILE D 448 -9.67 -25.88 14.77
C ILE D 448 -8.88 -26.67 13.72
N VAL D 449 -7.76 -27.26 14.16
CA VAL D 449 -6.85 -27.99 13.28
C VAL D 449 -6.55 -29.36 13.93
N LEU D 450 -6.85 -30.45 13.22
CA LEU D 450 -6.37 -31.75 13.64
C LEU D 450 -4.97 -31.93 13.12
N THR D 451 -4.10 -32.42 13.99
CA THR D 451 -2.71 -32.59 13.63
C THR D 451 -2.02 -33.71 14.43
N LYS D 452 -1.19 -34.49 13.74
CA LYS D 452 -0.41 -35.55 14.38
C LYS D 452 0.93 -35.01 14.82
N SER D 453 1.63 -34.31 13.92
CA SER D 453 2.99 -33.82 14.12
C SER D 453 3.05 -32.39 14.61
N GLY D 454 1.92 -31.67 14.56
CA GLY D 454 1.89 -30.23 14.81
C GLY D 454 1.89 -29.38 13.55
N ARG D 455 2.39 -29.95 12.45
CA ARG D 455 2.78 -29.19 11.27
C ARG D 455 1.63 -28.41 10.69
N SER D 456 0.45 -29.05 10.58
CA SER D 456 -0.66 -28.37 9.95
C SER D 456 -1.04 -27.12 10.79
N ALA D 457 -1.02 -27.26 12.12
CA ALA D 457 -1.27 -26.10 13.01
C ALA D 457 -0.20 -25.02 12.90
N HIS D 458 1.07 -25.43 12.79
CA HIS D 458 2.16 -24.48 12.61
C HIS D 458 2.01 -23.64 11.34
N GLN D 459 1.49 -24.26 10.29
CA GLN D 459 1.33 -23.58 9.00
C GLN D 459 0.24 -22.52 9.04
N VAL D 460 -0.81 -22.74 9.84
CA VAL D 460 -1.84 -21.71 10.13
C VAL D 460 -1.24 -20.59 10.97
N ALA D 461 -0.46 -20.97 11.99
CA ALA D 461 0.09 -19.99 12.94
C ALA D 461 1.00 -18.96 12.25
N ARG D 462 1.76 -19.39 11.26
CA ARG D 462 2.60 -18.44 10.55
C ARG D 462 1.83 -17.32 9.82
N TYR D 463 0.55 -17.50 9.51
CA TYR D 463 -0.24 -16.43 8.89
C TYR D 463 -0.90 -15.52 9.89
N ARG D 464 -0.62 -15.74 11.19
CA ARG D 464 -1.00 -14.80 12.24
C ARG D 464 -2.48 -14.44 12.32
N PRO D 465 -3.33 -15.46 12.37
CA PRO D 465 -4.74 -15.13 12.57
C PRO D 465 -5.01 -14.47 13.93
N ARG D 466 -6.13 -13.76 14.03
CA ARG D 466 -6.57 -13.19 15.30
CA ARG D 466 -6.59 -13.19 15.29
C ARG D 466 -7.20 -14.30 16.14
N ALA D 467 -7.95 -15.16 15.48
CA ALA D 467 -8.61 -16.30 16.09
C ALA D 467 -7.60 -17.28 16.70
N PRO D 468 -7.88 -17.80 17.91
CA PRO D 468 -7.02 -18.84 18.46
C PRO D 468 -7.09 -20.10 17.62
N ILE D 469 -5.97 -20.81 17.56
CA ILE D 469 -5.82 -22.04 16.78
C ILE D 469 -5.83 -23.16 17.78
N ILE D 470 -6.92 -23.91 17.82
CA ILE D 470 -7.06 -25.05 18.73
C ILE D 470 -6.54 -26.26 17.98
N ALA D 471 -5.34 -26.72 18.32
CA ALA D 471 -4.73 -27.87 17.68
C ALA D 471 -5.05 -29.18 18.45
N VAL D 472 -5.86 -30.03 17.84
CA VAL D 472 -6.31 -31.24 18.50
C VAL D 472 -5.42 -32.35 18.03
N THR D 473 -4.74 -32.99 18.99
CA THR D 473 -3.84 -34.09 18.70
C THR D 473 -3.96 -35.24 19.70
N ARG D 474 -3.57 -36.44 19.27
CA ARG D 474 -3.48 -37.60 20.16
C ARG D 474 -2.02 -37.76 20.65
N ASN D 475 -1.09 -37.02 20.07
CA ASN D 475 0.32 -37.15 20.36
C ASN D 475 0.71 -36.17 21.48
N PRO D 476 1.01 -36.69 22.66
CA PRO D 476 1.33 -35.78 23.79
C PRO D 476 2.51 -34.85 23.57
N GLN D 477 3.55 -35.32 22.89
CA GLN D 477 4.72 -34.48 22.60
C GLN D 477 4.34 -33.33 21.62
N THR D 478 3.65 -33.67 20.53
CA THR D 478 3.06 -32.63 19.68
C THR D 478 2.29 -31.59 20.49
N ALA D 479 1.41 -32.02 21.40
CA ALA D 479 0.67 -31.12 22.29
C ALA D 479 1.55 -30.13 23.07
N ARG D 480 2.61 -30.63 23.67
CA ARG D 480 3.56 -29.81 24.43
C ARG D 480 4.41 -28.89 23.53
N GLN D 481 4.83 -29.40 22.39
CA GLN D 481 5.70 -28.67 21.50
C GLN D 481 4.98 -27.50 20.77
N ALA D 482 3.65 -27.61 20.65
CA ALA D 482 2.77 -26.61 19.99
C ALA D 482 2.85 -25.25 20.66
N HIS D 483 3.24 -25.22 21.95
CA HIS D 483 3.34 -23.99 22.72
C HIS D 483 4.40 -23.03 22.21
N LEU D 484 5.30 -23.52 21.38
CA LEU D 484 6.29 -22.68 20.77
C LEU D 484 5.72 -21.72 19.71
N TYR D 485 4.48 -21.92 19.29
CA TYR D 485 3.96 -21.21 18.14
C TYR D 485 2.84 -20.25 18.50
N ARG D 486 3.00 -18.98 18.13
CA ARG D 486 1.96 -17.98 18.45
C ARG D 486 0.55 -18.46 18.04
N GLY D 487 -0.38 -18.37 18.96
CA GLY D 487 -1.77 -18.64 18.65
C GLY D 487 -2.27 -20.08 18.81
N ILE D 488 -1.38 -21.03 19.04
CA ILE D 488 -1.80 -22.43 19.16
C ILE D 488 -2.13 -22.72 20.61
N PHE D 489 -3.34 -23.26 20.82
CA PHE D 489 -3.80 -23.79 22.11
C PHE D 489 -3.90 -25.28 21.90
N PRO D 490 -2.88 -26.04 22.31
CA PRO D 490 -2.91 -27.48 22.04
C PRO D 490 -3.82 -28.18 23.00
N VAL D 491 -4.65 -29.07 22.48
CA VAL D 491 -5.48 -29.91 23.32
C VAL D 491 -5.16 -31.37 22.97
N LEU D 492 -5.07 -32.19 24.02
CA LEU D 492 -4.64 -33.59 23.89
C LEU D 492 -5.87 -34.47 24.03
N CYS D 493 -6.24 -35.11 22.95
CA CYS D 493 -7.47 -35.87 22.94
C CYS D 493 -7.13 -37.28 23.39
N LYS D 494 -7.87 -37.79 24.37
CA LYS D 494 -7.62 -39.17 24.86
C LYS D 494 -8.77 -40.17 24.58
N ASP D 495 -9.70 -39.80 23.72
CA ASP D 495 -10.84 -40.63 23.42
C ASP D 495 -10.42 -41.80 22.54
N PRO D 496 -11.10 -42.94 22.68
CA PRO D 496 -10.77 -44.06 21.80
C PRO D 496 -10.97 -43.71 20.32
N VAL D 497 -10.16 -44.31 19.47
CA VAL D 497 -10.28 -44.17 18.04
C VAL D 497 -11.60 -44.77 17.61
N GLN D 498 -12.43 -44.01 16.92
CA GLN D 498 -13.71 -44.55 16.45
C GLN D 498 -13.45 -45.46 15.29
N GLU D 499 -14.41 -46.34 15.05
CA GLU D 499 -14.23 -47.44 14.09
C GLU D 499 -14.40 -46.99 12.64
N ALA D 500 -15.24 -45.99 12.40
CA ALA D 500 -15.25 -45.31 11.12
C ALA D 500 -14.31 -44.09 11.24
N TRP D 501 -13.28 -44.03 10.36
CA TRP D 501 -12.30 -42.93 10.40
C TRP D 501 -13.00 -41.57 10.35
N ALA D 502 -13.99 -41.38 9.47
CA ALA D 502 -14.71 -40.06 9.39
C ALA D 502 -15.43 -39.67 10.69
N GLU D 503 -15.90 -40.66 11.42
CA GLU D 503 -16.45 -40.45 12.77
C GLU D 503 -15.37 -40.11 13.79
N ASP D 504 -14.20 -40.70 13.68
CA ASP D 504 -13.09 -40.38 14.57
C ASP D 504 -12.60 -38.95 14.34
N VAL D 505 -12.61 -38.52 13.07
CA VAL D 505 -12.31 -37.12 12.70
C VAL D 505 -13.32 -36.22 13.39
N ASP D 506 -14.60 -36.50 13.19
CA ASP D 506 -15.68 -35.69 13.78
C ASP D 506 -15.64 -35.63 15.33
N LEU D 507 -15.28 -36.73 15.98
CA LEU D 507 -15.17 -36.74 17.46
C LEU D 507 -14.10 -35.73 17.96
N ARG D 508 -13.01 -35.65 17.23
CA ARG D 508 -11.91 -34.75 17.58
C ARG D 508 -12.28 -33.32 17.31
N VAL D 509 -13.02 -33.08 16.22
CA VAL D 509 -13.56 -31.74 15.96
C VAL D 509 -14.47 -31.31 17.12
N ASN D 510 -15.38 -32.19 17.53
CA ASN D 510 -16.31 -31.84 18.61
CA ASN D 510 -16.31 -31.83 18.60
C ASN D 510 -15.63 -31.71 19.98
N PHE D 511 -14.53 -32.45 20.18
CA PHE D 511 -13.71 -32.24 21.39
C PHE D 511 -13.20 -30.79 21.43
N ALA D 512 -12.71 -30.30 20.28
CA ALA D 512 -12.22 -28.93 20.17
C ALA D 512 -13.31 -27.92 20.45
N MET D 513 -14.51 -28.21 19.93
CA MET D 513 -15.67 -27.39 20.26
C MET D 513 -15.90 -27.32 21.77
N ASN D 514 -15.81 -28.46 22.47
CA ASN D 514 -16.08 -28.45 23.90
C ASN D 514 -14.98 -27.70 24.63
N VAL D 515 -13.74 -27.82 24.14
CA VAL D 515 -12.64 -27.07 24.72
C VAL D 515 -12.92 -25.54 24.61
N GLY D 516 -13.19 -25.05 23.41
CA GLY D 516 -13.45 -23.62 23.22
C GLY D 516 -14.62 -23.09 24.04
N LYS D 517 -15.71 -23.87 24.08
CA LYS D 517 -16.88 -23.54 24.89
C LYS D 517 -16.51 -23.50 26.37
N ALA D 518 -15.80 -24.54 26.81
CA ALA D 518 -15.43 -24.65 28.23
C ALA D 518 -14.46 -23.55 28.67
N ARG D 519 -13.60 -23.10 27.77
CA ARG D 519 -12.60 -22.10 28.13
C ARG D 519 -13.03 -20.66 27.76
N GLY D 520 -14.23 -20.54 27.20
CA GLY D 520 -14.82 -19.24 26.92
C GLY D 520 -14.26 -18.55 25.67
N PHE D 521 -13.61 -19.30 24.77
CA PHE D 521 -13.13 -18.75 23.51
C PHE D 521 -14.30 -18.41 22.61
N PHE D 522 -15.36 -19.21 22.69
CA PHE D 522 -16.54 -19.00 21.86
C PHE D 522 -17.74 -19.68 22.45
N LYS D 523 -18.89 -19.51 21.83
CA LYS D 523 -20.14 -20.13 22.31
C LYS D 523 -20.97 -20.68 21.16
N LYS D 524 -21.93 -21.52 21.50
CA LYS D 524 -22.91 -22.04 20.55
C LYS D 524 -23.36 -20.98 19.56
N GLY D 525 -23.23 -21.28 18.28
CA GLY D 525 -23.64 -20.33 17.25
C GLY D 525 -22.53 -19.45 16.74
N ASP D 526 -21.38 -19.43 17.40
CA ASP D 526 -20.23 -18.74 16.79
C ASP D 526 -19.73 -19.55 15.59
N VAL D 527 -19.10 -18.86 14.65
CA VAL D 527 -18.61 -19.55 13.46
C VAL D 527 -17.17 -19.82 13.74
N VAL D 528 -16.78 -21.05 13.48
CA VAL D 528 -15.38 -21.45 13.54
C VAL D 528 -14.95 -22.10 12.24
N ILE D 529 -13.64 -22.04 11.99
CA ILE D 529 -12.98 -22.67 10.84
C ILE D 529 -12.39 -24.02 11.32
N VAL D 530 -12.55 -25.07 10.52
CA VAL D 530 -12.05 -26.41 10.86
C VAL D 530 -11.18 -26.96 9.75
N LEU D 531 -10.00 -27.43 10.11
CA LEU D 531 -9.06 -28.04 9.19
C LEU D 531 -8.82 -29.53 9.46
N THR D 532 -8.99 -30.33 8.41
CA THR D 532 -8.86 -31.76 8.48
C THR D 532 -8.24 -32.26 7.19
N GLY D 533 -8.01 -33.57 7.12
CA GLY D 533 -7.52 -34.15 5.89
C GLY D 533 -8.41 -35.20 5.26
N TRP D 534 -7.94 -35.73 4.14
CA TRP D 534 -8.74 -36.64 3.27
C TRP D 534 -8.37 -38.12 3.53
N ARG D 535 -7.25 -38.36 4.19
CA ARG D 535 -6.89 -39.71 4.62
C ARG D 535 -6.08 -39.60 5.90
N PRO D 536 -5.97 -40.70 6.67
CA PRO D 536 -5.21 -40.65 7.90
C PRO D 536 -3.70 -40.51 7.67
N GLY D 537 -2.98 -40.14 8.73
CA GLY D 537 -1.55 -40.00 8.68
C GLY D 537 -1.18 -38.59 8.28
N SER D 538 0.06 -38.19 8.61
CA SER D 538 0.53 -36.81 8.40
C SER D 538 0.70 -36.46 6.93
N GLY D 539 0.56 -35.17 6.61
CA GLY D 539 0.89 -34.68 5.28
C GLY D 539 -0.32 -34.52 4.37
N PHE D 540 -1.53 -34.67 4.88
CA PHE D 540 -2.70 -34.68 4.01
C PHE D 540 -3.82 -33.70 4.37
N THR D 541 -3.55 -32.75 5.23
CA THR D 541 -4.53 -31.71 5.51
C THR D 541 -4.83 -30.94 4.23
N ASN D 542 -6.10 -30.84 3.91
CA ASN D 542 -6.55 -30.28 2.63
C ASN D 542 -7.99 -29.80 2.64
N THR D 543 -8.64 -29.77 3.80
CA THR D 543 -10.06 -29.53 3.86
C THR D 543 -10.32 -28.44 4.86
N MET D 544 -10.96 -27.38 4.41
CA MET D 544 -11.36 -26.27 5.27
C MET D 544 -12.84 -26.15 5.28
N ARG D 545 -13.43 -26.20 6.46
CA ARG D 545 -14.86 -25.98 6.60
C ARG D 545 -15.18 -24.82 7.54
N VAL D 546 -16.27 -24.11 7.25
CA VAL D 546 -16.72 -23.04 8.08
C VAL D 546 -17.95 -23.61 8.79
N VAL D 547 -17.89 -23.70 10.11
CA VAL D 547 -18.94 -24.41 10.83
C VAL D 547 -19.45 -23.62 12.04
N PRO D 548 -20.76 -23.69 12.30
CA PRO D 548 -21.31 -23.12 13.54
C PRO D 548 -20.91 -23.98 14.75
N VAL D 549 -20.58 -23.33 15.86
CA VAL D 549 -20.31 -24.08 17.10
C VAL D 549 -21.64 -24.71 17.57
N PRO D 550 -21.68 -26.05 17.81
CA PRO D 550 -22.93 -26.72 18.24
C PRO D 550 -23.33 -26.37 19.65
#